data_3KPC
# 
_entry.id   3KPC 
# 
_audit_conform.dict_name       mmcif_pdbx.dic 
_audit_conform.dict_version    5.387 
_audit_conform.dict_location   http://mmcif.pdb.org/dictionaries/ascii/mmcif_pdbx.dic 
# 
loop_
_database_2.database_id 
_database_2.database_code 
_database_2.pdbx_database_accession 
_database_2.pdbx_DOI 
PDB   3KPC         pdb_00003kpc 10.2210/pdb3kpc/pdb 
RCSB  RCSB056278   ?            ?                   
WWPDB D_1000056278 ?            ?                   
# 
loop_
_pdbx_audit_revision_history.ordinal 
_pdbx_audit_revision_history.data_content_type 
_pdbx_audit_revision_history.major_revision 
_pdbx_audit_revision_history.minor_revision 
_pdbx_audit_revision_history.revision_date 
1 'Structure model' 1 0 2010-01-12 
2 'Structure model' 1 1 2011-07-13 
3 'Structure model' 1 2 2024-02-21 
# 
_pdbx_audit_revision_details.ordinal             1 
_pdbx_audit_revision_details.revision_ordinal    1 
_pdbx_audit_revision_details.data_content_type   'Structure model' 
_pdbx_audit_revision_details.provider            repository 
_pdbx_audit_revision_details.type                'Initial release' 
_pdbx_audit_revision_details.description         ? 
_pdbx_audit_revision_details.details             ? 
# 
loop_
_pdbx_audit_revision_group.ordinal 
_pdbx_audit_revision_group.revision_ordinal 
_pdbx_audit_revision_group.data_content_type 
_pdbx_audit_revision_group.group 
1 2 'Structure model' 'Version format compliance' 
2 3 'Structure model' 'Data collection'           
3 3 'Structure model' 'Database references'       
4 3 'Structure model' 'Derived calculations'      
# 
loop_
_pdbx_audit_revision_category.ordinal 
_pdbx_audit_revision_category.revision_ordinal 
_pdbx_audit_revision_category.data_content_type 
_pdbx_audit_revision_category.category 
1 3 'Structure model' chem_comp_atom 
2 3 'Structure model' chem_comp_bond 
3 3 'Structure model' database_2     
4 3 'Structure model' struct_site    
# 
loop_
_pdbx_audit_revision_item.ordinal 
_pdbx_audit_revision_item.revision_ordinal 
_pdbx_audit_revision_item.data_content_type 
_pdbx_audit_revision_item.item 
1 3 'Structure model' '_database_2.pdbx_DOI'                
2 3 'Structure model' '_database_2.pdbx_database_accession' 
3 3 'Structure model' '_struct_site.pdbx_auth_asym_id'      
4 3 'Structure model' '_struct_site.pdbx_auth_comp_id'      
5 3 'Structure model' '_struct_site.pdbx_auth_seq_id'       
# 
_pdbx_database_status.status_code                     REL 
_pdbx_database_status.entry_id                        3KPC 
_pdbx_database_status.recvd_initial_deposition_date   2009-11-16 
_pdbx_database_status.deposit_site                    RCSB 
_pdbx_database_status.process_site                    RCSB 
_pdbx_database_status.status_code_sf                  REL 
_pdbx_database_status.status_code_mr                  ? 
_pdbx_database_status.SG_entry                        ? 
_pdbx_database_status.pdb_format_compatible           Y 
_pdbx_database_status.status_code_cs                  ? 
_pdbx_database_status.status_code_nmr_data            ? 
_pdbx_database_status.methods_development_category    ? 
# 
loop_
_pdbx_database_related.db_name 
_pdbx_database_related.db_id 
_pdbx_database_related.details 
_pdbx_database_related.content_type 
PDB 3KPB . unspecified 
PDB 3KPD . unspecified 
# 
loop_
_audit_author.name 
_audit_author.pdbx_ordinal 
'Lucas, M.'              1  
'Oyenarte, I.'           2  
'Garcia, I.G.'           3  
'Arribas, E.A.'          4  
'Encinar, J.A.'          5  
'Kortazar, D.'           6  
'Fernandez, J.A.'        7  
'Mato, J.M.'             8  
'Martinez-Chantar, M.L.' 9  
'Martinez-Cruz, L.A.'    10 
# 
_citation.id                        primary 
_citation.title                     
;Binding of S-Methyl-5'-Thioadenosine and S-Adenosyl-l-Methionine to Protein MJ0100 Triggers an Open-to-Closed Conformational Change in Its CBS Motif Pair.
;
_citation.journal_abbrev            J.Mol.Biol. 
_citation.journal_volume            396 
_citation.page_first                800 
_citation.page_last                 820 
_citation.year                      2010 
_citation.journal_id_ASTM           JMOBAK 
_citation.country                   UK 
_citation.journal_id_ISSN           0022-2836 
_citation.journal_id_CSD            0070 
_citation.book_publisher            ? 
_citation.pdbx_database_id_PubMed   20026078 
_citation.pdbx_database_id_DOI      10.1016/j.jmb.2009.12.012 
# 
loop_
_citation_author.citation_id 
_citation_author.name 
_citation_author.ordinal 
_citation_author.identifier_ORCID 
primary 'Lucas, M.'              1  ? 
primary 'Encinar, J.A.'          2  ? 
primary 'Arribas, E.A.'          3  ? 
primary 'Oyenarte, I.'           4  ? 
primary 'Garcia, I.G.'           5  ? 
primary 'Kortazar, D.'           6  ? 
primary 'Fernandez, J.A.'        7  ? 
primary 'Mato, J.M.'             8  ? 
primary 'Martinez-Chantar, M.L.' 9  ? 
primary 'Martinez-Cruz, L.A.'    10 ? 
# 
loop_
_entity.id 
_entity.type 
_entity.src_method 
_entity.pdbx_description 
_entity.formula_weight 
_entity.pdbx_number_of_molecules 
_entity.pdbx_ec 
_entity.pdbx_mutation 
_entity.pdbx_fragment 
_entity.details 
1 polymer     man 'Uncharacterized protein MJ0100'  13746.038 1   ? ? 'residues 386-509' ? 
2 non-polymer syn S-ADENOSYLMETHIONINE              398.437   1   ? ? ?                  ? 
3 non-polymer syn "5'-DEOXY-5'-METHYLTHIOADENOSINE" 297.334   1   ? ? ?                  ? 
4 water       nat water                             18.015    172 ? ? ?                  ? 
# 
_entity_poly.entity_id                      1 
_entity_poly.type                           'polypeptide(L)' 
_entity_poly.nstd_linkage                   no 
_entity_poly.nstd_monomer                   no 
_entity_poly.pdbx_seq_one_letter_code       
;PITLVKDILSKPPITAHSNISIMEAAKILIKHNINHLPIVDEHGKLVGIITSWDIAKALAQNKKTIEEIMTRNVITAHED
EPVDHVAIKMSKYNISGVPVVDDYRRVVGIVTSEDISRLFGGKK
;
_entity_poly.pdbx_seq_one_letter_code_can   
;PITLVKDILSKPPITAHSNISIMEAAKILIKHNINHLPIVDEHGKLVGIITSWDIAKALAQNKKTIEEIMTRNVITAHED
EPVDHVAIKMSKYNISGVPVVDDYRRVVGIVTSEDISRLFGGKK
;
_entity_poly.pdbx_strand_id                 A 
_entity_poly.pdbx_target_identifier         ? 
# 
loop_
_pdbx_entity_nonpoly.entity_id 
_pdbx_entity_nonpoly.name 
_pdbx_entity_nonpoly.comp_id 
2 S-ADENOSYLMETHIONINE              SAM 
3 "5'-DEOXY-5'-METHYLTHIOADENOSINE" MTA 
4 water                             HOH 
# 
loop_
_entity_poly_seq.entity_id 
_entity_poly_seq.num 
_entity_poly_seq.mon_id 
_entity_poly_seq.hetero 
1 1   PRO n 
1 2   ILE n 
1 3   THR n 
1 4   LEU n 
1 5   VAL n 
1 6   LYS n 
1 7   ASP n 
1 8   ILE n 
1 9   LEU n 
1 10  SER n 
1 11  LYS n 
1 12  PRO n 
1 13  PRO n 
1 14  ILE n 
1 15  THR n 
1 16  ALA n 
1 17  HIS n 
1 18  SER n 
1 19  ASN n 
1 20  ILE n 
1 21  SER n 
1 22  ILE n 
1 23  MET n 
1 24  GLU n 
1 25  ALA n 
1 26  ALA n 
1 27  LYS n 
1 28  ILE n 
1 29  LEU n 
1 30  ILE n 
1 31  LYS n 
1 32  HIS n 
1 33  ASN n 
1 34  ILE n 
1 35  ASN n 
1 36  HIS n 
1 37  LEU n 
1 38  PRO n 
1 39  ILE n 
1 40  VAL n 
1 41  ASP n 
1 42  GLU n 
1 43  HIS n 
1 44  GLY n 
1 45  LYS n 
1 46  LEU n 
1 47  VAL n 
1 48  GLY n 
1 49  ILE n 
1 50  ILE n 
1 51  THR n 
1 52  SER n 
1 53  TRP n 
1 54  ASP n 
1 55  ILE n 
1 56  ALA n 
1 57  LYS n 
1 58  ALA n 
1 59  LEU n 
1 60  ALA n 
1 61  GLN n 
1 62  ASN n 
1 63  LYS n 
1 64  LYS n 
1 65  THR n 
1 66  ILE n 
1 67  GLU n 
1 68  GLU n 
1 69  ILE n 
1 70  MET n 
1 71  THR n 
1 72  ARG n 
1 73  ASN n 
1 74  VAL n 
1 75  ILE n 
1 76  THR n 
1 77  ALA n 
1 78  HIS n 
1 79  GLU n 
1 80  ASP n 
1 81  GLU n 
1 82  PRO n 
1 83  VAL n 
1 84  ASP n 
1 85  HIS n 
1 86  VAL n 
1 87  ALA n 
1 88  ILE n 
1 89  LYS n 
1 90  MET n 
1 91  SER n 
1 92  LYS n 
1 93  TYR n 
1 94  ASN n 
1 95  ILE n 
1 96  SER n 
1 97  GLY n 
1 98  VAL n 
1 99  PRO n 
1 100 VAL n 
1 101 VAL n 
1 102 ASP n 
1 103 ASP n 
1 104 TYR n 
1 105 ARG n 
1 106 ARG n 
1 107 VAL n 
1 108 VAL n 
1 109 GLY n 
1 110 ILE n 
1 111 VAL n 
1 112 THR n 
1 113 SER n 
1 114 GLU n 
1 115 ASP n 
1 116 ILE n 
1 117 SER n 
1 118 ARG n 
1 119 LEU n 
1 120 PHE n 
1 121 GLY n 
1 122 GLY n 
1 123 LYS n 
1 124 LYS n 
# 
_entity_src_gen.entity_id                          1 
_entity_src_gen.pdbx_src_id                        1 
_entity_src_gen.pdbx_alt_source_flag               sample 
_entity_src_gen.pdbx_seq_type                      ? 
_entity_src_gen.pdbx_beg_seq_num                   ? 
_entity_src_gen.pdbx_end_seq_num                   ? 
_entity_src_gen.gene_src_common_name               'Methanococcus jannaschii' 
_entity_src_gen.gene_src_genus                     ? 
_entity_src_gen.pdbx_gene_src_gene                 MJ0100 
_entity_src_gen.gene_src_species                   ? 
_entity_src_gen.gene_src_strain                    ? 
_entity_src_gen.gene_src_tissue                    ? 
_entity_src_gen.gene_src_tissue_fraction           ? 
_entity_src_gen.gene_src_details                   ? 
_entity_src_gen.pdbx_gene_src_fragment             ? 
_entity_src_gen.pdbx_gene_src_scientific_name      'Methanocaldococcus jannaschii' 
_entity_src_gen.pdbx_gene_src_ncbi_taxonomy_id     2190 
_entity_src_gen.pdbx_gene_src_variant              ? 
_entity_src_gen.pdbx_gene_src_cell_line            ? 
_entity_src_gen.pdbx_gene_src_atcc                 ? 
_entity_src_gen.pdbx_gene_src_organ                ? 
_entity_src_gen.pdbx_gene_src_organelle            ? 
_entity_src_gen.pdbx_gene_src_cell                 ? 
_entity_src_gen.pdbx_gene_src_cellular_location    ? 
_entity_src_gen.host_org_common_name               ? 
_entity_src_gen.pdbx_host_org_scientific_name      'Escherichia coli' 
_entity_src_gen.pdbx_host_org_ncbi_taxonomy_id     562 
_entity_src_gen.host_org_genus                     ? 
_entity_src_gen.pdbx_host_org_gene                 ? 
_entity_src_gen.pdbx_host_org_organ                ? 
_entity_src_gen.host_org_species                   ? 
_entity_src_gen.pdbx_host_org_tissue               ? 
_entity_src_gen.pdbx_host_org_tissue_fraction      ? 
_entity_src_gen.pdbx_host_org_strain               ? 
_entity_src_gen.pdbx_host_org_variant              ? 
_entity_src_gen.pdbx_host_org_cell_line            ? 
_entity_src_gen.pdbx_host_org_atcc                 ? 
_entity_src_gen.pdbx_host_org_culture_collection   ? 
_entity_src_gen.pdbx_host_org_cell                 ? 
_entity_src_gen.pdbx_host_org_organelle            ? 
_entity_src_gen.pdbx_host_org_cellular_location    ? 
_entity_src_gen.pdbx_host_org_vector_type          Plasmid 
_entity_src_gen.pdbx_host_org_vector               ? 
_entity_src_gen.host_org_details                   ? 
_entity_src_gen.expression_system_id               ? 
_entity_src_gen.plasmid_name                       pET101D 
_entity_src_gen.plasmid_details                    ? 
_entity_src_gen.pdbx_description                   ? 
# 
loop_
_chem_comp.id 
_chem_comp.type 
_chem_comp.mon_nstd_flag 
_chem_comp.name 
_chem_comp.pdbx_synonyms 
_chem_comp.formula 
_chem_comp.formula_weight 
ALA 'L-peptide linking' y ALANINE                           ? 'C3 H7 N O2'      89.093  
ARG 'L-peptide linking' y ARGININE                          ? 'C6 H15 N4 O2 1'  175.209 
ASN 'L-peptide linking' y ASPARAGINE                        ? 'C4 H8 N2 O3'     132.118 
ASP 'L-peptide linking' y 'ASPARTIC ACID'                   ? 'C4 H7 N O4'      133.103 
GLN 'L-peptide linking' y GLUTAMINE                         ? 'C5 H10 N2 O3'    146.144 
GLU 'L-peptide linking' y 'GLUTAMIC ACID'                   ? 'C5 H9 N O4'      147.129 
GLY 'peptide linking'   y GLYCINE                           ? 'C2 H5 N O2'      75.067  
HIS 'L-peptide linking' y HISTIDINE                         ? 'C6 H10 N3 O2 1'  156.162 
HOH non-polymer         . WATER                             ? 'H2 O'            18.015  
ILE 'L-peptide linking' y ISOLEUCINE                        ? 'C6 H13 N O2'     131.173 
LEU 'L-peptide linking' y LEUCINE                           ? 'C6 H13 N O2'     131.173 
LYS 'L-peptide linking' y LYSINE                            ? 'C6 H15 N2 O2 1'  147.195 
MET 'L-peptide linking' y METHIONINE                        ? 'C5 H11 N O2 S'   149.211 
MTA non-polymer         . "5'-DEOXY-5'-METHYLTHIOADENOSINE" ? 'C11 H15 N5 O3 S' 297.334 
PHE 'L-peptide linking' y PHENYLALANINE                     ? 'C9 H11 N O2'     165.189 
PRO 'L-peptide linking' y PROLINE                           ? 'C5 H9 N O2'      115.130 
SAM non-polymer         . S-ADENOSYLMETHIONINE              ? 'C15 H22 N6 O5 S' 398.437 
SER 'L-peptide linking' y SERINE                            ? 'C3 H7 N O3'      105.093 
THR 'L-peptide linking' y THREONINE                         ? 'C4 H9 N O3'      119.119 
TRP 'L-peptide linking' y TRYPTOPHAN                        ? 'C11 H12 N2 O2'   204.225 
TYR 'L-peptide linking' y TYROSINE                          ? 'C9 H11 N O3'     181.189 
VAL 'L-peptide linking' y VALINE                            ? 'C5 H11 N O2'     117.146 
# 
loop_
_pdbx_poly_seq_scheme.asym_id 
_pdbx_poly_seq_scheme.entity_id 
_pdbx_poly_seq_scheme.seq_id 
_pdbx_poly_seq_scheme.mon_id 
_pdbx_poly_seq_scheme.ndb_seq_num 
_pdbx_poly_seq_scheme.pdb_seq_num 
_pdbx_poly_seq_scheme.auth_seq_num 
_pdbx_poly_seq_scheme.pdb_mon_id 
_pdbx_poly_seq_scheme.auth_mon_id 
_pdbx_poly_seq_scheme.pdb_strand_id 
_pdbx_poly_seq_scheme.pdb_ins_code 
_pdbx_poly_seq_scheme.hetero 
A 1 1   PRO 1   386 386 PRO PRO A . n 
A 1 2   ILE 2   387 387 ILE ILE A . n 
A 1 3   THR 3   388 388 THR THR A . n 
A 1 4   LEU 4   389 389 LEU LEU A . n 
A 1 5   VAL 5   390 390 VAL VAL A . n 
A 1 6   LYS 6   391 391 LYS LYS A . n 
A 1 7   ASP 7   392 392 ASP ASP A . n 
A 1 8   ILE 8   393 393 ILE ILE A . n 
A 1 9   LEU 9   394 394 LEU LEU A . n 
A 1 10  SER 10  395 395 SER SER A . n 
A 1 11  LYS 11  396 396 LYS LYS A . n 
A 1 12  PRO 12  397 397 PRO PRO A . n 
A 1 13  PRO 13  398 398 PRO PRO A . n 
A 1 14  ILE 14  399 399 ILE ILE A . n 
A 1 15  THR 15  400 400 THR THR A . n 
A 1 16  ALA 16  401 401 ALA ALA A . n 
A 1 17  HIS 17  402 402 HIS HIS A . n 
A 1 18  SER 18  403 403 SER SER A . n 
A 1 19  ASN 19  404 404 ASN ASN A . n 
A 1 20  ILE 20  405 405 ILE ILE A . n 
A 1 21  SER 21  406 406 SER SER A . n 
A 1 22  ILE 22  407 407 ILE ILE A . n 
A 1 23  MET 23  408 408 MET MET A . n 
A 1 24  GLU 24  409 409 GLU GLU A . n 
A 1 25  ALA 25  410 410 ALA ALA A . n 
A 1 26  ALA 26  411 411 ALA ALA A . n 
A 1 27  LYS 27  412 412 LYS LYS A . n 
A 1 28  ILE 28  413 413 ILE ILE A . n 
A 1 29  LEU 29  414 414 LEU LEU A . n 
A 1 30  ILE 30  415 415 ILE ILE A . n 
A 1 31  LYS 31  416 416 LYS LYS A . n 
A 1 32  HIS 32  417 417 HIS HIS A . n 
A 1 33  ASN 33  418 418 ASN ASN A . n 
A 1 34  ILE 34  419 419 ILE ILE A . n 
A 1 35  ASN 35  420 420 ASN ASN A . n 
A 1 36  HIS 36  421 421 HIS HIS A . n 
A 1 37  LEU 37  422 422 LEU LEU A . n 
A 1 38  PRO 38  423 423 PRO PRO A . n 
A 1 39  ILE 39  424 424 ILE ILE A . n 
A 1 40  VAL 40  425 425 VAL VAL A . n 
A 1 41  ASP 41  426 426 ASP ASP A . n 
A 1 42  GLU 42  427 427 GLU GLU A . n 
A 1 43  HIS 43  428 428 HIS HIS A . n 
A 1 44  GLY 44  429 429 GLY GLY A . n 
A 1 45  LYS 45  430 430 LYS LYS A . n 
A 1 46  LEU 46  431 431 LEU LEU A . n 
A 1 47  VAL 47  432 432 VAL VAL A . n 
A 1 48  GLY 48  433 433 GLY GLY A . n 
A 1 49  ILE 49  434 434 ILE ILE A . n 
A 1 50  ILE 50  435 435 ILE ILE A . n 
A 1 51  THR 51  436 436 THR THR A . n 
A 1 52  SER 52  437 437 SER SER A . n 
A 1 53  TRP 53  438 438 TRP TRP A . n 
A 1 54  ASP 54  439 439 ASP ASP A . n 
A 1 55  ILE 55  440 440 ILE ILE A . n 
A 1 56  ALA 56  441 441 ALA ALA A . n 
A 1 57  LYS 57  442 442 LYS LYS A . n 
A 1 58  ALA 58  443 443 ALA ALA A . n 
A 1 59  LEU 59  444 444 LEU LEU A . n 
A 1 60  ALA 60  445 445 ALA ALA A . n 
A 1 61  GLN 61  446 446 GLN GLN A . n 
A 1 62  ASN 62  447 447 ASN ASN A . n 
A 1 63  LYS 63  448 448 LYS LYS A . n 
A 1 64  LYS 64  449 449 LYS LYS A . n 
A 1 65  THR 65  450 450 THR THR A . n 
A 1 66  ILE 66  451 451 ILE ILE A . n 
A 1 67  GLU 67  452 452 GLU GLU A . n 
A 1 68  GLU 68  453 453 GLU GLU A . n 
A 1 69  ILE 69  454 454 ILE ILE A . n 
A 1 70  MET 70  455 455 MET MET A . n 
A 1 71  THR 71  456 456 THR THR A . n 
A 1 72  ARG 72  457 457 ARG ARG A . n 
A 1 73  ASN 73  458 458 ASN ASN A . n 
A 1 74  VAL 74  459 459 VAL VAL A . n 
A 1 75  ILE 75  460 460 ILE ILE A . n 
A 1 76  THR 76  461 461 THR THR A . n 
A 1 77  ALA 77  462 462 ALA ALA A . n 
A 1 78  HIS 78  463 463 HIS HIS A . n 
A 1 79  GLU 79  464 464 GLU GLU A . n 
A 1 80  ASP 80  465 465 ASP ASP A . n 
A 1 81  GLU 81  466 466 GLU GLU A . n 
A 1 82  PRO 82  467 467 PRO PRO A . n 
A 1 83  VAL 83  468 468 VAL VAL A . n 
A 1 84  ASP 84  469 469 ASP ASP A . n 
A 1 85  HIS 85  470 470 HIS HIS A . n 
A 1 86  VAL 86  471 471 VAL VAL A . n 
A 1 87  ALA 87  472 472 ALA ALA A . n 
A 1 88  ILE 88  473 473 ILE ILE A . n 
A 1 89  LYS 89  474 474 LYS LYS A . n 
A 1 90  MET 90  475 475 MET MET A . n 
A 1 91  SER 91  476 476 SER SER A . n 
A 1 92  LYS 92  477 477 LYS LYS A . n 
A 1 93  TYR 93  478 478 TYR TYR A . n 
A 1 94  ASN 94  479 479 ASN ASN A . n 
A 1 95  ILE 95  480 480 ILE ILE A . n 
A 1 96  SER 96  481 481 SER SER A . n 
A 1 97  GLY 97  482 482 GLY GLY A . n 
A 1 98  VAL 98  483 483 VAL VAL A . n 
A 1 99  PRO 99  484 484 PRO PRO A . n 
A 1 100 VAL 100 485 485 VAL VAL A . n 
A 1 101 VAL 101 486 486 VAL VAL A . n 
A 1 102 ASP 102 487 487 ASP ASP A . n 
A 1 103 ASP 103 488 488 ASP ASP A . n 
A 1 104 TYR 104 489 489 TYR TYR A . n 
A 1 105 ARG 105 490 490 ARG ARG A . n 
A 1 106 ARG 106 491 491 ARG ARG A . n 
A 1 107 VAL 107 492 492 VAL VAL A . n 
A 1 108 VAL 108 493 493 VAL VAL A . n 
A 1 109 GLY 109 494 494 GLY GLY A . n 
A 1 110 ILE 110 495 495 ILE ILE A . n 
A 1 111 VAL 111 496 496 VAL VAL A . n 
A 1 112 THR 112 497 497 THR THR A . n 
A 1 113 SER 113 498 498 SER SER A . n 
A 1 114 GLU 114 499 499 GLU GLU A . n 
A 1 115 ASP 115 500 500 ASP ASP A . n 
A 1 116 ILE 116 501 501 ILE ILE A . n 
A 1 117 SER 117 502 502 SER SER A . n 
A 1 118 ARG 118 503 503 ARG ARG A . n 
A 1 119 LEU 119 504 504 LEU LEU A . n 
A 1 120 PHE 120 505 505 PHE PHE A . n 
A 1 121 GLY 121 506 506 GLY GLY A . n 
A 1 122 GLY 122 507 507 GLY GLY A . n 
A 1 123 LYS 123 508 508 LYS LYS A . n 
A 1 124 LYS 124 509 509 LYS LYS A . n 
# 
loop_
_pdbx_nonpoly_scheme.asym_id 
_pdbx_nonpoly_scheme.entity_id 
_pdbx_nonpoly_scheme.mon_id 
_pdbx_nonpoly_scheme.ndb_seq_num 
_pdbx_nonpoly_scheme.pdb_seq_num 
_pdbx_nonpoly_scheme.auth_seq_num 
_pdbx_nonpoly_scheme.pdb_mon_id 
_pdbx_nonpoly_scheme.auth_mon_id 
_pdbx_nonpoly_scheme.pdb_strand_id 
_pdbx_nonpoly_scheme.pdb_ins_code 
B 2 SAM 1   1000 1000 SAM SAM A . 
C 3 MTA 1   3615 3615 MTA MTA A . 
D 4 HOH 1   1    1    HOH HOH A . 
D 4 HOH 2   2    2    HOH HOH A . 
D 4 HOH 3   3    3    HOH HOH A . 
D 4 HOH 4   4    4    HOH HOH A . 
D 4 HOH 5   5    5    HOH HOH A . 
D 4 HOH 6   7    7    HOH HOH A . 
D 4 HOH 7   8    8    HOH HOH A . 
D 4 HOH 8   9    9    HOH HOH A . 
D 4 HOH 9   10   10   HOH HOH A . 
D 4 HOH 10  11   11   HOH HOH A . 
D 4 HOH 11  12   12   HOH HOH A . 
D 4 HOH 12  13   13   HOH HOH A . 
D 4 HOH 13  14   14   HOH HOH A . 
D 4 HOH 14  15   15   HOH HOH A . 
D 4 HOH 15  16   16   HOH HOH A . 
D 4 HOH 16  19   19   HOH HOH A . 
D 4 HOH 17  20   20   HOH HOH A . 
D 4 HOH 18  21   21   HOH HOH A . 
D 4 HOH 19  22   22   HOH HOH A . 
D 4 HOH 20  23   23   HOH HOH A . 
D 4 HOH 21  24   24   HOH HOH A . 
D 4 HOH 22  25   25   HOH HOH A . 
D 4 HOH 23  26   26   HOH HOH A . 
D 4 HOH 24  27   27   HOH HOH A . 
D 4 HOH 25  28   28   HOH HOH A . 
D 4 HOH 26  29   29   HOH HOH A . 
D 4 HOH 27  30   30   HOH HOH A . 
D 4 HOH 28  31   31   HOH HOH A . 
D 4 HOH 29  32   32   HOH HOH A . 
D 4 HOH 30  33   33   HOH HOH A . 
D 4 HOH 31  34   34   HOH HOH A . 
D 4 HOH 32  36   36   HOH HOH A . 
D 4 HOH 33  37   37   HOH HOH A . 
D 4 HOH 34  39   39   HOH HOH A . 
D 4 HOH 35  40   40   HOH HOH A . 
D 4 HOH 36  41   41   HOH HOH A . 
D 4 HOH 37  42   42   HOH HOH A . 
D 4 HOH 38  43   43   HOH HOH A . 
D 4 HOH 39  45   45   HOH HOH A . 
D 4 HOH 40  47   47   HOH HOH A . 
D 4 HOH 41  48   48   HOH HOH A . 
D 4 HOH 42  49   49   HOH HOH A . 
D 4 HOH 43  50   50   HOH HOH A . 
D 4 HOH 44  51   51   HOH HOH A . 
D 4 HOH 45  52   52   HOH HOH A . 
D 4 HOH 46  53   53   HOH HOH A . 
D 4 HOH 47  54   54   HOH HOH A . 
D 4 HOH 48  55   55   HOH HOH A . 
D 4 HOH 49  56   56   HOH HOH A . 
D 4 HOH 50  57   57   HOH HOH A . 
D 4 HOH 51  58   58   HOH HOH A . 
D 4 HOH 52  59   59   HOH HOH A . 
D 4 HOH 53  60   60   HOH HOH A . 
D 4 HOH 54  61   61   HOH HOH A . 
D 4 HOH 55  64   64   HOH HOH A . 
D 4 HOH 56  65   65   HOH HOH A . 
D 4 HOH 57  68   68   HOH HOH A . 
D 4 HOH 58  69   69   HOH HOH A . 
D 4 HOH 59  70   70   HOH HOH A . 
D 4 HOH 60  71   71   HOH HOH A . 
D 4 HOH 61  72   72   HOH HOH A . 
D 4 HOH 62  76   76   HOH HOH A . 
D 4 HOH 63  78   78   HOH HOH A . 
D 4 HOH 64  82   82   HOH HOH A . 
D 4 HOH 65  84   84   HOH HOH A . 
D 4 HOH 66  85   85   HOH HOH A . 
D 4 HOH 67  86   86   HOH HOH A . 
D 4 HOH 68  88   88   HOH HOH A . 
D 4 HOH 69  90   90   HOH HOH A . 
D 4 HOH 70  91   91   HOH HOH A . 
D 4 HOH 71  92   92   HOH HOH A . 
D 4 HOH 72  93   93   HOH HOH A . 
D 4 HOH 73  94   94   HOH HOH A . 
D 4 HOH 74  95   95   HOH HOH A . 
D 4 HOH 75  96   96   HOH HOH A . 
D 4 HOH 76  99   99   HOH HOH A . 
D 4 HOH 77  102  102  HOH HOH A . 
D 4 HOH 78  103  103  HOH HOH A . 
D 4 HOH 79  104  104  HOH HOH A . 
D 4 HOH 80  105  105  HOH HOH A . 
D 4 HOH 81  110  110  HOH HOH A . 
D 4 HOH 82  114  114  HOH HOH A . 
D 4 HOH 83  115  115  HOH HOH A . 
D 4 HOH 84  116  116  HOH HOH A . 
D 4 HOH 85  118  118  HOH HOH A . 
D 4 HOH 86  123  123  HOH HOH A . 
D 4 HOH 87  127  127  HOH HOH A . 
D 4 HOH 88  129  129  HOH HOH A . 
D 4 HOH 89  131  131  HOH HOH A . 
D 4 HOH 90  132  132  HOH HOH A . 
D 4 HOH 91  138  138  HOH HOH A . 
D 4 HOH 92  139  139  HOH HOH A . 
D 4 HOH 93  141  141  HOH HOH A . 
D 4 HOH 94  143  143  HOH HOH A . 
D 4 HOH 95  144  144  HOH HOH A . 
D 4 HOH 96  145  145  HOH HOH A . 
D 4 HOH 97  146  146  HOH HOH A . 
D 4 HOH 98  147  147  HOH HOH A . 
D 4 HOH 99  148  148  HOH HOH A . 
D 4 HOH 100 150  150  HOH HOH A . 
D 4 HOH 101 151  151  HOH HOH A . 
D 4 HOH 102 152  152  HOH HOH A . 
D 4 HOH 103 154  154  HOH HOH A . 
D 4 HOH 104 155  155  HOH HOH A . 
D 4 HOH 105 156  156  HOH HOH A . 
D 4 HOH 106 157  157  HOH HOH A . 
D 4 HOH 107 158  158  HOH HOH A . 
D 4 HOH 108 159  159  HOH HOH A . 
D 4 HOH 109 160  160  HOH HOH A . 
D 4 HOH 110 161  161  HOH HOH A . 
D 4 HOH 111 162  162  HOH HOH A . 
D 4 HOH 112 163  163  HOH HOH A . 
D 4 HOH 113 164  164  HOH HOH A . 
D 4 HOH 114 165  165  HOH HOH A . 
D 4 HOH 115 166  166  HOH HOH A . 
D 4 HOH 116 167  167  HOH HOH A . 
D 4 HOH 117 168  168  HOH HOH A . 
D 4 HOH 118 169  169  HOH HOH A . 
D 4 HOH 119 170  170  HOH HOH A . 
D 4 HOH 120 171  171  HOH HOH A . 
D 4 HOH 121 172  172  HOH HOH A . 
D 4 HOH 122 173  173  HOH HOH A . 
D 4 HOH 123 174  174  HOH HOH A . 
D 4 HOH 124 175  175  HOH HOH A . 
D 4 HOH 125 176  176  HOH HOH A . 
D 4 HOH 126 177  177  HOH HOH A . 
D 4 HOH 127 178  178  HOH HOH A . 
D 4 HOH 128 179  179  HOH HOH A . 
D 4 HOH 129 180  180  HOH HOH A . 
D 4 HOH 130 181  181  HOH HOH A . 
D 4 HOH 131 183  183  HOH HOH A . 
D 4 HOH 132 184  184  HOH HOH A . 
D 4 HOH 133 185  185  HOH HOH A . 
D 4 HOH 134 186  186  HOH HOH A . 
D 4 HOH 135 187  187  HOH HOH A . 
D 4 HOH 136 188  188  HOH HOH A . 
D 4 HOH 137 189  189  HOH HOH A . 
D 4 HOH 138 190  190  HOH HOH A . 
D 4 HOH 139 191  191  HOH HOH A . 
D 4 HOH 140 192  192  HOH HOH A . 
D 4 HOH 141 193  193  HOH HOH A . 
D 4 HOH 142 194  194  HOH HOH A . 
D 4 HOH 143 195  195  HOH HOH A . 
D 4 HOH 144 196  196  HOH HOH A . 
D 4 HOH 145 197  197  HOH HOH A . 
D 4 HOH 146 198  198  HOH HOH A . 
D 4 HOH 147 199  199  HOH HOH A . 
D 4 HOH 148 200  200  HOH HOH A . 
D 4 HOH 149 201  201  HOH HOH A . 
D 4 HOH 150 202  202  HOH HOH A . 
D 4 HOH 151 203  203  HOH HOH A . 
D 4 HOH 152 204  204  HOH HOH A . 
D 4 HOH 153 205  205  HOH HOH A . 
D 4 HOH 154 206  206  HOH HOH A . 
D 4 HOH 155 207  207  HOH HOH A . 
D 4 HOH 156 208  208  HOH HOH A . 
D 4 HOH 157 209  209  HOH HOH A . 
D 4 HOH 158 210  210  HOH HOH A . 
D 4 HOH 159 211  211  HOH HOH A . 
D 4 HOH 160 212  212  HOH HOH A . 
D 4 HOH 161 213  213  HOH HOH A . 
D 4 HOH 162 214  214  HOH HOH A . 
D 4 HOH 163 215  215  HOH HOH A . 
D 4 HOH 164 216  216  HOH HOH A . 
D 4 HOH 165 217  217  HOH HOH A . 
D 4 HOH 166 218  218  HOH HOH A . 
D 4 HOH 167 219  219  HOH HOH A . 
D 4 HOH 168 220  220  HOH HOH A . 
D 4 HOH 169 221  221  HOH HOH A . 
D 4 HOH 170 222  222  HOH HOH A . 
D 4 HOH 171 223  223  HOH HOH A . 
D 4 HOH 172 224  224  HOH HOH A . 
# 
_software.name             REFMAC 
_software.classification   refinement 
_software.version          5.5.0072 
_software.citation_id      ? 
_software.pdbx_ordinal     1 
# 
_cell.entry_id           3KPC 
_cell.length_a           50.964 
_cell.length_b           71.483 
_cell.length_c           86.366 
_cell.angle_alpha        90.00 
_cell.angle_beta         90.00 
_cell.angle_gamma        90.00 
_cell.Z_PDB              8 
_cell.pdbx_unique_axis   ? 
_cell.length_a_esd       ? 
_cell.length_b_esd       ? 
_cell.length_c_esd       ? 
_cell.angle_alpha_esd    ? 
_cell.angle_beta_esd     ? 
_cell.angle_gamma_esd    ? 
# 
_symmetry.entry_id                         3KPC 
_symmetry.space_group_name_H-M             'C 2 2 2' 
_symmetry.pdbx_full_space_group_name_H-M   ? 
_symmetry.cell_setting                     ? 
_symmetry.Int_Tables_number                21 
_symmetry.space_group_name_Hall            ? 
# 
_exptl.entry_id          3KPC 
_exptl.method            'X-RAY DIFFRACTION' 
_exptl.crystals_number   ? 
# 
_exptl_crystal.id                    1 
_exptl_crystal.density_meas          ? 
_exptl_crystal.density_Matthews      2.86 
_exptl_crystal.density_percent_sol   57.01 
_exptl_crystal.description           ? 
_exptl_crystal.F_000                 ? 
_exptl_crystal.preparation           ? 
# 
_exptl_crystal_grow.crystal_id      1 
_exptl_crystal_grow.method          'VAPOR DIFFUSION, HANGING DROP' 
_exptl_crystal_grow.temp            291 
_exptl_crystal_grow.temp_details    ? 
_exptl_crystal_grow.pH              8.6 
_exptl_crystal_grow.pdbx_pH_range   ? 
_exptl_crystal_grow.pdbx_details    '10% PEG 6000, 0.1 M TRIS pH 8.6, VAPOR DIFFUSION, HANGING DROP, temperature 291K' 
# 
_diffrn.id                     1 
_diffrn.ambient_temp           ? 
_diffrn.ambient_temp_details   ? 
_diffrn.crystal_id             1 
# 
_diffrn_detector.diffrn_id              1 
_diffrn_detector.detector               ? 
_diffrn_detector.type                   ? 
_diffrn_detector.pdbx_collection_date   2009-09-19 
_diffrn_detector.details                ? 
# 
_diffrn_radiation.diffrn_id                        1 
_diffrn_radiation.wavelength_id                    1 
_diffrn_radiation.pdbx_monochromatic_or_laue_m_l   M 
_diffrn_radiation.monochromator                    ? 
_diffrn_radiation.pdbx_diffrn_protocol             'SINGLE WAVELENGTH' 
_diffrn_radiation.pdbx_scattering_type             x-ray 
# 
_diffrn_radiation_wavelength.id           1 
_diffrn_radiation_wavelength.wavelength   0.8726 
_diffrn_radiation_wavelength.wt           1.0 
# 
_diffrn_source.diffrn_id                   1 
_diffrn_source.source                      SYNCHROTRON 
_diffrn_source.type                        'ESRF BEAMLINE ID23-2' 
_diffrn_source.pdbx_synchrotron_site       ESRF 
_diffrn_source.pdbx_synchrotron_beamline   ID23-2 
_diffrn_source.pdbx_wavelength             0.8726 
_diffrn_source.pdbx_wavelength_list        ? 
# 
_reflns.entry_id                     3KPC 
_reflns.observed_criterion_sigma_I   ? 
_reflns.observed_criterion_sigma_F   ? 
_reflns.d_resolution_low             86.390 
_reflns.d_resolution_high            1.790 
_reflns.number_obs                   14353 
_reflns.number_all                   ? 
_reflns.percent_possible_obs         ? 
_reflns.pdbx_Rmerge_I_obs            ? 
_reflns.pdbx_Rsym_value              ? 
_reflns.pdbx_netI_over_sigmaI        ? 
_reflns.B_iso_Wilson_estimate        ? 
_reflns.pdbx_redundancy              ? 
_reflns.R_free_details               ? 
_reflns.limit_h_max                  ? 
_reflns.limit_h_min                  ? 
_reflns.limit_k_max                  ? 
_reflns.limit_k_min                  ? 
_reflns.limit_l_max                  ? 
_reflns.limit_l_min                  ? 
_reflns.observed_criterion_F_max     ? 
_reflns.observed_criterion_F_min     ? 
_reflns.pdbx_chi_squared             ? 
_reflns.pdbx_scaling_rejects         ? 
_reflns.pdbx_diffrn_id               1 
_reflns.pdbx_ordinal                 1 
# 
_refine.pdbx_refine_id                           'X-RAY DIFFRACTION' 
_refine.entry_id                                 3KPC 
_refine.ls_number_reflns_obs                     14353 
_refine.ls_number_reflns_all                     15273 
_refine.pdbx_ls_sigma_I                          ? 
_refine.pdbx_ls_sigma_F                          ? 
_refine.pdbx_data_cutoff_high_absF               ? 
_refine.pdbx_data_cutoff_low_absF                ? 
_refine.pdbx_data_cutoff_high_rms_absF           ? 
_refine.ls_d_res_low                             86.39 
_refine.ls_d_res_high                            1.79 
_refine.ls_percent_reflns_obs                    98.9 
_refine.ls_R_factor_obs                          0.217 
_refine.ls_R_factor_all                          ? 
_refine.ls_R_factor_R_work                       0.216 
_refine.ls_R_factor_R_free                       0.230 
_refine.ls_R_factor_R_free_error                 ? 
_refine.ls_R_factor_R_free_error_details         ? 
_refine.ls_percent_reflns_R_free                 5.000 
_refine.ls_number_reflns_R_free                  754 
_refine.ls_number_parameters                     ? 
_refine.ls_number_restraints                     ? 
_refine.occupancy_min                            ? 
_refine.occupancy_max                            ? 
_refine.correlation_coeff_Fo_to_Fc               0.941 
_refine.correlation_coeff_Fo_to_Fc_free          0.933 
_refine.B_iso_mean                               22.99 
_refine.aniso_B[1][1]                            0.73000 
_refine.aniso_B[2][2]                            0.81000 
_refine.aniso_B[3][3]                            -1.54000 
_refine.aniso_B[1][2]                            0.00000 
_refine.aniso_B[1][3]                            0.00000 
_refine.aniso_B[2][3]                            0.00000 
_refine.solvent_model_details                    MASK 
_refine.solvent_model_param_ksol                 ? 
_refine.solvent_model_param_bsol                 ? 
_refine.pdbx_solvent_vdw_probe_radii             1.40 
_refine.pdbx_solvent_ion_probe_radii             0.80 
_refine.pdbx_solvent_shrinkage_radii             0.80 
_refine.pdbx_ls_cross_valid_method               THROUGHOUT 
_refine.details                                  'HYDROGENS HAVE BEEN ADDED IN THE RIDING POSITIONS' 
_refine.pdbx_starting_model                      ? 
_refine.pdbx_method_to_determine_struct          'MOLECULAR REPLACEMENT' 
_refine.pdbx_isotropic_thermal_model             ? 
_refine.pdbx_stereochemistry_target_values       'MAXIMUM LIKELIHOOD' 
_refine.pdbx_stereochem_target_val_spec_case     ? 
_refine.pdbx_R_Free_selection_details            RANDOM 
_refine.pdbx_overall_ESU_R                       0.139 
_refine.pdbx_overall_ESU_R_Free                  0.121 
_refine.overall_SU_ML                            0.071 
_refine.pdbx_overall_phase_error                 ? 
_refine.overall_SU_B                             2.207 
_refine.ls_redundancy_reflns_obs                 ? 
_refine.B_iso_min                                ? 
_refine.B_iso_max                                ? 
_refine.overall_SU_R_Cruickshank_DPI             ? 
_refine.overall_SU_R_free                        ? 
_refine.ls_wR_factor_R_free                      ? 
_refine.ls_wR_factor_R_work                      ? 
_refine.overall_FOM_free_R_set                   ? 
_refine.overall_FOM_work_R_set                   ? 
_refine.pdbx_diffrn_id                           1 
_refine.pdbx_TLS_residual_ADP_flag               ? 
_refine.pdbx_overall_SU_R_free_Cruickshank_DPI   ? 
_refine.pdbx_overall_SU_R_Blow_DPI               ? 
_refine.pdbx_overall_SU_R_free_Blow_DPI          ? 
# 
_refine_hist.pdbx_refine_id                   'X-RAY DIFFRACTION' 
_refine_hist.cycle_id                         LAST 
_refine_hist.pdbx_number_atoms_protein        973 
_refine_hist.pdbx_number_atoms_nucleic_acid   0 
_refine_hist.pdbx_number_atoms_ligand         47 
_refine_hist.number_atoms_solvent             172 
_refine_hist.number_atoms_total               1192 
_refine_hist.d_res_high                       1.79 
_refine_hist.d_res_low                        86.39 
# 
loop_
_refine_ls_restr.type 
_refine_ls_restr.dev_ideal 
_refine_ls_restr.dev_ideal_target 
_refine_ls_restr.weight 
_refine_ls_restr.number 
_refine_ls_restr.pdbx_refine_id 
_refine_ls_restr.pdbx_restraint_function 
r_bond_refined_d             0.009  0.022  ? 1042 'X-RAY DIFFRACTION' ? 
r_bond_other_d               ?      ?      ? ?    'X-RAY DIFFRACTION' ? 
r_angle_refined_deg          1.159  2.020  ? 1420 'X-RAY DIFFRACTION' ? 
r_angle_other_deg            ?      ?      ? ?    'X-RAY DIFFRACTION' ? 
r_dihedral_angle_1_deg       5.179  5.000  ? 127  'X-RAY DIFFRACTION' ? 
r_dihedral_angle_2_deg       34.533 25.135 ? 37   'X-RAY DIFFRACTION' ? 
r_dihedral_angle_3_deg       12.696 15.000 ? 190  'X-RAY DIFFRACTION' ? 
r_dihedral_angle_4_deg       11.951 15.000 ? 4    'X-RAY DIFFRACTION' ? 
r_chiral_restr               0.076  0.200  ? 175  'X-RAY DIFFRACTION' ? 
r_gen_planes_refined         0.004  0.021  ? 731  'X-RAY DIFFRACTION' ? 
r_gen_planes_other           ?      ?      ? ?    'X-RAY DIFFRACTION' ? 
r_nbd_refined                ?      ?      ? ?    'X-RAY DIFFRACTION' ? 
r_nbd_other                  ?      ?      ? ?    'X-RAY DIFFRACTION' ? 
r_nbtor_refined              ?      ?      ? ?    'X-RAY DIFFRACTION' ? 
r_nbtor_other                ?      ?      ? ?    'X-RAY DIFFRACTION' ? 
r_xyhbond_nbd_refined        ?      ?      ? ?    'X-RAY DIFFRACTION' ? 
r_xyhbond_nbd_other          ?      ?      ? ?    'X-RAY DIFFRACTION' ? 
r_metal_ion_refined          ?      ?      ? ?    'X-RAY DIFFRACTION' ? 
r_metal_ion_other            ?      ?      ? ?    'X-RAY DIFFRACTION' ? 
r_symmetry_vdw_refined       ?      ?      ? ?    'X-RAY DIFFRACTION' ? 
r_symmetry_vdw_other         ?      ?      ? ?    'X-RAY DIFFRACTION' ? 
r_symmetry_hbond_refined     ?      ?      ? ?    'X-RAY DIFFRACTION' ? 
r_symmetry_hbond_other       ?      ?      ? ?    'X-RAY DIFFRACTION' ? 
r_symmetry_metal_ion_refined ?      ?      ? ?    'X-RAY DIFFRACTION' ? 
r_symmetry_metal_ion_other   ?      ?      ? ?    'X-RAY DIFFRACTION' ? 
r_mcbond_it                  0.629  1.500  ? 631  'X-RAY DIFFRACTION' ? 
r_mcbond_other               ?      ?      ? ?    'X-RAY DIFFRACTION' ? 
r_mcangle_it                 1.125  2.000  ? 1039 'X-RAY DIFFRACTION' ? 
r_scbond_it                  0.856  3.000  ? 411  'X-RAY DIFFRACTION' ? 
r_scangle_it                 1.624  4.500  ? 379  'X-RAY DIFFRACTION' ? 
r_rigid_bond_restr           ?      ?      ? ?    'X-RAY DIFFRACTION' ? 
r_sphericity_free            ?      ?      ? ?    'X-RAY DIFFRACTION' ? 
r_sphericity_bonded          ?      ?      ? ?    'X-RAY DIFFRACTION' ? 
# 
_refine_ls_shell.pdbx_refine_id                   'X-RAY DIFFRACTION' 
_refine_ls_shell.pdbx_total_number_of_bins_used   20 
_refine_ls_shell.d_res_high                       1.79 
_refine_ls_shell.d_res_low                        1.84 
_refine_ls_shell.number_reflns_R_work             984 
_refine_ls_shell.R_factor_R_work                  0.2820 
_refine_ls_shell.percent_reflns_obs               90.33 
_refine_ls_shell.R_factor_R_free                  0.3520 
_refine_ls_shell.R_factor_R_free_error            ? 
_refine_ls_shell.percent_reflns_R_free            ? 
_refine_ls_shell.number_reflns_R_free             43 
_refine_ls_shell.number_reflns_all                ? 
_refine_ls_shell.R_factor_all                     ? 
_refine_ls_shell.redundancy_reflns_obs            ? 
_refine_ls_shell.number_reflns_obs                ? 
# 
_struct.entry_id                  3KPC 
_struct.title                     
'Crystal Structure of the CBS domain pair of protein MJ0100 in complex with 5 -methylthioadenosine and S-adenosyl-L-methionine' 
_struct.pdbx_model_details        ? 
_struct.pdbx_CASP_flag            ? 
_struct.pdbx_model_type_details   ? 
# 
_struct_keywords.entry_id        3KPC 
_struct_keywords.pdbx_keywords   'UNKNOWN FUNCTION' 
_struct_keywords.text            'CBS domain; s-adenosylmethionine; conformational change, CBS domain, UNKNOWN FUNCTION' 
# 
loop_
_struct_asym.id 
_struct_asym.pdbx_blank_PDB_chainid_flag 
_struct_asym.pdbx_modified 
_struct_asym.entity_id 
_struct_asym.details 
A N N 1 ? 
B N N 2 ? 
C N N 3 ? 
D N N 4 ? 
# 
_struct_ref.id                         1 
_struct_ref.db_name                    UNP 
_struct_ref.db_code                    Y100_METJA 
_struct_ref.pdbx_db_accession          Q57564 
_struct_ref.entity_id                  1 
_struct_ref.pdbx_seq_one_letter_code   
;PITLVKDILSKPPITAHSNISIMEAAKILIKHNINHLPIVDEHGKLVGIITSWDIAKALAQNKKTIEEIMTRNVITAHED
EPVDHVAIKMSKYNISGVPVVDDYRRVVGIVTSEDISRLFGGKK
;
_struct_ref.pdbx_align_begin           386 
_struct_ref.pdbx_db_isoform            ? 
# 
_struct_ref_seq.align_id                      1 
_struct_ref_seq.ref_id                        1 
_struct_ref_seq.pdbx_PDB_id_code              3KPC 
_struct_ref_seq.pdbx_strand_id                A 
_struct_ref_seq.seq_align_beg                 1 
_struct_ref_seq.pdbx_seq_align_beg_ins_code   ? 
_struct_ref_seq.seq_align_end                 124 
_struct_ref_seq.pdbx_seq_align_end_ins_code   ? 
_struct_ref_seq.pdbx_db_accession             Q57564 
_struct_ref_seq.db_align_beg                  386 
_struct_ref_seq.pdbx_db_align_beg_ins_code    ? 
_struct_ref_seq.db_align_end                  509 
_struct_ref_seq.pdbx_db_align_end_ins_code    ? 
_struct_ref_seq.pdbx_auth_seq_align_beg       386 
_struct_ref_seq.pdbx_auth_seq_align_end       509 
# 
_pdbx_struct_assembly.id                   1 
_pdbx_struct_assembly.details              author_and_software_defined_assembly 
_pdbx_struct_assembly.method_details       PISA 
_pdbx_struct_assembly.oligomeric_details   dimeric 
_pdbx_struct_assembly.oligomeric_count     2 
# 
loop_
_pdbx_struct_assembly_prop.biol_id 
_pdbx_struct_assembly_prop.type 
_pdbx_struct_assembly_prop.value 
_pdbx_struct_assembly_prop.details 
1 'ABSA (A^2)' 4570  ? 
1 MORE         -25   ? 
1 'SSA (A^2)'  11620 ? 
# 
_pdbx_struct_assembly_gen.assembly_id       1 
_pdbx_struct_assembly_gen.oper_expression   1,2 
_pdbx_struct_assembly_gen.asym_id_list      A,B,C,D 
# 
loop_
_pdbx_struct_oper_list.id 
_pdbx_struct_oper_list.type 
_pdbx_struct_oper_list.name 
_pdbx_struct_oper_list.symmetry_operation 
_pdbx_struct_oper_list.matrix[1][1] 
_pdbx_struct_oper_list.matrix[1][2] 
_pdbx_struct_oper_list.matrix[1][3] 
_pdbx_struct_oper_list.vector[1] 
_pdbx_struct_oper_list.matrix[2][1] 
_pdbx_struct_oper_list.matrix[2][2] 
_pdbx_struct_oper_list.matrix[2][3] 
_pdbx_struct_oper_list.vector[2] 
_pdbx_struct_oper_list.matrix[3][1] 
_pdbx_struct_oper_list.matrix[3][2] 
_pdbx_struct_oper_list.matrix[3][3] 
_pdbx_struct_oper_list.vector[3] 
1 'identity operation'         1_555 x,y,z           1.0000000000  0.0000000000 0.0000000000 0.0000000000 0.0000000000 1.0000000000  0.0000000000 0.0000000000 0.0000000000 0.0000000000 1.0000000000  0.0000000000   
2 'crystal symmetry operation' 6_545 -x+1/2,-y-1/2,z -0.2773282951 0.8180334473 0.5038951239 7.9461520491 0.8180334473 -0.0740211408 0.5703877189 4.1766435932 0.5038951239 0.5703877189 -0.6486505641 -18.1765866966 
# 
_struct_biol.id        1 
_struct_biol.details   'Biological unit is a dimer from operation 1/2+x, 1/2-y, -z' 
# 
loop_
_struct_conf.conf_type_id 
_struct_conf.id 
_struct_conf.pdbx_PDB_helix_id 
_struct_conf.beg_label_comp_id 
_struct_conf.beg_label_asym_id 
_struct_conf.beg_label_seq_id 
_struct_conf.pdbx_beg_PDB_ins_code 
_struct_conf.end_label_comp_id 
_struct_conf.end_label_asym_id 
_struct_conf.end_label_seq_id 
_struct_conf.pdbx_end_PDB_ins_code 
_struct_conf.beg_auth_comp_id 
_struct_conf.beg_auth_asym_id 
_struct_conf.beg_auth_seq_id 
_struct_conf.end_auth_comp_id 
_struct_conf.end_auth_asym_id 
_struct_conf.end_auth_seq_id 
_struct_conf.pdbx_PDB_helix_class 
_struct_conf.details 
_struct_conf.pdbx_PDB_helix_length 
HELX_P HELX_P1 1 LEU A 4   ? LEU A 9   ? LEU A 389 LEU A 394 1 ? 6  
HELX_P HELX_P2 2 SER A 21  ? ASN A 33  ? SER A 406 ASN A 418 1 ? 13 
HELX_P HELX_P3 3 SER A 52  ? ASN A 62  ? SER A 437 ASN A 447 1 ? 11 
HELX_P HELX_P4 4 THR A 65  ? MET A 70  ? THR A 450 MET A 455 1 ? 6  
HELX_P HELX_P5 5 PRO A 82  ? TYR A 93  ? PRO A 467 TYR A 478 1 ? 12 
HELX_P HELX_P6 6 SER A 113 ? LYS A 124 ? SER A 498 LYS A 509 1 ? 12 
# 
_struct_conf_type.id          HELX_P 
_struct_conf_type.criteria    ? 
_struct_conf_type.reference   ? 
# 
_struct_mon_prot_cis.pdbx_id                1 
_struct_mon_prot_cis.label_comp_id          LYS 
_struct_mon_prot_cis.label_seq_id           11 
_struct_mon_prot_cis.label_asym_id          A 
_struct_mon_prot_cis.label_alt_id           . 
_struct_mon_prot_cis.pdbx_PDB_ins_code      ? 
_struct_mon_prot_cis.auth_comp_id           LYS 
_struct_mon_prot_cis.auth_seq_id            396 
_struct_mon_prot_cis.auth_asym_id           A 
_struct_mon_prot_cis.pdbx_label_comp_id_2   PRO 
_struct_mon_prot_cis.pdbx_label_seq_id_2    12 
_struct_mon_prot_cis.pdbx_label_asym_id_2   A 
_struct_mon_prot_cis.pdbx_PDB_ins_code_2    ? 
_struct_mon_prot_cis.pdbx_auth_comp_id_2    PRO 
_struct_mon_prot_cis.pdbx_auth_seq_id_2     397 
_struct_mon_prot_cis.pdbx_auth_asym_id_2    A 
_struct_mon_prot_cis.pdbx_PDB_model_num     1 
_struct_mon_prot_cis.pdbx_omega_angle       3.04 
# 
loop_
_struct_sheet.id 
_struct_sheet.type 
_struct_sheet.number_strands 
_struct_sheet.details 
A ? 2 ? 
B ? 2 ? 
# 
loop_
_struct_sheet_order.sheet_id 
_struct_sheet_order.range_id_1 
_struct_sheet_order.range_id_2 
_struct_sheet_order.offset 
_struct_sheet_order.sense 
A 1 2 ? anti-parallel 
B 1 2 ? anti-parallel 
# 
loop_
_struct_sheet_range.sheet_id 
_struct_sheet_range.id 
_struct_sheet_range.beg_label_comp_id 
_struct_sheet_range.beg_label_asym_id 
_struct_sheet_range.beg_label_seq_id 
_struct_sheet_range.pdbx_beg_PDB_ins_code 
_struct_sheet_range.end_label_comp_id 
_struct_sheet_range.end_label_asym_id 
_struct_sheet_range.end_label_seq_id 
_struct_sheet_range.pdbx_end_PDB_ins_code 
_struct_sheet_range.beg_auth_comp_id 
_struct_sheet_range.beg_auth_asym_id 
_struct_sheet_range.beg_auth_seq_id 
_struct_sheet_range.end_auth_comp_id 
_struct_sheet_range.end_auth_asym_id 
_struct_sheet_range.end_auth_seq_id 
A 1 HIS A 36  ? VAL A 40  ? HIS A 421 VAL A 425 
A 2 LEU A 46  ? THR A 51  ? LEU A 431 THR A 436 
B 1 GLY A 97  ? VAL A 101 ? GLY A 482 VAL A 486 
B 2 VAL A 107 ? THR A 112 ? VAL A 492 THR A 497 
# 
loop_
_pdbx_struct_sheet_hbond.sheet_id 
_pdbx_struct_sheet_hbond.range_id_1 
_pdbx_struct_sheet_hbond.range_id_2 
_pdbx_struct_sheet_hbond.range_1_label_atom_id 
_pdbx_struct_sheet_hbond.range_1_label_comp_id 
_pdbx_struct_sheet_hbond.range_1_label_asym_id 
_pdbx_struct_sheet_hbond.range_1_label_seq_id 
_pdbx_struct_sheet_hbond.range_1_PDB_ins_code 
_pdbx_struct_sheet_hbond.range_1_auth_atom_id 
_pdbx_struct_sheet_hbond.range_1_auth_comp_id 
_pdbx_struct_sheet_hbond.range_1_auth_asym_id 
_pdbx_struct_sheet_hbond.range_1_auth_seq_id 
_pdbx_struct_sheet_hbond.range_2_label_atom_id 
_pdbx_struct_sheet_hbond.range_2_label_comp_id 
_pdbx_struct_sheet_hbond.range_2_label_asym_id 
_pdbx_struct_sheet_hbond.range_2_label_seq_id 
_pdbx_struct_sheet_hbond.range_2_PDB_ins_code 
_pdbx_struct_sheet_hbond.range_2_auth_atom_id 
_pdbx_struct_sheet_hbond.range_2_auth_comp_id 
_pdbx_struct_sheet_hbond.range_2_auth_asym_id 
_pdbx_struct_sheet_hbond.range_2_auth_seq_id 
A 1 2 N ILE A 39  ? N ILE A 424 O VAL A 47  ? O VAL A 432 
B 1 2 N VAL A 100 ? N VAL A 485 O VAL A 108 ? O VAL A 493 
# 
loop_
_struct_site.id 
_struct_site.pdbx_evidence_code 
_struct_site.pdbx_auth_asym_id 
_struct_site.pdbx_auth_comp_id 
_struct_site.pdbx_auth_seq_id 
_struct_site.pdbx_auth_ins_code 
_struct_site.pdbx_num_residues 
_struct_site.details 
AC1 Software A SAM 1000 ? 19 'BINDING SITE FOR RESIDUE SAM A 1000' 
AC2 Software A MTA 3615 ? 16 'BINDING SITE FOR RESIDUE MTA A 3615' 
# 
loop_
_struct_site_gen.id 
_struct_site_gen.site_id 
_struct_site_gen.pdbx_num_res 
_struct_site_gen.label_comp_id 
_struct_site_gen.label_asym_id 
_struct_site_gen.label_seq_id 
_struct_site_gen.pdbx_auth_ins_code 
_struct_site_gen.auth_comp_id 
_struct_site_gen.auth_asym_id 
_struct_site_gen.auth_seq_id 
_struct_site_gen.label_atom_id 
_struct_site_gen.label_alt_id 
_struct_site_gen.symmetry 
_struct_site_gen.details 
1  AC1 19 HOH D .   ? HOH A 31  . ? 1_555 ? 
2  AC1 19 HOH D .   ? HOH A 48  . ? 1_555 ? 
3  AC1 19 HOH D .   ? HOH A 195 . ? 6_545 ? 
4  AC1 19 HOH D .   ? HOH A 198 . ? 1_555 ? 
5  AC1 19 HOH D .   ? HOH A 199 . ? 1_555 ? 
6  AC1 19 ASN A 33  ? ASN A 418 . ? 6_545 ? 
7  AC1 19 ASN A 35  ? ASN A 420 . ? 6_545 ? 
8  AC1 19 THR A 51  ? THR A 436 . ? 1_555 ? 
9  AC1 19 TRP A 53  ? TRP A 438 . ? 1_555 ? 
10 AC1 19 ASP A 54  ? ASP A 439 . ? 1_555 ? 
11 AC1 19 THR A 71  ? THR A 456 . ? 1_555 ? 
12 AC1 19 ASN A 73  ? ASN A 458 . ? 1_555 ? 
13 AC1 19 VAL A 74  ? VAL A 459 . ? 1_555 ? 
14 AC1 19 ILE A 75  ? ILE A 460 . ? 1_555 ? 
15 AC1 19 ASN A 94  ? ASN A 479 . ? 1_555 ? 
16 AC1 19 ILE A 95  ? ILE A 480 . ? 1_555 ? 
17 AC1 19 SER A 96  ? SER A 481 . ? 1_555 ? 
18 AC1 19 GLY A 97  ? GLY A 482 . ? 1_555 ? 
19 AC1 19 GLU A 114 ? GLU A 499 . ? 6_545 ? 
20 AC2 16 HOH D .   ? HOH A 8   . ? 1_555 ? 
21 AC2 16 HOH D .   ? HOH A 56  . ? 1_555 ? 
22 AC2 16 HOH D .   ? HOH A 194 . ? 1_555 ? 
23 AC2 16 HOH D .   ? HOH A 195 . ? 1_555 ? 
24 AC2 16 HOH D .   ? HOH A 207 . ? 1_555 ? 
25 AC2 16 SER A 10  ? SER A 395 . ? 1_555 ? 
26 AC2 16 PRO A 12  ? PRO A 397 . ? 1_555 ? 
27 AC2 16 ILE A 14  ? ILE A 399 . ? 1_555 ? 
28 AC2 16 ILE A 34  ? ILE A 419 . ? 1_555 ? 
29 AC2 16 ASN A 35  ? ASN A 420 . ? 1_555 ? 
30 AC2 16 HIS A 36  ? HIS A 421 . ? 1_555 ? 
31 AC2 16 PRO A 38  ? PRO A 423 . ? 1_555 ? 
32 AC2 16 ILE A 110 ? ILE A 495 . ? 1_555 ? 
33 AC2 16 THR A 112 ? THR A 497 . ? 1_555 ? 
34 AC2 16 GLU A 114 ? GLU A 499 . ? 1_555 ? 
35 AC2 16 ASP A 115 ? ASP A 500 . ? 1_555 ? 
# 
_pdbx_struct_special_symmetry.id              1 
_pdbx_struct_special_symmetry.PDB_model_num   1 
_pdbx_struct_special_symmetry.auth_asym_id    A 
_pdbx_struct_special_symmetry.auth_comp_id    HOH 
_pdbx_struct_special_symmetry.auth_seq_id     214 
_pdbx_struct_special_symmetry.PDB_ins_code    ? 
_pdbx_struct_special_symmetry.label_asym_id   D 
_pdbx_struct_special_symmetry.label_comp_id   HOH 
_pdbx_struct_special_symmetry.label_seq_id    . 
# 
loop_
_chem_comp_atom.comp_id 
_chem_comp_atom.atom_id 
_chem_comp_atom.type_symbol 
_chem_comp_atom.pdbx_aromatic_flag 
_chem_comp_atom.pdbx_stereo_config 
_chem_comp_atom.pdbx_ordinal 
ALA N      N N N 1   
ALA CA     C N S 2   
ALA C      C N N 3   
ALA O      O N N 4   
ALA CB     C N N 5   
ALA OXT    O N N 6   
ALA H      H N N 7   
ALA H2     H N N 8   
ALA HA     H N N 9   
ALA HB1    H N N 10  
ALA HB2    H N N 11  
ALA HB3    H N N 12  
ALA HXT    H N N 13  
ARG N      N N N 14  
ARG CA     C N S 15  
ARG C      C N N 16  
ARG O      O N N 17  
ARG CB     C N N 18  
ARG CG     C N N 19  
ARG CD     C N N 20  
ARG NE     N N N 21  
ARG CZ     C N N 22  
ARG NH1    N N N 23  
ARG NH2    N N N 24  
ARG OXT    O N N 25  
ARG H      H N N 26  
ARG H2     H N N 27  
ARG HA     H N N 28  
ARG HB2    H N N 29  
ARG HB3    H N N 30  
ARG HG2    H N N 31  
ARG HG3    H N N 32  
ARG HD2    H N N 33  
ARG HD3    H N N 34  
ARG HE     H N N 35  
ARG HH11   H N N 36  
ARG HH12   H N N 37  
ARG HH21   H N N 38  
ARG HH22   H N N 39  
ARG HXT    H N N 40  
ASN N      N N N 41  
ASN CA     C N S 42  
ASN C      C N N 43  
ASN O      O N N 44  
ASN CB     C N N 45  
ASN CG     C N N 46  
ASN OD1    O N N 47  
ASN ND2    N N N 48  
ASN OXT    O N N 49  
ASN H      H N N 50  
ASN H2     H N N 51  
ASN HA     H N N 52  
ASN HB2    H N N 53  
ASN HB3    H N N 54  
ASN HD21   H N N 55  
ASN HD22   H N N 56  
ASN HXT    H N N 57  
ASP N      N N N 58  
ASP CA     C N S 59  
ASP C      C N N 60  
ASP O      O N N 61  
ASP CB     C N N 62  
ASP CG     C N N 63  
ASP OD1    O N N 64  
ASP OD2    O N N 65  
ASP OXT    O N N 66  
ASP H      H N N 67  
ASP H2     H N N 68  
ASP HA     H N N 69  
ASP HB2    H N N 70  
ASP HB3    H N N 71  
ASP HD2    H N N 72  
ASP HXT    H N N 73  
GLN N      N N N 74  
GLN CA     C N S 75  
GLN C      C N N 76  
GLN O      O N N 77  
GLN CB     C N N 78  
GLN CG     C N N 79  
GLN CD     C N N 80  
GLN OE1    O N N 81  
GLN NE2    N N N 82  
GLN OXT    O N N 83  
GLN H      H N N 84  
GLN H2     H N N 85  
GLN HA     H N N 86  
GLN HB2    H N N 87  
GLN HB3    H N N 88  
GLN HG2    H N N 89  
GLN HG3    H N N 90  
GLN HE21   H N N 91  
GLN HE22   H N N 92  
GLN HXT    H N N 93  
GLU N      N N N 94  
GLU CA     C N S 95  
GLU C      C N N 96  
GLU O      O N N 97  
GLU CB     C N N 98  
GLU CG     C N N 99  
GLU CD     C N N 100 
GLU OE1    O N N 101 
GLU OE2    O N N 102 
GLU OXT    O N N 103 
GLU H      H N N 104 
GLU H2     H N N 105 
GLU HA     H N N 106 
GLU HB2    H N N 107 
GLU HB3    H N N 108 
GLU HG2    H N N 109 
GLU HG3    H N N 110 
GLU HE2    H N N 111 
GLU HXT    H N N 112 
GLY N      N N N 113 
GLY CA     C N N 114 
GLY C      C N N 115 
GLY O      O N N 116 
GLY OXT    O N N 117 
GLY H      H N N 118 
GLY H2     H N N 119 
GLY HA2    H N N 120 
GLY HA3    H N N 121 
GLY HXT    H N N 122 
HIS N      N N N 123 
HIS CA     C N S 124 
HIS C      C N N 125 
HIS O      O N N 126 
HIS CB     C N N 127 
HIS CG     C Y N 128 
HIS ND1    N Y N 129 
HIS CD2    C Y N 130 
HIS CE1    C Y N 131 
HIS NE2    N Y N 132 
HIS OXT    O N N 133 
HIS H      H N N 134 
HIS H2     H N N 135 
HIS HA     H N N 136 
HIS HB2    H N N 137 
HIS HB3    H N N 138 
HIS HD1    H N N 139 
HIS HD2    H N N 140 
HIS HE1    H N N 141 
HIS HE2    H N N 142 
HIS HXT    H N N 143 
HOH O      O N N 144 
HOH H1     H N N 145 
HOH H2     H N N 146 
ILE N      N N N 147 
ILE CA     C N S 148 
ILE C      C N N 149 
ILE O      O N N 150 
ILE CB     C N S 151 
ILE CG1    C N N 152 
ILE CG2    C N N 153 
ILE CD1    C N N 154 
ILE OXT    O N N 155 
ILE H      H N N 156 
ILE H2     H N N 157 
ILE HA     H N N 158 
ILE HB     H N N 159 
ILE HG12   H N N 160 
ILE HG13   H N N 161 
ILE HG21   H N N 162 
ILE HG22   H N N 163 
ILE HG23   H N N 164 
ILE HD11   H N N 165 
ILE HD12   H N N 166 
ILE HD13   H N N 167 
ILE HXT    H N N 168 
LEU N      N N N 169 
LEU CA     C N S 170 
LEU C      C N N 171 
LEU O      O N N 172 
LEU CB     C N N 173 
LEU CG     C N N 174 
LEU CD1    C N N 175 
LEU CD2    C N N 176 
LEU OXT    O N N 177 
LEU H      H N N 178 
LEU H2     H N N 179 
LEU HA     H N N 180 
LEU HB2    H N N 181 
LEU HB3    H N N 182 
LEU HG     H N N 183 
LEU HD11   H N N 184 
LEU HD12   H N N 185 
LEU HD13   H N N 186 
LEU HD21   H N N 187 
LEU HD22   H N N 188 
LEU HD23   H N N 189 
LEU HXT    H N N 190 
LYS N      N N N 191 
LYS CA     C N S 192 
LYS C      C N N 193 
LYS O      O N N 194 
LYS CB     C N N 195 
LYS CG     C N N 196 
LYS CD     C N N 197 
LYS CE     C N N 198 
LYS NZ     N N N 199 
LYS OXT    O N N 200 
LYS H      H N N 201 
LYS H2     H N N 202 
LYS HA     H N N 203 
LYS HB2    H N N 204 
LYS HB3    H N N 205 
LYS HG2    H N N 206 
LYS HG3    H N N 207 
LYS HD2    H N N 208 
LYS HD3    H N N 209 
LYS HE2    H N N 210 
LYS HE3    H N N 211 
LYS HZ1    H N N 212 
LYS HZ2    H N N 213 
LYS HZ3    H N N 214 
LYS HXT    H N N 215 
MET N      N N N 216 
MET CA     C N S 217 
MET C      C N N 218 
MET O      O N N 219 
MET CB     C N N 220 
MET CG     C N N 221 
MET SD     S N N 222 
MET CE     C N N 223 
MET OXT    O N N 224 
MET H      H N N 225 
MET H2     H N N 226 
MET HA     H N N 227 
MET HB2    H N N 228 
MET HB3    H N N 229 
MET HG2    H N N 230 
MET HG3    H N N 231 
MET HE1    H N N 232 
MET HE2    H N N 233 
MET HE3    H N N 234 
MET HXT    H N N 235 
MTA CS     C N N 236 
MTA "S5'"  S N N 237 
MTA "C5'"  C N N 238 
MTA "C4'"  C N S 239 
MTA "O4'"  O N N 240 
MTA "C2'"  C N R 241 
MTA "O2'"  O N N 242 
MTA "C3'"  C N S 243 
MTA "O3'"  O N N 244 
MTA "C1'"  C N R 245 
MTA N9     N Y N 246 
MTA C8     C Y N 247 
MTA N7     N Y N 248 
MTA C5     C Y N 249 
MTA C6     C Y N 250 
MTA N6     N N N 251 
MTA N1     N Y N 252 
MTA C2     C Y N 253 
MTA N3     N Y N 254 
MTA C4     C Y N 255 
MTA HCS1   H N N 256 
MTA HCS2   H N N 257 
MTA HCS3   H N N 258 
MTA "H5'1" H N N 259 
MTA "H5'2" H N N 260 
MTA "H4'"  H N N 261 
MTA "H2'"  H N N 262 
MTA "HO2'" H N N 263 
MTA "H3'"  H N N 264 
MTA H3T    H N N 265 
MTA "H1'"  H N N 266 
MTA H8     H N N 267 
MTA H61    H N N 268 
MTA H62    H N N 269 
MTA H2     H N N 270 
PHE N      N N N 271 
PHE CA     C N S 272 
PHE C      C N N 273 
PHE O      O N N 274 
PHE CB     C N N 275 
PHE CG     C Y N 276 
PHE CD1    C Y N 277 
PHE CD2    C Y N 278 
PHE CE1    C Y N 279 
PHE CE2    C Y N 280 
PHE CZ     C Y N 281 
PHE OXT    O N N 282 
PHE H      H N N 283 
PHE H2     H N N 284 
PHE HA     H N N 285 
PHE HB2    H N N 286 
PHE HB3    H N N 287 
PHE HD1    H N N 288 
PHE HD2    H N N 289 
PHE HE1    H N N 290 
PHE HE2    H N N 291 
PHE HZ     H N N 292 
PHE HXT    H N N 293 
PRO N      N N N 294 
PRO CA     C N S 295 
PRO C      C N N 296 
PRO O      O N N 297 
PRO CB     C N N 298 
PRO CG     C N N 299 
PRO CD     C N N 300 
PRO OXT    O N N 301 
PRO H      H N N 302 
PRO HA     H N N 303 
PRO HB2    H N N 304 
PRO HB3    H N N 305 
PRO HG2    H N N 306 
PRO HG3    H N N 307 
PRO HD2    H N N 308 
PRO HD3    H N N 309 
PRO HXT    H N N 310 
SAM N      N N N 311 
SAM CA     C N S 312 
SAM C      C N N 313 
SAM O      O N N 314 
SAM OXT    O N N 315 
SAM CB     C N N 316 
SAM CG     C N N 317 
SAM SD     S N S 318 
SAM CE     C N N 319 
SAM "C5'"  C N N 320 
SAM "C4'"  C N S 321 
SAM "O4'"  O N N 322 
SAM "C3'"  C N S 323 
SAM "O3'"  O N N 324 
SAM "C2'"  C N R 325 
SAM "O2'"  O N N 326 
SAM "C1'"  C N R 327 
SAM N9     N Y N 328 
SAM C8     C Y N 329 
SAM N7     N Y N 330 
SAM C5     C Y N 331 
SAM C6     C Y N 332 
SAM N6     N N N 333 
SAM N1     N Y N 334 
SAM C2     C Y N 335 
SAM N3     N Y N 336 
SAM C4     C Y N 337 
SAM HN1    H N N 338 
SAM HN2    H N N 339 
SAM HA     H N N 340 
SAM HB1    H N N 341 
SAM HB2    H N N 342 
SAM HG1    H N N 343 
SAM HG2    H N N 344 
SAM HE1    H N N 345 
SAM HE2    H N N 346 
SAM HE3    H N N 347 
SAM "H5'1" H N N 348 
SAM "H5'2" H N N 349 
SAM "H4'"  H N N 350 
SAM "H3'"  H N N 351 
SAM "HO3'" H N N 352 
SAM "H2'"  H N N 353 
SAM "HO2'" H N N 354 
SAM "H1'"  H N N 355 
SAM H8     H N N 356 
SAM HN61   H N N 357 
SAM HN62   H N N 358 
SAM H2     H N N 359 
SER N      N N N 360 
SER CA     C N S 361 
SER C      C N N 362 
SER O      O N N 363 
SER CB     C N N 364 
SER OG     O N N 365 
SER OXT    O N N 366 
SER H      H N N 367 
SER H2     H N N 368 
SER HA     H N N 369 
SER HB2    H N N 370 
SER HB3    H N N 371 
SER HG     H N N 372 
SER HXT    H N N 373 
THR N      N N N 374 
THR CA     C N S 375 
THR C      C N N 376 
THR O      O N N 377 
THR CB     C N R 378 
THR OG1    O N N 379 
THR CG2    C N N 380 
THR OXT    O N N 381 
THR H      H N N 382 
THR H2     H N N 383 
THR HA     H N N 384 
THR HB     H N N 385 
THR HG1    H N N 386 
THR HG21   H N N 387 
THR HG22   H N N 388 
THR HG23   H N N 389 
THR HXT    H N N 390 
TRP N      N N N 391 
TRP CA     C N S 392 
TRP C      C N N 393 
TRP O      O N N 394 
TRP CB     C N N 395 
TRP CG     C Y N 396 
TRP CD1    C Y N 397 
TRP CD2    C Y N 398 
TRP NE1    N Y N 399 
TRP CE2    C Y N 400 
TRP CE3    C Y N 401 
TRP CZ2    C Y N 402 
TRP CZ3    C Y N 403 
TRP CH2    C Y N 404 
TRP OXT    O N N 405 
TRP H      H N N 406 
TRP H2     H N N 407 
TRP HA     H N N 408 
TRP HB2    H N N 409 
TRP HB3    H N N 410 
TRP HD1    H N N 411 
TRP HE1    H N N 412 
TRP HE3    H N N 413 
TRP HZ2    H N N 414 
TRP HZ3    H N N 415 
TRP HH2    H N N 416 
TRP HXT    H N N 417 
TYR N      N N N 418 
TYR CA     C N S 419 
TYR C      C N N 420 
TYR O      O N N 421 
TYR CB     C N N 422 
TYR CG     C Y N 423 
TYR CD1    C Y N 424 
TYR CD2    C Y N 425 
TYR CE1    C Y N 426 
TYR CE2    C Y N 427 
TYR CZ     C Y N 428 
TYR OH     O N N 429 
TYR OXT    O N N 430 
TYR H      H N N 431 
TYR H2     H N N 432 
TYR HA     H N N 433 
TYR HB2    H N N 434 
TYR HB3    H N N 435 
TYR HD1    H N N 436 
TYR HD2    H N N 437 
TYR HE1    H N N 438 
TYR HE2    H N N 439 
TYR HH     H N N 440 
TYR HXT    H N N 441 
VAL N      N N N 442 
VAL CA     C N S 443 
VAL C      C N N 444 
VAL O      O N N 445 
VAL CB     C N N 446 
VAL CG1    C N N 447 
VAL CG2    C N N 448 
VAL OXT    O N N 449 
VAL H      H N N 450 
VAL H2     H N N 451 
VAL HA     H N N 452 
VAL HB     H N N 453 
VAL HG11   H N N 454 
VAL HG12   H N N 455 
VAL HG13   H N N 456 
VAL HG21   H N N 457 
VAL HG22   H N N 458 
VAL HG23   H N N 459 
VAL HXT    H N N 460 
# 
loop_
_chem_comp_bond.comp_id 
_chem_comp_bond.atom_id_1 
_chem_comp_bond.atom_id_2 
_chem_comp_bond.value_order 
_chem_comp_bond.pdbx_aromatic_flag 
_chem_comp_bond.pdbx_stereo_config 
_chem_comp_bond.pdbx_ordinal 
ALA N     CA     sing N N 1   
ALA N     H      sing N N 2   
ALA N     H2     sing N N 3   
ALA CA    C      sing N N 4   
ALA CA    CB     sing N N 5   
ALA CA    HA     sing N N 6   
ALA C     O      doub N N 7   
ALA C     OXT    sing N N 8   
ALA CB    HB1    sing N N 9   
ALA CB    HB2    sing N N 10  
ALA CB    HB3    sing N N 11  
ALA OXT   HXT    sing N N 12  
ARG N     CA     sing N N 13  
ARG N     H      sing N N 14  
ARG N     H2     sing N N 15  
ARG CA    C      sing N N 16  
ARG CA    CB     sing N N 17  
ARG CA    HA     sing N N 18  
ARG C     O      doub N N 19  
ARG C     OXT    sing N N 20  
ARG CB    CG     sing N N 21  
ARG CB    HB2    sing N N 22  
ARG CB    HB3    sing N N 23  
ARG CG    CD     sing N N 24  
ARG CG    HG2    sing N N 25  
ARG CG    HG3    sing N N 26  
ARG CD    NE     sing N N 27  
ARG CD    HD2    sing N N 28  
ARG CD    HD3    sing N N 29  
ARG NE    CZ     sing N N 30  
ARG NE    HE     sing N N 31  
ARG CZ    NH1    sing N N 32  
ARG CZ    NH2    doub N N 33  
ARG NH1   HH11   sing N N 34  
ARG NH1   HH12   sing N N 35  
ARG NH2   HH21   sing N N 36  
ARG NH2   HH22   sing N N 37  
ARG OXT   HXT    sing N N 38  
ASN N     CA     sing N N 39  
ASN N     H      sing N N 40  
ASN N     H2     sing N N 41  
ASN CA    C      sing N N 42  
ASN CA    CB     sing N N 43  
ASN CA    HA     sing N N 44  
ASN C     O      doub N N 45  
ASN C     OXT    sing N N 46  
ASN CB    CG     sing N N 47  
ASN CB    HB2    sing N N 48  
ASN CB    HB3    sing N N 49  
ASN CG    OD1    doub N N 50  
ASN CG    ND2    sing N N 51  
ASN ND2   HD21   sing N N 52  
ASN ND2   HD22   sing N N 53  
ASN OXT   HXT    sing N N 54  
ASP N     CA     sing N N 55  
ASP N     H      sing N N 56  
ASP N     H2     sing N N 57  
ASP CA    C      sing N N 58  
ASP CA    CB     sing N N 59  
ASP CA    HA     sing N N 60  
ASP C     O      doub N N 61  
ASP C     OXT    sing N N 62  
ASP CB    CG     sing N N 63  
ASP CB    HB2    sing N N 64  
ASP CB    HB3    sing N N 65  
ASP CG    OD1    doub N N 66  
ASP CG    OD2    sing N N 67  
ASP OD2   HD2    sing N N 68  
ASP OXT   HXT    sing N N 69  
GLN N     CA     sing N N 70  
GLN N     H      sing N N 71  
GLN N     H2     sing N N 72  
GLN CA    C      sing N N 73  
GLN CA    CB     sing N N 74  
GLN CA    HA     sing N N 75  
GLN C     O      doub N N 76  
GLN C     OXT    sing N N 77  
GLN CB    CG     sing N N 78  
GLN CB    HB2    sing N N 79  
GLN CB    HB3    sing N N 80  
GLN CG    CD     sing N N 81  
GLN CG    HG2    sing N N 82  
GLN CG    HG3    sing N N 83  
GLN CD    OE1    doub N N 84  
GLN CD    NE2    sing N N 85  
GLN NE2   HE21   sing N N 86  
GLN NE2   HE22   sing N N 87  
GLN OXT   HXT    sing N N 88  
GLU N     CA     sing N N 89  
GLU N     H      sing N N 90  
GLU N     H2     sing N N 91  
GLU CA    C      sing N N 92  
GLU CA    CB     sing N N 93  
GLU CA    HA     sing N N 94  
GLU C     O      doub N N 95  
GLU C     OXT    sing N N 96  
GLU CB    CG     sing N N 97  
GLU CB    HB2    sing N N 98  
GLU CB    HB3    sing N N 99  
GLU CG    CD     sing N N 100 
GLU CG    HG2    sing N N 101 
GLU CG    HG3    sing N N 102 
GLU CD    OE1    doub N N 103 
GLU CD    OE2    sing N N 104 
GLU OE2   HE2    sing N N 105 
GLU OXT   HXT    sing N N 106 
GLY N     CA     sing N N 107 
GLY N     H      sing N N 108 
GLY N     H2     sing N N 109 
GLY CA    C      sing N N 110 
GLY CA    HA2    sing N N 111 
GLY CA    HA3    sing N N 112 
GLY C     O      doub N N 113 
GLY C     OXT    sing N N 114 
GLY OXT   HXT    sing N N 115 
HIS N     CA     sing N N 116 
HIS N     H      sing N N 117 
HIS N     H2     sing N N 118 
HIS CA    C      sing N N 119 
HIS CA    CB     sing N N 120 
HIS CA    HA     sing N N 121 
HIS C     O      doub N N 122 
HIS C     OXT    sing N N 123 
HIS CB    CG     sing N N 124 
HIS CB    HB2    sing N N 125 
HIS CB    HB3    sing N N 126 
HIS CG    ND1    sing Y N 127 
HIS CG    CD2    doub Y N 128 
HIS ND1   CE1    doub Y N 129 
HIS ND1   HD1    sing N N 130 
HIS CD2   NE2    sing Y N 131 
HIS CD2   HD2    sing N N 132 
HIS CE1   NE2    sing Y N 133 
HIS CE1   HE1    sing N N 134 
HIS NE2   HE2    sing N N 135 
HIS OXT   HXT    sing N N 136 
HOH O     H1     sing N N 137 
HOH O     H2     sing N N 138 
ILE N     CA     sing N N 139 
ILE N     H      sing N N 140 
ILE N     H2     sing N N 141 
ILE CA    C      sing N N 142 
ILE CA    CB     sing N N 143 
ILE CA    HA     sing N N 144 
ILE C     O      doub N N 145 
ILE C     OXT    sing N N 146 
ILE CB    CG1    sing N N 147 
ILE CB    CG2    sing N N 148 
ILE CB    HB     sing N N 149 
ILE CG1   CD1    sing N N 150 
ILE CG1   HG12   sing N N 151 
ILE CG1   HG13   sing N N 152 
ILE CG2   HG21   sing N N 153 
ILE CG2   HG22   sing N N 154 
ILE CG2   HG23   sing N N 155 
ILE CD1   HD11   sing N N 156 
ILE CD1   HD12   sing N N 157 
ILE CD1   HD13   sing N N 158 
ILE OXT   HXT    sing N N 159 
LEU N     CA     sing N N 160 
LEU N     H      sing N N 161 
LEU N     H2     sing N N 162 
LEU CA    C      sing N N 163 
LEU CA    CB     sing N N 164 
LEU CA    HA     sing N N 165 
LEU C     O      doub N N 166 
LEU C     OXT    sing N N 167 
LEU CB    CG     sing N N 168 
LEU CB    HB2    sing N N 169 
LEU CB    HB3    sing N N 170 
LEU CG    CD1    sing N N 171 
LEU CG    CD2    sing N N 172 
LEU CG    HG     sing N N 173 
LEU CD1   HD11   sing N N 174 
LEU CD1   HD12   sing N N 175 
LEU CD1   HD13   sing N N 176 
LEU CD2   HD21   sing N N 177 
LEU CD2   HD22   sing N N 178 
LEU CD2   HD23   sing N N 179 
LEU OXT   HXT    sing N N 180 
LYS N     CA     sing N N 181 
LYS N     H      sing N N 182 
LYS N     H2     sing N N 183 
LYS CA    C      sing N N 184 
LYS CA    CB     sing N N 185 
LYS CA    HA     sing N N 186 
LYS C     O      doub N N 187 
LYS C     OXT    sing N N 188 
LYS CB    CG     sing N N 189 
LYS CB    HB2    sing N N 190 
LYS CB    HB3    sing N N 191 
LYS CG    CD     sing N N 192 
LYS CG    HG2    sing N N 193 
LYS CG    HG3    sing N N 194 
LYS CD    CE     sing N N 195 
LYS CD    HD2    sing N N 196 
LYS CD    HD3    sing N N 197 
LYS CE    NZ     sing N N 198 
LYS CE    HE2    sing N N 199 
LYS CE    HE3    sing N N 200 
LYS NZ    HZ1    sing N N 201 
LYS NZ    HZ2    sing N N 202 
LYS NZ    HZ3    sing N N 203 
LYS OXT   HXT    sing N N 204 
MET N     CA     sing N N 205 
MET N     H      sing N N 206 
MET N     H2     sing N N 207 
MET CA    C      sing N N 208 
MET CA    CB     sing N N 209 
MET CA    HA     sing N N 210 
MET C     O      doub N N 211 
MET C     OXT    sing N N 212 
MET CB    CG     sing N N 213 
MET CB    HB2    sing N N 214 
MET CB    HB3    sing N N 215 
MET CG    SD     sing N N 216 
MET CG    HG2    sing N N 217 
MET CG    HG3    sing N N 218 
MET SD    CE     sing N N 219 
MET CE    HE1    sing N N 220 
MET CE    HE2    sing N N 221 
MET CE    HE3    sing N N 222 
MET OXT   HXT    sing N N 223 
MTA CS    "S5'"  sing N N 224 
MTA CS    HCS1   sing N N 225 
MTA CS    HCS2   sing N N 226 
MTA CS    HCS3   sing N N 227 
MTA "S5'" "C5'"  sing N N 228 
MTA "C5'" "C4'"  sing N N 229 
MTA "C5'" "H5'1" sing N N 230 
MTA "C5'" "H5'2" sing N N 231 
MTA "C4'" "O4'"  sing N N 232 
MTA "C4'" "C3'"  sing N N 233 
MTA "C4'" "H4'"  sing N N 234 
MTA "O4'" "C1'"  sing N N 235 
MTA "C2'" "O2'"  sing N N 236 
MTA "C2'" "C3'"  sing N N 237 
MTA "C2'" "C1'"  sing N N 238 
MTA "C2'" "H2'"  sing N N 239 
MTA "O2'" "HO2'" sing N N 240 
MTA "C3'" "O3'"  sing N N 241 
MTA "C3'" "H3'"  sing N N 242 
MTA "O3'" H3T    sing N N 243 
MTA "C1'" N9     sing N N 244 
MTA "C1'" "H1'"  sing N N 245 
MTA N9    C8     sing Y N 246 
MTA N9    C4     sing Y N 247 
MTA C8    N7     doub Y N 248 
MTA C8    H8     sing N N 249 
MTA N7    C5     sing Y N 250 
MTA C5    C6     sing Y N 251 
MTA C5    C4     doub Y N 252 
MTA C6    N6     sing N N 253 
MTA C6    N1     doub Y N 254 
MTA N6    H61    sing N N 255 
MTA N6    H62    sing N N 256 
MTA N1    C2     sing Y N 257 
MTA C2    N3     doub Y N 258 
MTA C2    H2     sing N N 259 
MTA N3    C4     sing Y N 260 
PHE N     CA     sing N N 261 
PHE N     H      sing N N 262 
PHE N     H2     sing N N 263 
PHE CA    C      sing N N 264 
PHE CA    CB     sing N N 265 
PHE CA    HA     sing N N 266 
PHE C     O      doub N N 267 
PHE C     OXT    sing N N 268 
PHE CB    CG     sing N N 269 
PHE CB    HB2    sing N N 270 
PHE CB    HB3    sing N N 271 
PHE CG    CD1    doub Y N 272 
PHE CG    CD2    sing Y N 273 
PHE CD1   CE1    sing Y N 274 
PHE CD1   HD1    sing N N 275 
PHE CD2   CE2    doub Y N 276 
PHE CD2   HD2    sing N N 277 
PHE CE1   CZ     doub Y N 278 
PHE CE1   HE1    sing N N 279 
PHE CE2   CZ     sing Y N 280 
PHE CE2   HE2    sing N N 281 
PHE CZ    HZ     sing N N 282 
PHE OXT   HXT    sing N N 283 
PRO N     CA     sing N N 284 
PRO N     CD     sing N N 285 
PRO N     H      sing N N 286 
PRO CA    C      sing N N 287 
PRO CA    CB     sing N N 288 
PRO CA    HA     sing N N 289 
PRO C     O      doub N N 290 
PRO C     OXT    sing N N 291 
PRO CB    CG     sing N N 292 
PRO CB    HB2    sing N N 293 
PRO CB    HB3    sing N N 294 
PRO CG    CD     sing N N 295 
PRO CG    HG2    sing N N 296 
PRO CG    HG3    sing N N 297 
PRO CD    HD2    sing N N 298 
PRO CD    HD3    sing N N 299 
PRO OXT   HXT    sing N N 300 
SAM N     CA     sing N N 301 
SAM N     HN1    sing N N 302 
SAM N     HN2    sing N N 303 
SAM CA    C      sing N N 304 
SAM CA    CB     sing N N 305 
SAM CA    HA     sing N N 306 
SAM C     O      doub N N 307 
SAM C     OXT    sing N N 308 
SAM CB    CG     sing N N 309 
SAM CB    HB1    sing N N 310 
SAM CB    HB2    sing N N 311 
SAM CG    SD     sing N N 312 
SAM CG    HG1    sing N N 313 
SAM CG    HG2    sing N N 314 
SAM SD    CE     sing N N 315 
SAM SD    "C5'"  sing N N 316 
SAM CE    HE1    sing N N 317 
SAM CE    HE2    sing N N 318 
SAM CE    HE3    sing N N 319 
SAM "C5'" "C4'"  sing N N 320 
SAM "C5'" "H5'1" sing N N 321 
SAM "C5'" "H5'2" sing N N 322 
SAM "C4'" "O4'"  sing N N 323 
SAM "C4'" "C3'"  sing N N 324 
SAM "C4'" "H4'"  sing N N 325 
SAM "O4'" "C1'"  sing N N 326 
SAM "C3'" "O3'"  sing N N 327 
SAM "C3'" "C2'"  sing N N 328 
SAM "C3'" "H3'"  sing N N 329 
SAM "O3'" "HO3'" sing N N 330 
SAM "C2'" "O2'"  sing N N 331 
SAM "C2'" "C1'"  sing N N 332 
SAM "C2'" "H2'"  sing N N 333 
SAM "O2'" "HO2'" sing N N 334 
SAM "C1'" N9     sing N N 335 
SAM "C1'" "H1'"  sing N N 336 
SAM N9    C8     sing Y N 337 
SAM N9    C4     sing Y N 338 
SAM C8    N7     doub Y N 339 
SAM C8    H8     sing N N 340 
SAM N7    C5     sing Y N 341 
SAM C5    C6     sing Y N 342 
SAM C5    C4     doub Y N 343 
SAM C6    N6     sing N N 344 
SAM C6    N1     doub Y N 345 
SAM N6    HN61   sing N N 346 
SAM N6    HN62   sing N N 347 
SAM N1    C2     sing Y N 348 
SAM C2    N3     doub Y N 349 
SAM C2    H2     sing N N 350 
SAM N3    C4     sing Y N 351 
SER N     CA     sing N N 352 
SER N     H      sing N N 353 
SER N     H2     sing N N 354 
SER CA    C      sing N N 355 
SER CA    CB     sing N N 356 
SER CA    HA     sing N N 357 
SER C     O      doub N N 358 
SER C     OXT    sing N N 359 
SER CB    OG     sing N N 360 
SER CB    HB2    sing N N 361 
SER CB    HB3    sing N N 362 
SER OG    HG     sing N N 363 
SER OXT   HXT    sing N N 364 
THR N     CA     sing N N 365 
THR N     H      sing N N 366 
THR N     H2     sing N N 367 
THR CA    C      sing N N 368 
THR CA    CB     sing N N 369 
THR CA    HA     sing N N 370 
THR C     O      doub N N 371 
THR C     OXT    sing N N 372 
THR CB    OG1    sing N N 373 
THR CB    CG2    sing N N 374 
THR CB    HB     sing N N 375 
THR OG1   HG1    sing N N 376 
THR CG2   HG21   sing N N 377 
THR CG2   HG22   sing N N 378 
THR CG2   HG23   sing N N 379 
THR OXT   HXT    sing N N 380 
TRP N     CA     sing N N 381 
TRP N     H      sing N N 382 
TRP N     H2     sing N N 383 
TRP CA    C      sing N N 384 
TRP CA    CB     sing N N 385 
TRP CA    HA     sing N N 386 
TRP C     O      doub N N 387 
TRP C     OXT    sing N N 388 
TRP CB    CG     sing N N 389 
TRP CB    HB2    sing N N 390 
TRP CB    HB3    sing N N 391 
TRP CG    CD1    doub Y N 392 
TRP CG    CD2    sing Y N 393 
TRP CD1   NE1    sing Y N 394 
TRP CD1   HD1    sing N N 395 
TRP CD2   CE2    doub Y N 396 
TRP CD2   CE3    sing Y N 397 
TRP NE1   CE2    sing Y N 398 
TRP NE1   HE1    sing N N 399 
TRP CE2   CZ2    sing Y N 400 
TRP CE3   CZ3    doub Y N 401 
TRP CE3   HE3    sing N N 402 
TRP CZ2   CH2    doub Y N 403 
TRP CZ2   HZ2    sing N N 404 
TRP CZ3   CH2    sing Y N 405 
TRP CZ3   HZ3    sing N N 406 
TRP CH2   HH2    sing N N 407 
TRP OXT   HXT    sing N N 408 
TYR N     CA     sing N N 409 
TYR N     H      sing N N 410 
TYR N     H2     sing N N 411 
TYR CA    C      sing N N 412 
TYR CA    CB     sing N N 413 
TYR CA    HA     sing N N 414 
TYR C     O      doub N N 415 
TYR C     OXT    sing N N 416 
TYR CB    CG     sing N N 417 
TYR CB    HB2    sing N N 418 
TYR CB    HB3    sing N N 419 
TYR CG    CD1    doub Y N 420 
TYR CG    CD2    sing Y N 421 
TYR CD1   CE1    sing Y N 422 
TYR CD1   HD1    sing N N 423 
TYR CD2   CE2    doub Y N 424 
TYR CD2   HD2    sing N N 425 
TYR CE1   CZ     doub Y N 426 
TYR CE1   HE1    sing N N 427 
TYR CE2   CZ     sing Y N 428 
TYR CE2   HE2    sing N N 429 
TYR CZ    OH     sing N N 430 
TYR OH    HH     sing N N 431 
TYR OXT   HXT    sing N N 432 
VAL N     CA     sing N N 433 
VAL N     H      sing N N 434 
VAL N     H2     sing N N 435 
VAL CA    C      sing N N 436 
VAL CA    CB     sing N N 437 
VAL CA    HA     sing N N 438 
VAL C     O      doub N N 439 
VAL C     OXT    sing N N 440 
VAL CB    CG1    sing N N 441 
VAL CB    CG2    sing N N 442 
VAL CB    HB     sing N N 443 
VAL CG1   HG11   sing N N 444 
VAL CG1   HG12   sing N N 445 
VAL CG1   HG13   sing N N 446 
VAL CG2   HG21   sing N N 447 
VAL CG2   HG22   sing N N 448 
VAL CG2   HG23   sing N N 449 
VAL OXT   HXT    sing N N 450 
# 
_atom_sites.entry_id                    3KPC 
_atom_sites.fract_transf_matrix[1][1]   0.01299018 
_atom_sites.fract_transf_matrix[1][2]   -0.00255468 
_atom_sites.fract_transf_matrix[1][3]   -0.01448281 
_atom_sites.fract_transf_matrix[2][1]   -0.00626221 
_atom_sites.fract_transf_matrix[2][2]   0.01008819 
_atom_sites.fract_transf_matrix[2][3]   -0.00739630 
_atom_sites.fract_transf_matrix[3][1]   0.00696028 
_atom_sites.fract_transf_matrix[3][2]   0.00787874 
_atom_sites.fract_transf_matrix[3][3]   0.00485317 
_atom_sites.fract_transf_vector[1]      0.072104 
_atom_sites.fract_transf_vector[2]      -0.313401 
_atom_sites.fract_transf_vector[3]      -0.269659 
# 
loop_
_atom_type.symbol 
C 
N 
O 
S 
# 
loop_
_atom_site.group_PDB 
_atom_site.id 
_atom_site.type_symbol 
_atom_site.label_atom_id 
_atom_site.label_alt_id 
_atom_site.label_comp_id 
_atom_site.label_asym_id 
_atom_site.label_entity_id 
_atom_site.label_seq_id 
_atom_site.pdbx_PDB_ins_code 
_atom_site.Cartn_x 
_atom_site.Cartn_y 
_atom_site.Cartn_z 
_atom_site.occupancy 
_atom_site.B_iso_or_equiv 
_atom_site.pdbx_formal_charge 
_atom_site.auth_seq_id 
_atom_site.auth_comp_id 
_atom_site.auth_asym_id 
_atom_site.auth_atom_id 
_atom_site.pdbx_PDB_model_num 
ATOM   1    N N     . PRO A 1 1   ? 13.567  21.026  8.679   1.00 28.23 ? 386  PRO A N     1 
ATOM   2    C CA    . PRO A 1 1   ? 12.820  20.219  9.648   1.00 27.94 ? 386  PRO A CA    1 
ATOM   3    C C     . PRO A 1 1   ? 12.895  18.723  9.311   1.00 27.39 ? 386  PRO A C     1 
ATOM   4    O O     . PRO A 1 1   ? 13.431  18.363  8.261   1.00 27.44 ? 386  PRO A O     1 
ATOM   5    C CB    . PRO A 1 1   ? 11.376  20.728  9.495   1.00 28.08 ? 386  PRO A CB    1 
ATOM   6    C CG    . PRO A 1 1   ? 11.452  21.949  8.601   1.00 28.33 ? 386  PRO A CG    1 
ATOM   7    C CD    . PRO A 1 1   ? 12.675  21.760  7.765   1.00 28.35 ? 386  PRO A CD    1 
ATOM   8    N N     . ILE A 1 2   ? 12.379  17.857  10.184  1.00 26.51 ? 387  ILE A N     1 
ATOM   9    C CA    . ILE A 1 2   ? 12.239  16.438  9.836   1.00 25.55 ? 387  ILE A CA    1 
ATOM   10   C C     . ILE A 1 2   ? 10.793  16.162  9.405   1.00 24.80 ? 387  ILE A C     1 
ATOM   11   O O     . ILE A 1 2   ? 9.865   16.324  10.201  1.00 24.67 ? 387  ILE A O     1 
ATOM   12   C CB    . ILE A 1 2   ? 12.659  15.488  10.995  1.00 25.64 ? 387  ILE A CB    1 
ATOM   13   C CG1   . ILE A 1 2   ? 14.101  15.774  11.435  1.00 25.64 ? 387  ILE A CG1   1 
ATOM   14   C CG2   . ILE A 1 2   ? 12.490  14.022  10.579  1.00 25.58 ? 387  ILE A CG2   1 
ATOM   15   C CD1   . ILE A 1 2   ? 14.508  15.084  12.746  1.00 25.72 ? 387  ILE A CD1   1 
ATOM   16   N N     . THR A 1 3   ? 10.606  15.765  8.147   1.00 23.88 ? 388  THR A N     1 
ATOM   17   C CA    . THR A 1 3   ? 9.273   15.450  7.621   1.00 23.02 ? 388  THR A CA    1 
ATOM   18   C C     . THR A 1 3   ? 8.851   14.065  8.094   1.00 22.40 ? 388  THR A C     1 
ATOM   19   O O     . THR A 1 3   ? 9.625   13.110  7.989   1.00 22.11 ? 388  THR A O     1 
ATOM   20   C CB    . THR A 1 3   ? 9.242   15.506  6.074   1.00 23.07 ? 388  THR A CB    1 
ATOM   21   O OG1   . THR A 1 3   ? 9.761   16.766  5.629   1.00 23.14 ? 388  THR A OG1   1 
ATOM   22   C CG2   . THR A 1 3   ? 7.820   15.336  5.544   1.00 23.09 ? 388  THR A CG2   1 
ATOM   23   N N     . LEU A 1 4   ? 7.634   13.955  8.616   1.00 21.96 ? 389  LEU A N     1 
ATOM   24   C CA    . LEU A 1 4   ? 7.132   12.674  9.104   1.00 21.76 ? 389  LEU A CA    1 
ATOM   25   C C     . LEU A 1 4   ? 6.029   12.149  8.206   1.00 21.78 ? 389  LEU A C     1 
ATOM   26   O O     . LEU A 1 4   ? 5.454   12.899  7.412   1.00 21.71 ? 389  LEU A O     1 
ATOM   27   C CB    . LEU A 1 4   ? 6.632   12.805  10.548  1.00 21.69 ? 389  LEU A CB    1 
ATOM   28   C CG    . LEU A 1 4   ? 7.602   13.418  11.564  1.00 21.63 ? 389  LEU A CG    1 
ATOM   29   C CD1   . LEU A 1 4   ? 6.942   13.551  12.924  1.00 21.68 ? 389  LEU A CD1   1 
ATOM   30   C CD2   . LEU A 1 4   ? 8.901   12.624  11.681  1.00 21.51 ? 389  LEU A CD2   1 
ATOM   31   N N     . VAL A 1 5   ? 5.743   10.854  8.329   1.00 21.99 ? 390  VAL A N     1 
ATOM   32   C CA    . VAL A 1 5   ? 4.689   10.205  7.552   1.00 22.29 ? 390  VAL A CA    1 
ATOM   33   C C     . VAL A 1 5   ? 3.369   10.965  7.644   1.00 22.83 ? 390  VAL A C     1 
ATOM   34   O O     . VAL A 1 5   ? 2.712   11.194  6.624   1.00 22.86 ? 390  VAL A O     1 
ATOM   35   C CB    . VAL A 1 5   ? 4.494   8.728   7.975   1.00 22.19 ? 390  VAL A CB    1 
ATOM   36   C CG1   . VAL A 1 5   ? 3.138   8.183   7.530   1.00 21.98 ? 390  VAL A CG1   1 
ATOM   37   C CG2   . VAL A 1 5   ? 5.617   7.867   7.426   1.00 22.04 ? 390  VAL A CG2   1 
ATOM   38   N N     . LYS A 1 6   ? 3.000   11.371  8.859   1.00 23.58 ? 391  LYS A N     1 
ATOM   39   C CA    . LYS A 1 6   ? 1.743   12.091  9.073   1.00 24.46 ? 391  LYS A CA    1 
ATOM   40   C C     . LYS A 1 6   ? 1.651   13.433  8.334   1.00 24.97 ? 391  LYS A C     1 
ATOM   41   O O     . LYS A 1 6   ? 0.552   13.958  8.145   1.00 24.99 ? 391  LYS A O     1 
ATOM   42   C CB    . LYS A 1 6   ? 1.420   12.249  10.568  1.00 24.53 ? 391  LYS A CB    1 
ATOM   43   C CG    . LYS A 1 6   ? 2.427   13.043  11.403  1.00 25.26 ? 391  LYS A CG    1 
ATOM   44   C CD    . LYS A 1 6   ? 1.885   13.192  12.823  1.00 26.55 ? 391  LYS A CD    1 
ATOM   45   C CE    . LYS A 1 6   ? 2.916   13.770  13.778  1.00 27.26 ? 391  LYS A CE    1 
ATOM   46   N NZ    . LYS A 1 6   ? 2.401   13.810  15.183  1.00 27.68 ? 391  LYS A NZ    1 
ATOM   47   N N     . ASP A 1 7   ? 2.791   13.974  7.907   1.00 25.77 ? 392  ASP A N     1 
ATOM   48   C CA    . ASP A 1 7   ? 2.803   15.220  7.138   1.00 26.58 ? 392  ASP A CA    1 
ATOM   49   C C     . ASP A 1 7   ? 2.455   15.005  5.658   1.00 27.06 ? 392  ASP A C     1 
ATOM   50   O O     . ASP A 1 7   ? 1.972   15.934  4.999   1.00 27.14 ? 392  ASP A O     1 
ATOM   51   C CB    . ASP A 1 7   ? 4.158   15.939  7.249   1.00 26.60 ? 392  ASP A CB    1 
ATOM   52   C CG    . ASP A 1 7   ? 4.605   16.161  8.688   1.00 26.78 ? 392  ASP A CG    1 
ATOM   53   O OD1   . ASP A 1 7   ? 5.816   16.007  8.951   1.00 26.85 ? 392  ASP A OD1   1 
ATOM   54   O OD2   . ASP A 1 7   ? 3.760   16.488  9.550   1.00 26.98 ? 392  ASP A OD2   1 
ATOM   55   N N     . ILE A 1 8   ? 2.697   13.801  5.131   1.00 27.65 ? 393  ILE A N     1 
ATOM   56   C CA    . ILE A 1 8   ? 2.545   13.548  3.683   1.00 28.19 ? 393  ILE A CA    1 
ATOM   57   C C     . ILE A 1 8   ? 1.598   12.413  3.270   1.00 28.65 ? 393  ILE A C     1 
ATOM   58   O O     . ILE A 1 8   ? 1.321   12.246  2.076   1.00 28.76 ? 393  ILE A O     1 
ATOM   59   C CB    . ILE A 1 8   ? 3.912   13.305  2.970   1.00 28.13 ? 393  ILE A CB    1 
ATOM   60   C CG1   . ILE A 1 8   ? 4.510   11.939  3.364   1.00 27.99 ? 393  ILE A CG1   1 
ATOM   61   C CG2   . ILE A 1 8   ? 4.879   14.464  3.223   1.00 28.11 ? 393  ILE A CG2   1 
ATOM   62   C CD1   . ILE A 1 8   ? 5.484   11.385  2.290   1.00 27.73 ? 393  ILE A CD1   1 
ATOM   63   N N     . LEU A 1 9   ? 1.113   11.636  4.235   1.00 29.07 ? 394  LEU A N     1 
ATOM   64   C CA    . LEU A 1 9   ? 0.323   10.443  3.914   1.00 29.39 ? 394  LEU A CA    1 
ATOM   65   C C     . LEU A 1 9   ? -1.025  10.791  3.269   1.00 29.44 ? 394  LEU A C     1 
ATOM   66   O O     . LEU A 1 9   ? -1.582  11.870  3.504   1.00 29.50 ? 394  LEU A O     1 
ATOM   67   C CB    . LEU A 1 9   ? 0.145   9.541   5.148   1.00 29.45 ? 394  LEU A CB    1 
ATOM   68   C CG    . LEU A 1 9   ? -1.054  9.655   6.107   1.00 29.67 ? 394  LEU A CG    1 
ATOM   69   C CD1   . LEU A 1 9   ? -0.793  8.787   7.378   1.00 29.77 ? 394  LEU A CD1   1 
ATOM   70   C CD2   . LEU A 1 9   ? -1.388  11.121  6.528   1.00 29.82 ? 394  LEU A CD2   1 
ATOM   71   N N     . SER A 1 10  ? -1.517  9.877   2.437   1.00 29.41 ? 395  SER A N     1 
ATOM   72   C CA    . SER A 1 10  ? -2.843  9.985   1.842   1.00 29.29 ? 395  SER A CA    1 
ATOM   73   C C     . SER A 1 10  ? -3.856  9.298   2.750   1.00 29.12 ? 395  SER A C     1 
ATOM   74   O O     . SER A 1 10  ? -3.660  8.149   3.162   1.00 29.02 ? 395  SER A O     1 
ATOM   75   C CB    . SER A 1 10  ? -2.873  9.331   0.453   1.00 29.35 ? 395  SER A CB    1 
ATOM   76   O OG    . SER A 1 10  ? -2.078  10.051  -0.486  1.00 29.46 ? 395  SER A OG    1 
ATOM   77   N N     . LYS A 1 11  ? -4.930  10.020  3.065   1.00 28.93 ? 396  LYS A N     1 
ATOM   78   C CA    . LYS A 1 11  ? -6.048  9.493   3.850   1.00 28.77 ? 396  LYS A CA    1 
ATOM   79   C C     . LYS A 1 11  ? -7.355  10.158  3.385   1.00 28.07 ? 396  LYS A C     1 
ATOM   80   O O     . LYS A 1 11  ? -7.317  11.265  2.842   1.00 28.19 ? 396  LYS A O     1 
ATOM   81   C CB    . LYS A 1 11  ? -5.808  9.682   5.360   1.00 29.03 ? 396  LYS A CB    1 
ATOM   82   C CG    . LYS A 1 11  ? -5.803  11.130  5.863   1.00 29.98 ? 396  LYS A CG    1 
ATOM   83   C CD    . LYS A 1 11  ? -5.370  11.190  7.324   1.00 31.50 ? 396  LYS A CD    1 
ATOM   84   C CE    . LYS A 1 11  ? -5.089  12.620  7.779   1.00 32.27 ? 396  LYS A CE    1 
ATOM   85   N NZ    . LYS A 1 11  ? -6.426  13.171  8.461   1.00 32.71 ? 396  LYS A NZ    1 
ATOM   86   N N     . PRO A 1 12  ? -8.512  9.495   3.589   1.00 27.15 ? 397  PRO A N     1 
ATOM   87   C CA    . PRO A 1 12  ? -8.664  8.216   4.272   1.00 26.04 ? 397  PRO A CA    1 
ATOM   88   C C     . PRO A 1 12  ? -8.070  7.088   3.439   1.00 24.57 ? 397  PRO A C     1 
ATOM   89   O O     . PRO A 1 12  ? -7.931  7.233   2.220   1.00 24.47 ? 397  PRO A O     1 
ATOM   90   C CB    . PRO A 1 12  ? -10.183 8.060   4.389   1.00 26.18 ? 397  PRO A CB    1 
ATOM   91   C CG    . PRO A 1 12  ? -10.720 8.807   3.228   1.00 26.80 ? 397  PRO A CG    1 
ATOM   92   C CD    . PRO A 1 12  ? -9.801  9.983   3.057   1.00 27.20 ? 397  PRO A CD    1 
ATOM   93   N N     . PRO A 1 13  ? -7.706  5.972   4.091   1.00 23.22 ? 398  PRO A N     1 
ATOM   94   C CA    . PRO A 1 13  ? -7.183  4.868   3.307   1.00 22.16 ? 398  PRO A CA    1 
ATOM   95   C C     . PRO A 1 13  ? -8.301  4.168   2.541   1.00 21.06 ? 398  PRO A C     1 
ATOM   96   O O     . PRO A 1 13  ? -9.418  4.031   3.051   1.00 21.03 ? 398  PRO A O     1 
ATOM   97   C CB    . PRO A 1 13  ? -6.587  3.938   4.364   1.00 22.21 ? 398  PRO A CB    1 
ATOM   98   C CG    . PRO A 1 13  ? -7.364  4.207   5.597   1.00 22.64 ? 398  PRO A CG    1 
ATOM   99   C CD    . PRO A 1 13  ? -7.821  5.638   5.530   1.00 23.13 ? 398  PRO A CD    1 
ATOM   100  N N     . ILE A 1 14  ? -8.000  3.761   1.314   1.00 19.74 ? 399  ILE A N     1 
ATOM   101  C CA    . ILE A 1 14  ? -8.892  2.908   0.545   1.00 18.44 ? 399  ILE A CA    1 
ATOM   102  C C     . ILE A 1 14  ? -8.437  1.474   0.791   1.00 17.49 ? 399  ILE A C     1 
ATOM   103  O O     . ILE A 1 14  ? -7.290  1.128   0.501   1.00 17.30 ? 399  ILE A O     1 
ATOM   104  C CB    . ILE A 1 14  ? -8.839  3.238   -0.975  1.00 18.55 ? 399  ILE A CB    1 
ATOM   105  C CG1   . ILE A 1 14  ? -9.174  4.717   -1.238  1.00 18.74 ? 399  ILE A CG1   1 
ATOM   106  C CG2   . ILE A 1 14  ? -9.752  2.302   -1.775  1.00 18.49 ? 399  ILE A CG2   1 
ATOM   107  C CD1   . ILE A 1 14  ? -10.555 5.174   -0.759  1.00 19.11 ? 399  ILE A CD1   1 
ATOM   108  N N     . THR A 1 15  ? -9.319  0.649   1.349   1.00 16.45 ? 400  THR A N     1 
ATOM   109  C CA    . THR A 1 15  ? -8.989  -0.747  1.658   1.00 15.61 ? 400  THR A CA    1 
ATOM   110  C C     . THR A 1 15  ? -10.076 -1.682  1.146   1.00 15.21 ? 400  THR A C     1 
ATOM   111  O O     . THR A 1 15  ? -11.138 -1.233  0.710   1.00 15.12 ? 400  THR A O     1 
ATOM   112  C CB    . THR A 1 15  ? -8.820  -0.978  3.181   1.00 15.60 ? 400  THR A CB    1 
ATOM   113  O OG1   . THR A 1 15  ? -10.063 -0.727  3.851   1.00 15.41 ? 400  THR A OG1   1 
ATOM   114  C CG2   . THR A 1 15  ? -7.731  -0.086  3.768   1.00 15.54 ? 400  THR A CG2   1 
ATOM   115  N N     . ALA A 1 16  ? -9.812  -2.984  1.206   1.00 14.79 ? 401  ALA A N     1 
ATOM   116  C CA    . ALA A 1 16  ? -10.813 -3.980  0.849   1.00 14.50 ? 401  ALA A CA    1 
ATOM   117  C C     . ALA A 1 16  ? -10.640 -5.240  1.683   1.00 14.39 ? 401  ALA A C     1 
ATOM   118  O O     . ALA A 1 16  ? -9.589  -5.456  2.290   1.00 14.22 ? 401  ALA A O     1 
ATOM   119  C CB    . ALA A 1 16  ? -10.733 -4.309  -0.636  1.00 14.45 ? 401  ALA A CB    1 
ATOM   120  N N     . HIS A 1 17  ? -11.679 -6.063  1.713   1.00 14.40 ? 402  HIS A N     1 
ATOM   121  C CA    . HIS A 1 17  ? -11.608 -7.380  2.331   1.00 14.60 ? 402  HIS A CA    1 
ATOM   122  C C     . HIS A 1 17  ? -11.094 -8.404  1.313   1.00 14.39 ? 402  HIS A C     1 
ATOM   123  O O     . HIS A 1 17  ? -11.150 -8.163  0.104   1.00 14.34 ? 402  HIS A O     1 
ATOM   124  C CB    . HIS A 1 17  ? -12.979 -7.765  2.904   1.00 14.84 ? 402  HIS A CB    1 
ATOM   125  C CG    . HIS A 1 17  ? -13.483 -6.801  3.935   1.00 16.00 ? 402  HIS A CG    1 
ATOM   126  N ND1   . HIS A 1 17  ? -12.765 -6.499  5.071   1.00 16.98 ? 402  HIS A ND1   1 
ATOM   127  C CD2   . HIS A 1 17  ? -14.616 -6.061  3.999   1.00 16.93 ? 402  HIS A CD2   1 
ATOM   128  C CE1   . HIS A 1 17  ? -13.431 -5.614  5.792   1.00 17.37 ? 402  HIS A CE1   1 
ATOM   129  N NE2   . HIS A 1 17  ? -14.560 -5.334  5.165   1.00 17.42 ? 402  HIS A NE2   1 
ATOM   130  N N     . SER A 1 18  ? -10.592 -9.538  1.802   1.00 14.28 ? 403  SER A N     1 
ATOM   131  C CA    . SER A 1 18  ? -9.913  -10.526 0.950   1.00 14.24 ? 403  SER A CA    1 
ATOM   132  C C     . SER A 1 18  ? -10.852 -11.346 0.065   1.00 14.06 ? 403  SER A C     1 
ATOM   133  O O     . SER A 1 18  ? -10.399 -12.064 -0.835  1.00 14.08 ? 403  SER A O     1 
ATOM   134  C CB    . SER A 1 18  ? -9.053  -11.465 1.803   1.00 14.32 ? 403  SER A CB    1 
ATOM   135  O OG    . SER A 1 18  ? -9.859  -12.375 2.536   1.00 14.64 ? 403  SER A OG    1 
ATOM   136  N N     . ASN A 1 19  ? -12.154 -11.239 0.326   1.00 13.80 ? 404  ASN A N     1 
ATOM   137  C CA    . ASN A 1 19  ? -13.163 -12.025 -0.387  1.00 13.61 ? 404  ASN A CA    1 
ATOM   138  C C     . ASN A 1 19  ? -13.676 -11.393 -1.680  1.00 13.45 ? 404  ASN A C     1 
ATOM   139  O O     . ASN A 1 19  ? -14.512 -11.989 -2.366  1.00 13.55 ? 404  ASN A O     1 
ATOM   140  C CB    . ASN A 1 19  ? -14.330 -12.415 0.544   1.00 13.59 ? 404  ASN A CB    1 
ATOM   141  C CG    . ASN A 1 19  ? -15.271 -11.249 0.856   1.00 13.74 ? 404  ASN A CG    1 
ATOM   142  O OD1   . ASN A 1 19  ? -16.488 -11.428 0.913   1.00 14.21 ? 404  ASN A OD1   1 
ATOM   143  N ND2   . ASN A 1 19  ? -14.712 -10.061 1.067   1.00 13.46 ? 404  ASN A ND2   1 
ATOM   144  N N     . ILE A 1 20  ? -13.193 -10.196 -2.014  1.00 13.23 ? 405  ILE A N     1 
ATOM   145  C CA    . ILE A 1 20  ? -13.538 -9.602  -3.312  1.00 12.97 ? 405  ILE A CA    1 
ATOM   146  C C     . ILE A 1 20  ? -12.806 -10.357 -4.418  1.00 12.77 ? 405  ILE A C     1 
ATOM   147  O O     . ILE A 1 20  ? -11.793 -11.015 -4.162  1.00 12.76 ? 405  ILE A O     1 
ATOM   148  C CB    . ILE A 1 20  ? -13.249 -8.074  -3.386  1.00 13.00 ? 405  ILE A CB    1 
ATOM   149  C CG1   . ILE A 1 20  ? -11.743 -7.779  -3.337  1.00 13.02 ? 405  ILE A CG1   1 
ATOM   150  C CG2   . ILE A 1 20  ? -14.034 -7.319  -2.306  1.00 12.95 ? 405  ILE A CG2   1 
ATOM   151  C CD1   . ILE A 1 20  ? -11.378 -6.345  -3.693  1.00 13.17 ? 405  ILE A CD1   1 
ATOM   152  N N     . SER A 1 21  ? -13.327 -10.285 -5.639  1.00 12.50 ? 406  SER A N     1 
ATOM   153  C CA    . SER A 1 21  ? -12.687 -10.944 -6.773  1.00 12.21 ? 406  SER A CA    1 
ATOM   154  C C     . SER A 1 21  ? -11.493 -10.132 -7.266  1.00 12.11 ? 406  SER A C     1 
ATOM   155  O O     . SER A 1 21  ? -11.335 -8.964  -6.896  1.00 11.99 ? 406  SER A O     1 
ATOM   156  C CB    . SER A 1 21  ? -13.686 -11.149 -7.912  1.00 12.17 ? 406  SER A CB    1 
ATOM   157  O OG    . SER A 1 21  ? -14.037 -9.915  -8.511  1.00 12.10 ? 406  SER A OG    1 
ATOM   158  N N     . ILE A 1 22  ? -10.660 -10.747 -8.103  1.00 12.05 ? 407  ILE A N     1 
ATOM   159  C CA    . ILE A 1 22  ? -9.548  -10.030 -8.731  1.00 12.06 ? 407  ILE A CA    1 
ATOM   160  C C     . ILE A 1 22  ? -10.067 -8.888  -9.615  1.00 12.15 ? 407  ILE A C     1 
ATOM   161  O O     . ILE A 1 22  ? -9.510  -7.786  -9.587  1.00 12.14 ? 407  ILE A O     1 
ATOM   162  C CB    . ILE A 1 22  ? -8.598  -10.977 -9.510  1.00 11.97 ? 407  ILE A CB    1 
ATOM   163  C CG1   . ILE A 1 22  ? -7.973  -11.992 -8.543  1.00 11.88 ? 407  ILE A CG1   1 
ATOM   164  C CG2   . ILE A 1 22  ? -7.506  -10.186 -10.235 1.00 12.07 ? 407  ILE A CG2   1 
ATOM   165  C CD1   . ILE A 1 22  ? -7.053  -13.012 -9.191  1.00 11.68 ? 407  ILE A CD1   1 
ATOM   166  N N     . MET A 1 23  ? -11.140 -9.141  -10.368 1.00 12.27 ? 408  MET A N     1 
ATOM   167  C CA    . MET A 1 23  ? -11.762 -8.092  -11.185 1.00 12.41 ? 408  MET A CA    1 
ATOM   168  C C     . MET A 1 23  ? -12.263 -6.929  -10.329 1.00 12.15 ? 408  MET A C     1 
ATOM   169  O O     . MET A 1 23  ? -12.080 -5.766  -10.693 1.00 12.14 ? 408  MET A O     1 
ATOM   170  C CB    . MET A 1 23  ? -12.901 -8.637  -12.053 1.00 12.64 ? 408  MET A CB    1 
ATOM   171  C CG    . MET A 1 23  ? -13.492 -7.596  -13.016 1.00 13.82 ? 408  MET A CG    1 
ATOM   172  S SD    . MET A 1 23  ? -14.773 -8.294  -14.102 1.00 16.30 ? 408  MET A SD    1 
ATOM   173  C CE    . MET A 1 23  ? -13.768 -9.364  -15.143 1.00 16.23 ? 408  MET A CE    1 
ATOM   174  N N     . GLU A 1 24  ? -12.891 -7.244  -9.196  1.00 11.92 ? 409  GLU A N     1 
ATOM   175  C CA    . GLU A 1 24  ? -13.372 -6.219  -8.266  1.00 11.72 ? 409  GLU A CA    1 
ATOM   176  C C     . GLU A 1 24  ? -12.239 -5.373  -7.681  1.00 11.59 ? 409  GLU A C     1 
ATOM   177  O O     . GLU A 1 24  ? -12.394 -4.161  -7.515  1.00 11.59 ? 409  GLU A O     1 
ATOM   178  C CB    . GLU A 1 24  ? -14.222 -6.843  -7.153  1.00 11.73 ? 409  GLU A CB    1 
ATOM   179  C CG    . GLU A 1 24  ? -15.650 -7.170  -7.587  1.00 11.99 ? 409  GLU A CG    1 
ATOM   180  C CD    . GLU A 1 24  ? -16.378 -8.135  -6.659  1.00 12.47 ? 409  GLU A CD    1 
ATOM   181  O OE1   . GLU A 1 24  ? -15.768 -8.637  -5.686  1.00 12.56 ? 409  GLU A OE1   1 
ATOM   182  O OE2   . GLU A 1 24  ? -17.576 -8.395  -6.907  1.00 12.98 ? 409  GLU A OE2   1 
ATOM   183  N N     . ALA A 1 25  ? -11.110 -6.012  -7.370  1.00 11.59 ? 410  ALA A N     1 
ATOM   184  C CA    . ALA A 1 25  ? -9.922  -5.298  -6.900  1.00 11.58 ? 410  ALA A CA    1 
ATOM   185  C C     . ALA A 1 25  ? -9.397  -4.350  -7.976  1.00 11.59 ? 410  ALA A C     1 
ATOM   186  O O     . ALA A 1 25  ? -9.083  -3.194  -7.685  1.00 11.55 ? 410  ALA A O     1 
ATOM   187  C CB    . ALA A 1 25  ? -8.838  -6.271  -6.472  1.00 11.59 ? 410  ALA A CB    1 
ATOM   188  N N     . ALA A 1 26  ? -9.310  -4.844  -9.211  1.00 11.59 ? 411  ALA A N     1 
ATOM   189  C CA    . ALA A 1 26  ? -8.872  -4.030  -10.344 1.00 11.63 ? 411  ALA A CA    1 
ATOM   190  C C     . ALA A 1 26  ? -9.761  -2.798  -10.504 1.00 11.73 ? 411  ALA A C     1 
ATOM   191  O O     . ALA A 1 26  ? -9.260  -1.693  -10.725 1.00 11.70 ? 411  ALA A O     1 
ATOM   192  C CB    . ALA A 1 26  ? -8.859  -4.856  -11.626 1.00 11.61 ? 411  ALA A CB    1 
ATOM   193  N N     . LYS A 1 27  ? -11.072 -2.998  -10.371 1.00 11.85 ? 412  LYS A N     1 
ATOM   194  C CA    . LYS A 1 27  ? -12.051 -1.912  -10.474 1.00 12.16 ? 412  LYS A CA    1 
ATOM   195  C C     . LYS A 1 27  ? -11.829 -0.819  -9.423  1.00 12.25 ? 412  LYS A C     1 
ATOM   196  O O     . LYS A 1 27  ? -11.996 0.366   -9.719  1.00 12.28 ? 412  LYS A O     1 
ATOM   197  C CB    . LYS A 1 27  ? -13.483 -2.461  -10.398 1.00 12.23 ? 412  LYS A CB    1 
ATOM   198  C CG    . LYS A 1 27  ? -13.969 -3.149  -11.678 1.00 12.82 ? 412  LYS A CG    1 
ATOM   199  C CD    . LYS A 1 27  ? -15.320 -3.830  -11.477 1.00 13.96 ? 412  LYS A CD    1 
ATOM   200  C CE    . LYS A 1 27  ? -15.864 -4.412  -12.782 1.00 14.65 ? 412  LYS A CE    1 
ATOM   201  N NZ    . LYS A 1 27  ? -17.193 -5.079  -12.576 1.00 15.18 ? 412  LYS A NZ    1 
ATOM   202  N N     . ILE A 1 28  ? -11.446 -1.217  -8.209  1.00 12.38 ? 413  ILE A N     1 
ATOM   203  C CA    . ILE A 1 28  ? -11.152 -0.263  -7.132  1.00 12.55 ? 413  ILE A CA    1 
ATOM   204  C C     . ILE A 1 28  ? -9.916  0.580   -7.469  1.00 12.56 ? 413  ILE A C     1 
ATOM   205  O O     . ILE A 1 28  ? -9.921  1.804   -7.280  1.00 12.56 ? 413  ILE A O     1 
ATOM   206  C CB    . ILE A 1 28  ? -10.979 -0.979  -5.764  1.00 12.57 ? 413  ILE A CB    1 
ATOM   207  C CG1   . ILE A 1 28  ? -12.313 -1.576  -5.302  1.00 12.60 ? 413  ILE A CG1   1 
ATOM   208  C CG2   . ILE A 1 28  ? -10.433 -0.013  -4.702  1.00 12.73 ? 413  ILE A CG2   1 
ATOM   209  C CD1   . ILE A 1 28  ? -12.192 -2.601  -4.179  1.00 12.37 ? 413  ILE A CD1   1 
ATOM   210  N N     . LEU A 1 29  ? -8.874  -0.075  -7.981  1.00 12.59 ? 414  LEU A N     1 
ATOM   211  C CA    . LEU A 1 29  ? -7.652  0.621   -8.398  1.00 12.64 ? 414  LEU A CA    1 
ATOM   212  C C     . LEU A 1 29  ? -7.923  1.668   -9.475  1.00 12.83 ? 414  LEU A C     1 
ATOM   213  O O     . LEU A 1 29  ? -7.365  2.768   -9.432  1.00 12.82 ? 414  LEU A O     1 
ATOM   214  C CB    . LEU A 1 29  ? -6.585  -0.371  -8.887  1.00 12.55 ? 414  LEU A CB    1 
ATOM   215  C CG    . LEU A 1 29  ? -6.031  -1.409  -7.899  1.00 12.36 ? 414  LEU A CG    1 
ATOM   216  C CD1   . LEU A 1 29  ? -5.028  -2.317  -8.600  1.00 12.41 ? 414  LEU A CD1   1 
ATOM   217  C CD2   . LEU A 1 29  ? -5.396  -0.762  -6.666  1.00 12.22 ? 414  LEU A CD2   1 
ATOM   218  N N     . ILE A 1 30  ? -8.784  1.324   -10.431 1.00 13.17 ? 415  ILE A N     1 
ATOM   219  C CA    . ILE A 1 30  ? -9.137  2.247   -11.509 1.00 13.65 ? 415  ILE A CA    1 
ATOM   220  C C     . ILE A 1 30  ? -10.033 3.384   -11.005 1.00 14.11 ? 415  ILE A C     1 
ATOM   221  O O     . ILE A 1 30  ? -9.778  4.552   -11.308 1.00 14.14 ? 415  ILE A O     1 
ATOM   222  C CB    . ILE A 1 30  ? -9.784  1.521   -12.723 1.00 13.58 ? 415  ILE A CB    1 
ATOM   223  C CG1   . ILE A 1 30  ? -8.887  0.387   -13.256 1.00 13.60 ? 415  ILE A CG1   1 
ATOM   224  C CG2   . ILE A 1 30  ? -10.181 2.508   -13.833 1.00 13.73 ? 415  ILE A CG2   1 
ATOM   225  C CD1   . ILE A 1 30  ? -7.395  0.721   -13.368 1.00 13.59 ? 415  ILE A CD1   1 
ATOM   226  N N     . LYS A 1 31  ? -11.065 3.043   -10.234 1.00 14.72 ? 416  LYS A N     1 
ATOM   227  C CA    . LYS A 1 31  ? -11.995 4.033   -9.678  1.00 15.41 ? 416  LYS A CA    1 
ATOM   228  C C     . LYS A 1 31  ? -11.275 5.135   -8.893  1.00 15.53 ? 416  LYS A C     1 
ATOM   229  O O     . LYS A 1 31  ? -11.617 6.315   -9.012  1.00 15.61 ? 416  LYS A O     1 
ATOM   230  C CB    . LYS A 1 31  ? -13.029 3.337   -8.784  1.00 15.57 ? 416  LYS A CB    1 
ATOM   231  C CG    . LYS A 1 31  ? -14.054 4.250   -8.122  1.00 16.72 ? 416  LYS A CG    1 
ATOM   232  C CD    . LYS A 1 31  ? -14.930 3.455   -7.166  1.00 18.55 ? 416  LYS A CD    1 
ATOM   233  C CE    . LYS A 1 31  ? -15.938 4.339   -6.452  1.00 19.53 ? 416  LYS A CE    1 
ATOM   234  N NZ    . LYS A 1 31  ? -16.869 3.528   -5.613  1.00 20.13 ? 416  LYS A NZ    1 
ATOM   235  N N     . HIS A 1 32  ? -10.271 4.745   -8.112  1.00 15.76 ? 417  HIS A N     1 
ATOM   236  C CA    . HIS A 1 32  ? -9.595  5.667   -7.200  1.00 16.02 ? 417  HIS A CA    1 
ATOM   237  C C     . HIS A 1 32  ? -8.255  6.181   -7.690  1.00 15.95 ? 417  HIS A C     1 
ATOM   238  O O     . HIS A 1 32  ? -7.618  7.002   -7.020  1.00 16.03 ? 417  HIS A O     1 
ATOM   239  C CB    . HIS A 1 32  ? -9.443  5.020   -5.829  1.00 16.17 ? 417  HIS A CB    1 
ATOM   240  C CG    . HIS A 1 32  ? -10.737 4.901   -5.102  1.00 16.92 ? 417  HIS A CG    1 
ATOM   241  N ND1   . HIS A 1 32  ? -11.467 3.732   -5.061  1.00 17.57 ? 417  HIS A ND1   1 
ATOM   242  C CD2   . HIS A 1 32  ? -11.466 5.825   -4.435  1.00 17.47 ? 417  HIS A CD2   1 
ATOM   243  C CE1   . HIS A 1 32  ? -12.577 3.936   -4.376  1.00 17.78 ? 417  HIS A CE1   1 
ATOM   244  N NE2   . HIS A 1 32  ? -12.601 5.198   -3.985  1.00 17.86 ? 417  HIS A NE2   1 
ATOM   245  N N     . ASN A 1 33  ? -7.838  5.701   -8.859  1.00 15.81 ? 418  ASN A N     1 
ATOM   246  C CA    . ASN A 1 33  ? -6.611  6.157   -9.498  1.00 15.65 ? 418  ASN A CA    1 
ATOM   247  C C     . ASN A 1 33  ? -5.383  5.874   -8.638  1.00 15.01 ? 418  ASN A C     1 
ATOM   248  O O     . ASN A 1 33  ? -4.533  6.743   -8.418  1.00 14.93 ? 418  ASN A O     1 
ATOM   249  C CB    . ASN A 1 33  ? -6.719  7.645   -9.816  1.00 16.04 ? 418  ASN A CB    1 
ATOM   250  C CG    . ASN A 1 33  ? -6.449  7.944   -11.259 1.00 17.09 ? 418  ASN A CG    1 
ATOM   251  O OD1   . ASN A 1 33  ? -5.620  8.792   -11.579 1.00 18.09 ? 418  ASN A OD1   1 
ATOM   252  N ND2   . ASN A 1 33  ? -7.153  7.255   -12.152 1.00 18.01 ? 418  ASN A ND2   1 
ATOM   253  N N     . ILE A 1 34  ? -5.314  4.638   -8.153  1.00 14.25 ? 419  ILE A N     1 
ATOM   254  C CA    . ILE A 1 34  ? -4.273  4.199   -7.235  1.00 13.60 ? 419  ILE A CA    1 
ATOM   255  C C     . ILE A 1 34  ? -3.688  2.873   -7.709  1.00 13.26 ? 419  ILE A C     1 
ATOM   256  O O     . ILE A 1 34  ? -4.276  2.192   -8.552  1.00 13.21 ? 419  ILE A O     1 
ATOM   257  C CB    . ILE A 1 34  ? -4.826  4.036   -5.793  1.00 13.58 ? 419  ILE A CB    1 
ATOM   258  C CG1   . ILE A 1 34  ? -6.025  3.073   -5.777  1.00 13.58 ? 419  ILE A CG1   1 
ATOM   259  C CG2   . ILE A 1 34  ? -5.205  5.403   -5.206  1.00 13.55 ? 419  ILE A CG2   1 
ATOM   260  C CD1   . ILE A 1 34  ? -6.530  2.695   -4.394  1.00 13.69 ? 419  ILE A CD1   1 
ATOM   261  N N     . ASN A 1 35  ? -2.533  2.509   -7.159  1.00 12.86 ? 420  ASN A N     1 
ATOM   262  C CA    . ASN A 1 35  ? -1.882  1.243   -7.474  1.00 12.59 ? 420  ASN A CA    1 
ATOM   263  C C     . ASN A 1 35  ? -1.768  0.322   -6.265  1.00 12.56 ? 420  ASN A C     1 
ATOM   264  O O     . ASN A 1 35  ? -1.252  -0.788  -6.386  1.00 12.50 ? 420  ASN A O     1 
ATOM   265  C CB    . ASN A 1 35  ? -0.487  1.491   -8.055  1.00 12.51 ? 420  ASN A CB    1 
ATOM   266  C CG    . ASN A 1 35  ? -0.535  2.094   -9.438  1.00 12.56 ? 420  ASN A CG    1 
ATOM   267  O OD1   . ASN A 1 35  ? -0.792  1.402   -10.422 1.00 12.86 ? 420  ASN A OD1   1 
ATOM   268  N ND2   . ASN A 1 35  ? -0.283  3.395   -9.524  1.00 12.50 ? 420  ASN A ND2   1 
ATOM   269  N N     . HIS A 1 36  ? -2.240  0.783   -5.107  1.00 12.62 ? 421  HIS A N     1 
ATOM   270  C CA    . HIS A 1 36  ? -2.115  0.018   -3.859  1.00 12.71 ? 421  HIS A CA    1 
ATOM   271  C C     . HIS A 1 36  ? -3.444  -0.180  -3.161  1.00 12.60 ? 421  HIS A C     1 
ATOM   272  O O     . HIS A 1 36  ? -4.228  0.760   -3.012  1.00 12.63 ? 421  HIS A O     1 
ATOM   273  C CB    . HIS A 1 36  ? -1.154  0.703   -2.888  1.00 12.85 ? 421  HIS A CB    1 
ATOM   274  C CG    . HIS A 1 36  ? 0.212   0.905   -3.449  1.00 13.45 ? 421  HIS A CG    1 
ATOM   275  N ND1   . HIS A 1 36  ? 0.521   1.965   -4.272  1.00 13.90 ? 421  HIS A ND1   1 
ATOM   276  C CD2   . HIS A 1 36  ? 1.340   0.163   -3.351  1.00 14.06 ? 421  HIS A CD2   1 
ATOM   277  C CE1   . HIS A 1 36  ? 1.785   1.879   -4.646  1.00 14.26 ? 421  HIS A CE1   1 
ATOM   278  N NE2   . HIS A 1 36  ? 2.307   0.795   -4.101  1.00 14.37 ? 421  HIS A NE2   1 
ATOM   279  N N     . LEU A 1 37  ? -3.675  -1.407  -2.712  1.00 12.43 ? 422  LEU A N     1 
ATOM   280  C CA    . LEU A 1 37  ? -4.909  -1.758  -2.036  1.00 12.22 ? 422  LEU A CA    1 
ATOM   281  C C     . LEU A 1 37  ? -4.612  -2.649  -0.833  1.00 12.15 ? 422  LEU A C     1 
ATOM   282  O O     . LEU A 1 37  ? -4.491  -3.871  -0.976  1.00 12.02 ? 422  LEU A O     1 
ATOM   283  C CB    . LEU A 1 37  ? -5.882  -2.439  -3.008  1.00 12.21 ? 422  LEU A CB    1 
ATOM   284  C CG    . LEU A 1 37  ? -7.285  -2.765  -2.481  1.00 12.08 ? 422  LEU A CG    1 
ATOM   285  C CD1   . LEU A 1 37  ? -8.064  -1.506  -2.100  1.00 12.21 ? 422  LEU A CD1   1 
ATOM   286  C CD2   . LEU A 1 37  ? -8.059  -3.589  -3.496  1.00 12.36 ? 422  LEU A CD2   1 
ATOM   287  N N     . PRO A 1 38  ? -4.467  -2.034  0.357   1.00 12.19 ? 423  PRO A N     1 
ATOM   288  C CA    . PRO A 1 38  ? -4.348  -2.809  1.588   1.00 12.31 ? 423  PRO A CA    1 
ATOM   289  C C     . PRO A 1 38  ? -5.584  -3.691  1.775   1.00 12.45 ? 423  PRO A C     1 
ATOM   290  O O     . PRO A 1 38  ? -6.711  -3.231  1.569   1.00 12.44 ? 423  PRO A O     1 
ATOM   291  C CB    . PRO A 1 38  ? -4.288  -1.731  2.677   1.00 12.31 ? 423  PRO A CB    1 
ATOM   292  C CG    . PRO A 1 38  ? -3.769  -0.519  1.982   1.00 12.29 ? 423  PRO A CG    1 
ATOM   293  C CD    . PRO A 1 38  ? -4.367  -0.582  0.609   1.00 12.15 ? 423  PRO A CD    1 
ATOM   294  N N     . ILE A 1 39  ? -5.360  -4.951  2.142   1.00 12.76 ? 424  ILE A N     1 
ATOM   295  C CA    . ILE A 1 39  ? -6.439  -5.893  2.421   1.00 13.15 ? 424  ILE A CA    1 
ATOM   296  C C     . ILE A 1 39  ? -6.568  -6.025  3.933   1.00 13.85 ? 424  ILE A C     1 
ATOM   297  O O     . ILE A 1 39  ? -5.569  -6.244  4.629   1.00 13.71 ? 424  ILE A O     1 
ATOM   298  C CB    . ILE A 1 39  ? -6.169  -7.277  1.774   1.00 12.97 ? 424  ILE A CB    1 
ATOM   299  C CG1   . ILE A 1 39  ? -5.853  -7.139  0.274   1.00 12.84 ? 424  ILE A CG1   1 
ATOM   300  C CG2   . ILE A 1 39  ? -7.337  -8.230  2.013   1.00 12.92 ? 424  ILE A CG2   1 
ATOM   301  C CD1   . ILE A 1 39  ? -6.964  -6.513  -0.582  1.00 12.74 ? 424  ILE A CD1   1 
ATOM   302  N N     . VAL A 1 40  ? -7.785  -5.860  4.442   1.00 15.04 ? 425  VAL A N     1 
ATOM   303  C CA    . VAL A 1 40  ? -8.022  -5.861  5.884   1.00 16.57 ? 425  VAL A CA    1 
ATOM   304  C C     . VAL A 1 40  ? -9.078  -6.893  6.267   1.00 18.13 ? 425  VAL A C     1 
ATOM   305  O O     . VAL A 1 40  ? -9.921  -7.270  5.445   1.00 18.07 ? 425  VAL A O     1 
ATOM   306  C CB    . VAL A 1 40  ? -8.436  -4.453  6.412   1.00 16.31 ? 425  VAL A CB    1 
ATOM   307  C CG1   . VAL A 1 40  ? -7.294  -3.453  6.255   1.00 16.33 ? 425  VAL A CG1   1 
ATOM   308  C CG2   . VAL A 1 40  ? -9.707  -3.948  5.719   1.00 16.24 ? 425  VAL A CG2   1 
ATOM   309  N N     . ASP A 1 41  ? -9.017  -7.352  7.514   1.00 20.51 ? 426  ASP A N     1 
ATOM   310  C CA    . ASP A 1 41  ? -10.014 -8.280  8.032   1.00 23.13 ? 426  ASP A CA    1 
ATOM   311  C C     . ASP A 1 41  ? -11.285 -7.535  8.447   1.00 25.14 ? 426  ASP A C     1 
ATOM   312  O O     . ASP A 1 41  ? -11.409 -6.325  8.223   1.00 25.27 ? 426  ASP A O     1 
ATOM   313  C CB    . ASP A 1 41  ? -9.442  -9.162  9.164   1.00 22.96 ? 426  ASP A CB    1 
ATOM   314  C CG    . ASP A 1 41  ? -9.125  -8.381  10.444  1.00 23.22 ? 426  ASP A CG    1 
ATOM   315  O OD1   . ASP A 1 41  ? -9.538  -7.211  10.585  1.00 23.39 ? 426  ASP A OD1   1 
ATOM   316  O OD2   . ASP A 1 41  ? -8.454  -8.963  11.326  1.00 23.43 ? 426  ASP A OD2   1 
ATOM   317  N N     . GLU A 1 42  ? -12.221 -8.263  9.048   1.00 27.86 ? 427  GLU A N     1 
ATOM   318  C CA    . GLU A 1 42  ? -13.522 -7.704  9.413   1.00 30.49 ? 427  GLU A CA    1 
ATOM   319  C C     . GLU A 1 42  ? -13.432 -6.643  10.517  1.00 31.32 ? 427  GLU A C     1 
ATOM   320  O O     . GLU A 1 42  ? -14.362 -5.853  10.703  1.00 31.61 ? 427  GLU A O     1 
ATOM   321  C CB    . GLU A 1 42  ? -14.515 -8.816  9.786   1.00 30.88 ? 427  GLU A CB    1 
ATOM   322  C CG    . GLU A 1 42  ? -13.919 -10.019 10.525  1.00 33.03 ? 427  GLU A CG    1 
ATOM   323  C CD    . GLU A 1 42  ? -13.493 -11.144 9.588   1.00 37.21 ? 427  GLU A CD    1 
ATOM   324  O OE1   . GLU A 1 42  ? -14.226 -12.161 9.511   1.00 39.34 ? 427  GLU A OE1   1 
ATOM   325  O OE2   . GLU A 1 42  ? -12.432 -11.010 8.923   1.00 35.91 ? 427  GLU A OE2   1 
ATOM   326  N N     . HIS A 1 43  ? -12.302 -6.625  11.225  1.00 32.05 ? 428  HIS A N     1 
ATOM   327  C CA    . HIS A 1 43  ? -12.033 -5.637  12.276  1.00 32.41 ? 428  HIS A CA    1 
ATOM   328  C C     . HIS A 1 43  ? -11.179 -4.464  11.772  1.00 31.46 ? 428  HIS A C     1 
ATOM   329  O O     . HIS A 1 43  ? -10.752 -3.614  12.564  1.00 31.60 ? 428  HIS A O     1 
ATOM   330  C CB    . HIS A 1 43  ? -11.350 -6.304  13.478  1.00 33.07 ? 428  HIS A CB    1 
ATOM   331  C CG    . HIS A 1 43  ? -11.912 -7.648  13.827  1.00 35.03 ? 428  HIS A CG    1 
ATOM   332  N ND1   . HIS A 1 43  ? -13.195 -7.818  14.300  1.00 36.53 ? 428  HIS A ND1   1 
ATOM   333  C CD2   . HIS A 1 43  ? -11.367 -8.886  13.767  1.00 36.51 ? 428  HIS A CD2   1 
ATOM   334  C CE1   . HIS A 1 43  ? -13.417 -9.102  14.516  1.00 37.20 ? 428  HIS A CE1   1 
ATOM   335  N NE2   . HIS A 1 43  ? -12.324 -9.772  14.201  1.00 37.20 ? 428  HIS A NE2   1 
ATOM   336  N N     . GLY A 1 44  ? -10.930 -4.427  10.464  1.00 30.02 ? 429  GLY A N     1 
ATOM   337  C CA    . GLY A 1 44  ? -10.107 -3.371  9.862   1.00 27.87 ? 429  GLY A CA    1 
ATOM   338  C C     . GLY A 1 44  ? -8.602  -3.527  10.034  1.00 26.31 ? 429  GLY A C     1 
ATOM   339  O O     . GLY A 1 44  ? -7.847  -2.594  9.749   1.00 26.22 ? 429  GLY A O     1 
ATOM   340  N N     . LYS A 1 45  ? -8.161  -4.697  10.489  1.00 24.71 ? 430  LYS A N     1 
ATOM   341  C CA    . LYS A 1 45  ? -6.735  -4.941  10.702  1.00 23.12 ? 430  LYS A CA    1 
ATOM   342  C C     . LYS A 1 45  ? -6.069  -5.539  9.464   1.00 21.76 ? 430  LYS A C     1 
ATOM   343  O O     . LYS A 1 45  ? -6.642  -6.405  8.802   1.00 21.56 ? 430  LYS A O     1 
ATOM   344  C CB    . LYS A 1 45  ? -6.521  -5.799  11.955  1.00 23.37 ? 430  LYS A CB    1 
ATOM   345  C CG    . LYS A 1 45  ? -6.966  -5.063  13.223  1.00 24.08 ? 430  LYS A CG    1 
ATOM   346  C CD    . LYS A 1 45  ? -7.061  -5.959  14.444  1.00 25.46 ? 430  LYS A CD    1 
ATOM   347  C CE    . LYS A 1 45  ? -7.556  -5.156  15.662  1.00 26.17 ? 430  LYS A CE    1 
ATOM   348  N NZ    . LYS A 1 45  ? -8.913  -4.571  15.452  1.00 26.60 ? 430  LYS A NZ    1 
ATOM   349  N N     . LEU A 1 46  ? -4.864  -5.063  9.159   1.00 20.11 ? 431  LEU A N     1 
ATOM   350  C CA    . LEU A 1 46  ? -4.138  -5.456  7.943   1.00 18.58 ? 431  LEU A CA    1 
ATOM   351  C C     . LEU A 1 46  ? -3.841  -6.956  7.868   1.00 17.62 ? 431  LEU A C     1 
ATOM   352  O O     . LEU A 1 46  ? -3.292  -7.533  8.812   1.00 17.47 ? 431  LEU A O     1 
ATOM   353  C CB    . LEU A 1 46  ? -2.831  -4.658  7.842   1.00 18.58 ? 431  LEU A CB    1 
ATOM   354  C CG    . LEU A 1 46  ? -2.029  -4.677  6.539   1.00 18.34 ? 431  LEU A CG    1 
ATOM   355  C CD1   . LEU A 1 46  ? -2.795  -4.027  5.396   1.00 18.12 ? 431  LEU A CD1   1 
ATOM   356  C CD2   . LEU A 1 46  ? -0.700  -3.963  6.746   1.00 18.30 ? 431  LEU A CD2   1 
ATOM   357  N N     . VAL A 1 47  ? -4.204  -7.575  6.744   1.00 16.41 ? 432  VAL A N     1 
ATOM   358  C CA    . VAL A 1 47  ? -3.898  -8.994  6.506   1.00 15.52 ? 432  VAL A CA    1 
ATOM   359  C C     . VAL A 1 47  ? -3.053  -9.227  5.243   1.00 14.92 ? 432  VAL A C     1 
ATOM   360  O O     . VAL A 1 47  ? -2.452  -10.294 5.077   1.00 14.87 ? 432  VAL A O     1 
ATOM   361  C CB    . VAL A 1 47  ? -5.179  -9.879  6.467   1.00 15.48 ? 432  VAL A CB    1 
ATOM   362  C CG1   . VAL A 1 47  ? -5.885  -9.883  7.822   1.00 15.54 ? 432  VAL A CG1   1 
ATOM   363  C CG2   . VAL A 1 47  ? -6.130  -9.441  5.355   1.00 15.50 ? 432  VAL A CG2   1 
ATOM   364  N N     . GLY A 1 48  ? -3.005  -8.233  4.361   1.00 14.28 ? 433  GLY A N     1 
ATOM   365  C CA    . GLY A 1 48  ? -2.220  -8.341  3.135   1.00 13.52 ? 433  GLY A CA    1 
ATOM   366  C C     . GLY A 1 48  ? -2.254  -7.076  2.307   1.00 12.97 ? 433  GLY A C     1 
ATOM   367  O O     . GLY A 1 48  ? -2.850  -6.078  2.714   1.00 12.91 ? 433  GLY A O     1 
ATOM   368  N N     . ILE A 1 49  ? -1.607  -7.113  1.146   1.00 12.48 ? 434  ILE A N     1 
ATOM   369  C CA    . ILE A 1 49  ? -1.648  -5.994  0.204   1.00 12.00 ? 434  ILE A CA    1 
ATOM   370  C C     . ILE A 1 49  ? -1.707  -6.494  -1.242  1.00 11.76 ? 434  ILE A C     1 
ATOM   371  O O     . ILE A 1 49  ? -1.067  -7.488  -1.603  1.00 11.68 ? 434  ILE A O     1 
ATOM   372  C CB    . ILE A 1 49  ? -0.469  -4.987  0.424   1.00 12.01 ? 434  ILE A CB    1 
ATOM   373  C CG1   . ILE A 1 49  ? -0.724  -3.661  -0.311  1.00 12.08 ? 434  ILE A CG1   1 
ATOM   374  C CG2   . ILE A 1 49  ? 0.884   -5.618  0.063   1.00 11.92 ? 434  ILE A CG2   1 
ATOM   375  C CD1   . ILE A 1 49  ? 0.231   -2.522  0.066   1.00 12.26 ? 434  ILE A CD1   1 
ATOM   376  N N     . ILE A 1 50  ? -2.504  -5.797  -2.045  1.00 11.56 ? 435  ILE A N     1 
ATOM   377  C CA    . ILE A 1 50  ? -2.629  -6.028  -3.477  1.00 11.42 ? 435  ILE A CA    1 
ATOM   378  C C     . ILE A 1 50  ? -2.147  -4.776  -4.196  1.00 11.21 ? 435  ILE A C     1 
ATOM   379  O O     . ILE A 1 50  ? -2.506  -3.661  -3.810  1.00 11.19 ? 435  ILE A O     1 
ATOM   380  C CB    . ILE A 1 50  ? -4.116  -6.290  -3.853  1.00 11.46 ? 435  ILE A CB    1 
ATOM   381  C CG1   . ILE A 1 50  ? -4.564  -7.684  -3.392  1.00 11.63 ? 435  ILE A CG1   1 
ATOM   382  C CG2   . ILE A 1 50  ? -4.385  -6.062  -5.355  1.00 11.56 ? 435  ILE A CG2   1 
ATOM   383  C CD1   . ILE A 1 50  ? -3.994  -8.837  -4.200  1.00 11.84 ? 435  ILE A CD1   1 
ATOM   384  N N     . THR A 1 51  ? -1.323  -4.946  -5.224  1.00 10.98 ? 436  THR A N     1 
ATOM   385  C CA    . THR A 1 51  ? -0.944  -3.818  -6.067  1.00 10.81 ? 436  THR A CA    1 
ATOM   386  C C     . THR A 1 51  ? -1.309  -4.126  -7.512  1.00 10.55 ? 436  THR A C     1 
ATOM   387  O O     . THR A 1 51  ? -1.675  -5.266  -7.829  1.00 10.56 ? 436  THR A O     1 
ATOM   388  C CB    . THR A 1 51  ? 0.561   -3.475  -5.957  1.00 10.85 ? 436  THR A CB    1 
ATOM   389  O OG1   . THR A 1 51  ? 1.347   -4.490  -6.592  1.00 11.10 ? 436  THR A OG1   1 
ATOM   390  C CG2   . THR A 1 51  ? 0.997   -3.317  -4.501  1.00 11.07 ? 436  THR A CG2   1 
ATOM   391  N N     . SER A 1 52  ? -1.212  -3.121  -8.382  1.00 10.39 ? 437  SER A N     1 
ATOM   392  C CA    A SER A 1 52  ? -1.446  -3.305  -9.815  0.50 10.25 ? 437  SER A CA    1 
ATOM   393  C CA    B SER A 1 52  ? -1.481  -3.339  -9.798  0.50 10.38 ? 437  SER A CA    1 
ATOM   394  C C     . SER A 1 52  ? -0.565  -4.417  -10.385 1.00 10.33 ? 437  SER A C     1 
ATOM   395  O O     . SER A 1 52  ? -0.975  -5.150  -11.285 1.00 10.31 ? 437  SER A O     1 
ATOM   396  C CB    A SER A 1 52  ? -1.193  -2.000  -10.576 0.50 10.21 ? 437  SER A CB    1 
ATOM   397  C CB    B SER A 1 52  ? -1.379  -2.033  -10.593 0.50 10.36 ? 437  SER A CB    1 
ATOM   398  O OG    A SER A 1 52  ? -2.066  -0.971  -10.139 0.50 9.84  ? 437  SER A OG    1 
ATOM   399  O OG    B SER A 1 52  ? -0.130  -1.398  -10.384 0.50 10.43 ? 437  SER A OG    1 
ATOM   400  N N     . TRP A 1 53  ? 0.657   -4.523  -9.864  1.00 10.51 ? 438  TRP A N     1 
ATOM   401  C CA    . TRP A 1 53  ? 1.609   -5.548  -10.300 1.00 10.80 ? 438  TRP A CA    1 
ATOM   402  C C     . TRP A 1 53  ? 1.078   -6.960  -10.028 1.00 10.89 ? 438  TRP A C     1 
ATOM   403  O O     . TRP A 1 53  ? 1.279   -7.871  -10.837 1.00 10.87 ? 438  TRP A O     1 
ATOM   404  C CB    . TRP A 1 53  ? 2.946   -5.337  -9.600  1.00 10.92 ? 438  TRP A CB    1 
ATOM   405  C CG    . TRP A 1 53  ? 4.089   -6.109  -10.170 1.00 11.29 ? 438  TRP A CG    1 
ATOM   406  C CD1   . TRP A 1 53  ? 4.902   -5.732  -11.201 1.00 11.70 ? 438  TRP A CD1   1 
ATOM   407  C CD2   . TRP A 1 53  ? 4.577   -7.377  -9.714  1.00 11.73 ? 438  TRP A CD2   1 
ATOM   408  N NE1   . TRP A 1 53  ? 5.858   -6.695  -11.427 1.00 11.85 ? 438  TRP A NE1   1 
ATOM   409  C CE2   . TRP A 1 53  ? 5.685   -7.714  -10.526 1.00 11.98 ? 438  TRP A CE2   1 
ATOM   410  C CE3   . TRP A 1 53  ? 4.181   -8.267  -8.703  1.00 11.84 ? 438  TRP A CE3   1 
ATOM   411  C CZ2   . TRP A 1 53  ? 6.403   -8.909  -10.361 1.00 12.29 ? 438  TRP A CZ2   1 
ATOM   412  C CZ3   . TRP A 1 53  ? 4.898   -9.454  -8.537  1.00 12.27 ? 438  TRP A CZ3   1 
ATOM   413  C CH2   . TRP A 1 53  ? 5.996   -9.762  -9.365  1.00 12.42 ? 438  TRP A CH2   1 
ATOM   414  N N     . ASP A 1 54  ? 0.395   -7.131  -8.895  1.00 10.98 ? 439  ASP A N     1 
ATOM   415  C CA    . ASP A 1 54  ? -0.251  -8.406  -8.570  1.00 11.11 ? 439  ASP A CA    1 
ATOM   416  C C     . ASP A 1 54  ? -1.407  -8.731  -9.509  1.00 11.11 ? 439  ASP A C     1 
ATOM   417  O O     . ASP A 1 54  ? -1.620  -9.900  -9.838  1.00 11.17 ? 439  ASP A O     1 
ATOM   418  C CB    . ASP A 1 54  ? -0.749  -8.425  -7.123  1.00 11.16 ? 439  ASP A CB    1 
ATOM   419  C CG    . ASP A 1 54  ? 0.377   -8.306  -6.117  1.00 11.42 ? 439  ASP A CG    1 
ATOM   420  O OD1   . ASP A 1 54  ? 1.391   -9.024  -6.259  1.00 11.47 ? 439  ASP A OD1   1 
ATOM   421  O OD2   . ASP A 1 54  ? 0.241   -7.500  -5.176  1.00 11.88 ? 439  ASP A OD2   1 
ATOM   422  N N     . ILE A 1 55  ? -2.157  -7.709  -9.926  1.00 11.13 ? 440  ILE A N     1 
ATOM   423  C CA    . ILE A 1 55  ? -3.236  -7.902  -10.899 1.00 11.23 ? 440  ILE A CA    1 
ATOM   424  C C     . ILE A 1 55  ? -2.631  -8.358  -12.230 1.00 11.38 ? 440  ILE A C     1 
ATOM   425  O O     . ILE A 1 55  ? -3.152  -9.274  -12.872 1.00 11.35 ? 440  ILE A O     1 
ATOM   426  C CB    . ILE A 1 55  ? -4.103  -6.620  -11.090 1.00 11.20 ? 440  ILE A CB    1 
ATOM   427  C CG1   . ILE A 1 55  ? -4.646  -6.102  -9.746  1.00 11.40 ? 440  ILE A CG1   1 
ATOM   428  C CG2   . ILE A 1 55  ? -5.236  -6.860  -12.101 1.00 11.20 ? 440  ILE A CG2   1 
ATOM   429  C CD1   . ILE A 1 55  ? -5.608  -7.043  -9.010  1.00 11.66 ? 440  ILE A CD1   1 
ATOM   430  N N     . ALA A 1 56  ? -1.522  -7.729  -12.625 1.00 11.64 ? 441  ALA A N     1 
ATOM   431  C CA    . ALA A 1 56  ? -0.779  -8.145  -13.815 1.00 11.95 ? 441  ALA A CA    1 
ATOM   432  C C     . ALA A 1 56  ? -0.265  -9.582  -13.679 1.00 12.24 ? 441  ALA A C     1 
ATOM   433  O O     . ALA A 1 56  ? -0.324  -10.355 -14.641 1.00 12.30 ? 441  ALA A O     1 
ATOM   434  C CB    . ALA A 1 56  ? 0.366   -7.181  -14.108 1.00 11.87 ? 441  ALA A CB    1 
ATOM   435  N N     . LYS A 1 57  ? 0.222   -9.941  -12.489 1.00 12.62 ? 442  LYS A N     1 
ATOM   436  C CA    . LYS A 1 57  ? 0.710   -11.303 -12.215 1.00 13.10 ? 442  LYS A CA    1 
ATOM   437  C C     . LYS A 1 57  ? -0.398  -12.349 -12.346 1.00 13.26 ? 442  LYS A C     1 
ATOM   438  O O     . LYS A 1 57  ? -0.160  -13.456 -12.842 1.00 13.29 ? 442  LYS A O     1 
ATOM   439  C CB    . LYS A 1 57  ? 1.364   -11.388 -10.826 1.00 13.19 ? 442  LYS A CB    1 
ATOM   440  C CG    . LYS A 1 57  ? 2.150   -12.679 -10.551 1.00 14.21 ? 442  LYS A CG    1 
ATOM   441  C CD    . LYS A 1 57  ? 2.883   -12.601 -9.212  1.00 16.02 ? 442  LYS A CD    1 
ATOM   442  C CE    . LYS A 1 57  ? 3.853   -13.769 -9.015  1.00 17.01 ? 442  LYS A CE    1 
ATOM   443  N NZ    . LYS A 1 57  ? 3.220   -14.937 -8.341  1.00 17.63 ? 442  LYS A NZ    1 
ATOM   444  N N     . ALA A 1 58  ? -1.605  -11.988 -11.908 1.00 13.57 ? 443  ALA A N     1 
ATOM   445  C CA    . ALA A 1 58  ? -2.760  -12.879 -12.002 1.00 13.95 ? 443  ALA A CA    1 
ATOM   446  C C     . ALA A 1 58  ? -3.042  -13.241 -13.456 1.00 14.34 ? 443  ALA A C     1 
ATOM   447  O O     . ALA A 1 58  ? -3.329  -14.398 -13.768 1.00 14.40 ? 443  ALA A O     1 
ATOM   448  C CB    . ALA A 1 58  ? -3.983  -12.240 -11.356 1.00 13.87 ? 443  ALA A CB    1 
ATOM   449  N N     . LEU A 1 59  ? -2.953  -12.244 -14.336 1.00 14.84 ? 444  LEU A N     1 
ATOM   450  C CA    . LEU A 1 59  ? -3.137  -12.460 -15.769 1.00 15.41 ? 444  LEU A CA    1 
ATOM   451  C C     . LEU A 1 59  ? -1.993  -13.292 -16.350 1.00 15.82 ? 444  LEU A C     1 
ATOM   452  O O     . LEU A 1 59  ? -2.233  -14.249 -17.091 1.00 15.90 ? 444  LEU A O     1 
ATOM   453  C CB    . LEU A 1 59  ? -3.264  -11.126 -16.519 1.00 15.40 ? 444  LEU A CB    1 
ATOM   454  C CG    . LEU A 1 59  ? -3.482  -11.217 -18.036 1.00 15.56 ? 444  LEU A CG    1 
ATOM   455  C CD1   . LEU A 1 59  ? -4.852  -11.815 -18.391 1.00 15.72 ? 444  LEU A CD1   1 
ATOM   456  C CD2   . LEU A 1 59  ? -3.322  -9.852  -18.693 1.00 15.61 ? 444  LEU A CD2   1 
ATOM   457  N N     . ALA A 1 60  ? -0.758  -12.919 -16.008 1.00 16.30 ? 445  ALA A N     1 
ATOM   458  C CA    . ALA A 1 60  ? 0.437   -13.591 -16.525 1.00 16.78 ? 445  ALA A CA    1 
ATOM   459  C C     . ALA A 1 60  ? 0.522   -15.069 -16.141 1.00 17.11 ? 445  ALA A C     1 
ATOM   460  O O     . ALA A 1 60  ? 1.021   -15.888 -16.919 1.00 17.16 ? 445  ALA A O     1 
ATOM   461  C CB    . ALA A 1 60  ? 1.693   -12.854 -16.077 1.00 16.76 ? 445  ALA A CB    1 
ATOM   462  N N     . GLN A 1 61  ? 0.025   -15.407 -14.954 1.00 17.45 ? 446  GLN A N     1 
ATOM   463  C CA    . GLN A 1 61  ? 0.241   -16.741 -14.397 1.00 17.81 ? 446  GLN A CA    1 
ATOM   464  C C     . GLN A 1 61  ? -1.038  -17.520 -14.099 1.00 17.89 ? 446  GLN A C     1 
ATOM   465  O O     . GLN A 1 61  ? -1.002  -18.543 -13.404 1.00 17.94 ? 446  GLN A O     1 
ATOM   466  C CB    . GLN A 1 61  ? 1.126   -16.642 -13.151 1.00 17.89 ? 446  GLN A CB    1 
ATOM   467  C CG    . GLN A 1 61  ? 2.492   -16.046 -13.449 1.00 18.63 ? 446  GLN A CG    1 
ATOM   468  C CD    . GLN A 1 61  ? 3.405   -15.972 -12.246 1.00 19.61 ? 446  GLN A CD    1 
ATOM   469  O OE1   . GLN A 1 61  ? 4.592   -15.675 -12.381 1.00 20.07 ? 446  GLN A OE1   1 
ATOM   470  N NE2   . GLN A 1 61  ? 2.864   -16.237 -11.064 1.00 19.86 ? 446  GLN A NE2   1 
ATOM   471  N N     . ASN A 1 62  ? -2.157  -17.040 -14.642 1.00 18.06 ? 447  ASN A N     1 
ATOM   472  C CA    . ASN A 1 62  ? -3.467  -17.671 -14.463 1.00 18.25 ? 447  ASN A CA    1 
ATOM   473  C C     . ASN A 1 62  ? -3.846  -17.863 -12.987 1.00 17.96 ? 447  ASN A C     1 
ATOM   474  O O     . ASN A 1 62  ? -4.323  -18.930 -12.590 1.00 18.06 ? 447  ASN A O     1 
ATOM   475  C CB    . ASN A 1 62  ? -3.546  -18.997 -15.242 1.00 18.51 ? 447  ASN A CB    1 
ATOM   476  C CG    . ASN A 1 62  ? -4.968  -19.515 -15.392 1.00 19.17 ? 447  ASN A CG    1 
ATOM   477  O OD1   . ASN A 1 62  ? -5.923  -18.739 -15.468 1.00 19.76 ? 447  ASN A OD1   1 
ATOM   478  N ND2   . ASN A 1 62  ? -5.114  -20.833 -15.441 1.00 19.72 ? 447  ASN A ND2   1 
ATOM   479  N N     . LYS A 1 63  ? -3.623  -16.831 -12.177 1.00 17.44 ? 448  LYS A N     1 
ATOM   480  C CA    . LYS A 1 63  ? -4.036  -16.870 -10.772 1.00 16.93 ? 448  LYS A CA    1 
ATOM   481  C C     . LYS A 1 63  ? -5.519  -16.553 -10.640 1.00 16.37 ? 448  LYS A C     1 
ATOM   482  O O     . LYS A 1 63  ? -6.094  -15.869 -11.492 1.00 16.31 ? 448  LYS A O     1 
ATOM   483  C CB    . LYS A 1 63  ? -3.207  -15.906 -9.922  1.00 17.05 ? 448  LYS A CB    1 
ATOM   484  C CG    . LYS A 1 63  ? -1.700  -16.087 -10.062 1.00 17.74 ? 448  LYS A CG    1 
ATOM   485  C CD    . LYS A 1 63  ? -1.245  -17.445 -9.556  1.00 18.94 ? 448  LYS A CD    1 
ATOM   486  C CE    . LYS A 1 63  ? 0.262   -17.553 -9.601  1.00 19.62 ? 448  LYS A CE    1 
ATOM   487  N NZ    . LYS A 1 63  ? 0.747   -18.865 -9.070  1.00 20.09 ? 448  LYS A NZ    1 
ATOM   488  N N     . LYS A 1 64  ? -6.135  -17.040 -9.565  1.00 15.80 ? 449  LYS A N     1 
ATOM   489  C CA    . LYS A 1 64  ? -7.593  -17.043 -9.472  1.00 15.44 ? 449  LYS A CA    1 
ATOM   490  C C     . LYS A 1 64  ? -8.190  -16.125 -8.418  1.00 15.05 ? 449  LYS A C     1 
ATOM   491  O O     . LYS A 1 64  ? -9.270  -15.562 -8.628  1.00 14.98 ? 449  LYS A O     1 
ATOM   492  C CB    . LYS A 1 64  ? -8.114  -18.472 -9.269  1.00 15.54 ? 449  LYS A CB    1 
ATOM   493  C CG    . LYS A 1 64  ? -7.693  -19.460 -10.352 1.00 16.29 ? 449  LYS A CG    1 
ATOM   494  C CD    . LYS A 1 64  ? -8.231  -19.060 -11.737 1.00 17.69 ? 449  LYS A CD    1 
ATOM   495  C CE    . LYS A 1 64  ? -7.582  -19.914 -12.839 1.00 18.55 ? 449  LYS A CE    1 
ATOM   496  N NZ    . LYS A 1 64  ? -7.690  -21.392 -12.533 1.00 19.06 ? 449  LYS A NZ    1 
ATOM   497  N N     . THR A 1 65  ? -7.509  -15.980 -7.285  1.00 14.72 ? 450  THR A N     1 
ATOM   498  C CA    . THR A 1 65  ? -8.077  -15.250 -6.152  1.00 14.57 ? 450  THR A CA    1 
ATOM   499  C C     . THR A 1 65  ? -7.142  -14.197 -5.572  1.00 14.46 ? 450  THR A C     1 
ATOM   500  O O     . THR A 1 65  ? -5.919  -14.262 -5.743  1.00 14.33 ? 450  THR A O     1 
ATOM   501  C CB    . THR A 1 65  ? -8.501  -16.204 -5.002  1.00 14.56 ? 450  THR A CB    1 
ATOM   502  O OG1   . THR A 1 65  ? -7.340  -16.800 -4.410  1.00 14.68 ? 450  THR A OG1   1 
ATOM   503  C CG2   . THR A 1 65  ? -9.444  -17.300 -5.495  1.00 14.70 ? 450  THR A CG2   1 
ATOM   504  N N     . ILE A 1 66  ? -7.741  -13.235 -4.873  1.00 14.50 ? 451  ILE A N     1 
ATOM   505  C CA    . ILE A 1 66  ? -7.013  -12.240 -4.091  1.00 14.77 ? 451  ILE A CA    1 
ATOM   506  C C     . ILE A 1 66  ? -6.174  -12.901 -2.991  1.00 15.27 ? 451  ILE A C     1 
ATOM   507  O O     . ILE A 1 66  ? -5.011  -12.539 -2.795  1.00 15.25 ? 451  ILE A O     1 
ATOM   508  C CB    . ILE A 1 66  ? -7.984  -11.175 -3.491  1.00 14.64 ? 451  ILE A CB    1 
ATOM   509  C CG1   . ILE A 1 66  ? -8.563  -10.276 -4.599  1.00 14.56 ? 451  ILE A CG1   1 
ATOM   510  C CG2   . ILE A 1 66  ? -7.310  -10.342 -2.387  1.00 14.57 ? 451  ILE A CG2   1 
ATOM   511  C CD1   . ILE A 1 66  ? -7.529  -9.507  -5.434  1.00 14.50 ? 451  ILE A CD1   1 
ATOM   512  N N     . GLU A 1 67  ? -6.756  -13.878 -2.296  1.00 16.00 ? 452  GLU A N     1 
ATOM   513  C CA    . GLU A 1 67  ? -6.043  -14.607 -1.240  1.00 16.97 ? 452  GLU A CA    1 
ATOM   514  C C     . GLU A 1 67  ? -4.786  -15.303 -1.755  1.00 16.98 ? 452  GLU A C     1 
ATOM   515  O O     . GLU A 1 67  ? -3.772  -15.384 -1.052  1.00 17.02 ? 452  GLU A O     1 
ATOM   516  C CB    . GLU A 1 67  ? -6.965  -15.605 -0.540  1.00 17.29 ? 452  GLU A CB    1 
ATOM   517  C CG    . GLU A 1 67  ? -8.106  -14.918 0.191   1.00 19.31 ? 452  GLU A CG    1 
ATOM   518  C CD    . GLU A 1 67  ? -8.398  -15.518 1.548   1.00 21.65 ? 452  GLU A CD    1 
ATOM   519  O OE1   . GLU A 1 67  ? -8.415  -16.761 1.673   1.00 28.27 ? 452  GLU A OE1   1 
ATOM   520  O OE2   . GLU A 1 67  ? -8.621  -14.737 2.503   1.00 22.35 ? 452  GLU A OE2   1 
ATOM   521  N N     . GLU A 1 68  ? -4.855  -15.778 -2.992  1.00 17.14 ? 453  GLU A N     1 
ATOM   522  C CA    . GLU A 1 68  ? -3.752  -16.463 -3.641  1.00 17.31 ? 453  GLU A CA    1 
ATOM   523  C C     . GLU A 1 68  ? -2.622  -15.503 -4.022  1.00 16.98 ? 453  GLU A C     1 
ATOM   524  O O     . GLU A 1 68  ? -1.444  -15.864 -3.952  1.00 17.08 ? 453  GLU A O     1 
ATOM   525  C CB    . GLU A 1 68  ? -4.301  -17.171 -4.876  1.00 17.52 ? 453  GLU A CB    1 
ATOM   526  C CG    . GLU A 1 68  ? -3.288  -17.809 -5.793  1.00 18.48 ? 453  GLU A CG    1 
ATOM   527  C CD    . GLU A 1 68  ? -3.951  -18.550 -6.936  1.00 19.50 ? 453  GLU A CD    1 
ATOM   528  O OE1   . GLU A 1 68  ? -3.301  -19.456 -7.495  1.00 19.97 ? 453  GLU A OE1   1 
ATOM   529  O OE2   . GLU A 1 68  ? -5.118  -18.243 -7.276  1.00 19.80 ? 453  GLU A OE2   1 
ATOM   530  N N     . ILE A 1 69  ? -2.983  -14.282 -4.412  1.00 16.47 ? 454  ILE A N     1 
ATOM   531  C CA    . ILE A 1 69  ? -2.005  -13.350 -4.979  1.00 15.89 ? 454  ILE A CA    1 
ATOM   532  C C     . ILE A 1 69  ? -1.534  -12.233 -4.049  1.00 15.62 ? 454  ILE A C     1 
ATOM   533  O O     . ILE A 1 69  ? -0.509  -11.605 -4.324  1.00 15.50 ? 454  ILE A O     1 
ATOM   534  C CB    . ILE A 1 69  ? -2.484  -12.730 -6.328  1.00 15.85 ? 454  ILE A CB    1 
ATOM   535  C CG1   . ILE A 1 69  ? -3.723  -11.840 -6.130  1.00 15.49 ? 454  ILE A CG1   1 
ATOM   536  C CG2   . ILE A 1 69  ? -2.757  -13.829 -7.338  1.00 15.90 ? 454  ILE A CG2   1 
ATOM   537  C CD1   . ILE A 1 69  ? -4.039  -10.944 -7.339  1.00 15.18 ? 454  ILE A CD1   1 
ATOM   538  N N     . MET A 1 70  ? -2.261  -11.978 -2.963  1.00 15.36 ? 455  MET A N     1 
ATOM   539  C CA    . MET A 1 70  ? -1.851  -10.896 -2.058  1.00 15.25 ? 455  MET A CA    1 
ATOM   540  C C     . MET A 1 70  ? -0.555  -11.218 -1.321  1.00 15.24 ? 455  MET A C     1 
ATOM   541  O O     . MET A 1 70  ? -0.277  -12.381 -1.015  1.00 15.25 ? 455  MET A O     1 
ATOM   542  C CB    . MET A 1 70  ? -2.968  -10.529 -1.074  1.00 15.21 ? 455  MET A CB    1 
ATOM   543  C CG    . MET A 1 70  ? -3.277  -11.571 -0.002  1.00 15.37 ? 455  MET A CG    1 
ATOM   544  S SD    . MET A 1 70  ? -4.633  -10.996 1.047   1.00 15.92 ? 455  MET A SD    1 
ATOM   545  C CE    . MET A 1 70  ? -4.580  -12.227 2.354   1.00 15.92 ? 455  MET A CE    1 
ATOM   546  N N     . THR A 1 71  ? 0.244   -10.187 -1.059  1.00 15.34 ? 456  THR A N     1 
ATOM   547  C CA    . THR A 1 71  ? 1.446   -10.341 -0.250  1.00 15.54 ? 456  THR A CA    1 
ATOM   548  C C     . THR A 1 71  ? 1.046   -10.235 1.213   1.00 16.00 ? 456  THR A C     1 
ATOM   549  O O     . THR A 1 71  ? 0.455   -9.234  1.626   1.00 15.85 ? 456  THR A O     1 
ATOM   550  C CB    . THR A 1 71  ? 2.494   -9.267  -0.594  1.00 15.44 ? 456  THR A CB    1 
ATOM   551  O OG1   . THR A 1 71  ? 2.813   -9.344  -1.989  1.00 15.37 ? 456  THR A OG1   1 
ATOM   552  C CG2   . THR A 1 71  ? 3.770   -9.463  0.224   1.00 15.33 ? 456  THR A CG2   1 
ATOM   553  N N     . ARG A 1 72  ? 1.375   -11.258 1.996   1.00 16.83 ? 457  ARG A N     1 
ATOM   554  C CA    . ARG A 1 72  ? 0.926   -11.339 3.386   1.00 17.91 ? 457  ARG A CA    1 
ATOM   555  C C     . ARG A 1 72  ? 1.881   -10.700 4.401   1.00 18.36 ? 457  ARG A C     1 
ATOM   556  O O     . ARG A 1 72  ? 1.423   -10.127 5.394   1.00 18.54 ? 457  ARG A O     1 
ATOM   557  C CB    . ARG A 1 72  ? 0.613   -12.790 3.764   1.00 18.04 ? 457  ARG A CB    1 
ATOM   558  C CG    . ARG A 1 72  ? -0.598  -13.352 3.033   1.00 19.14 ? 457  ARG A CG    1 
ATOM   559  C CD    . ARG A 1 72  ? -0.712  -14.863 3.170   1.00 21.11 ? 457  ARG A CD    1 
ATOM   560  N NE    . ARG A 1 72  ? -1.806  -15.377 2.348   1.00 22.53 ? 457  ARG A NE    1 
ATOM   561  C CZ    . ARG A 1 72  ? -3.064  -15.513 2.758   1.00 23.25 ? 457  ARG A CZ    1 
ATOM   562  N NH1   . ARG A 1 72  ? -3.412  -15.186 3.998   1.00 23.41 ? 457  ARG A NH1   1 
ATOM   563  N NH2   . ARG A 1 72  ? -3.982  -15.986 1.922   1.00 23.59 ? 457  ARG A NH2   1 
ATOM   564  N N     . ASN A 1 73  ? 3.192   -10.806 4.168   1.00 18.88 ? 458  ASN A N     1 
ATOM   565  C CA    . ASN A 1 73  ? 4.170   -10.094 5.010   1.00 19.31 ? 458  ASN A CA    1 
ATOM   566  C C     . ASN A 1 73  ? 4.260   -8.638  4.551   1.00 19.05 ? 458  ASN A C     1 
ATOM   567  O O     . ASN A 1 73  ? 5.097   -8.300  3.707   1.00 19.18 ? 458  ASN A O     1 
ATOM   568  C CB    . ASN A 1 73  ? 5.552   -10.777 4.950   1.00 19.63 ? 458  ASN A CB    1 
ATOM   569  C CG    . ASN A 1 73  ? 6.658   -9.972  5.657   1.00 20.54 ? 458  ASN A CG    1 
ATOM   570  O OD1   . ASN A 1 73  ? 7.780   -9.870  5.156   1.00 21.95 ? 458  ASN A OD1   1 
ATOM   571  N ND2   . ASN A 1 73  ? 6.337   -9.402  6.819   1.00 21.19 ? 458  ASN A ND2   1 
ATOM   572  N N     . VAL A 1 74  ? 3.397   -7.778  5.085   1.00 18.59 ? 459  VAL A N     1 
ATOM   573  C CA    . VAL A 1 74  ? 3.337   -6.386  4.626   1.00 18.04 ? 459  VAL A CA    1 
ATOM   574  C C     . VAL A 1 74  ? 4.294   -5.489  5.410   1.00 17.94 ? 459  VAL A C     1 
ATOM   575  O O     . VAL A 1 74  ? 4.237   -5.431  6.641   1.00 17.87 ? 459  VAL A O     1 
ATOM   576  C CB    . VAL A 1 74  ? 1.900   -5.807  4.690   1.00 17.97 ? 459  VAL A CB    1 
ATOM   577  C CG1   . VAL A 1 74  ? 1.829   -4.459  3.982   1.00 17.75 ? 459  VAL A CG1   1 
ATOM   578  C CG2   . VAL A 1 74  ? 0.906   -6.773  4.069   1.00 17.76 ? 459  VAL A CG2   1 
ATOM   579  N N     . ILE A 1 75  ? 5.178   -4.803  4.684   1.00 17.77 ? 460  ILE A N     1 
ATOM   580  C CA    . ILE A 1 75  ? 6.023   -3.756  5.259   1.00 17.67 ? 460  ILE A CA    1 
ATOM   581  C C     . ILE A 1 75  ? 5.151   -2.516  5.504   1.00 17.44 ? 460  ILE A C     1 
ATOM   582  O O     . ILE A 1 75  ? 4.455   -2.051  4.595   1.00 17.35 ? 460  ILE A O     1 
ATOM   583  C CB    . ILE A 1 75  ? 7.216   -3.409  4.315   1.00 17.72 ? 460  ILE A CB    1 
ATOM   584  C CG1   . ILE A 1 75  ? 7.992   -4.676  3.897   1.00 17.92 ? 460  ILE A CG1   1 
ATOM   585  C CG2   . ILE A 1 75  ? 8.142   -2.354  4.954   1.00 17.82 ? 460  ILE A CG2   1 
ATOM   586  C CD1   . ILE A 1 75  ? 8.648   -5.459  5.038   1.00 18.14 ? 460  ILE A CD1   1 
ATOM   587  N N     . THR A 1 76  ? 5.178   -1.998  6.732   1.00 17.30 ? 461  THR A N     1 
ATOM   588  C CA    . THR A 1 76  ? 4.303   -0.887  7.126   1.00 17.29 ? 461  THR A CA    1 
ATOM   589  C C     . THR A 1 76  ? 5.072   0.313   7.678   1.00 17.48 ? 461  THR A C     1 
ATOM   590  O O     . THR A 1 76  ? 6.275   0.226   7.937   1.00 17.35 ? 461  THR A O     1 
ATOM   591  C CB    . THR A 1 76  ? 3.263   -1.331  8.185   1.00 17.25 ? 461  THR A CB    1 
ATOM   592  O OG1   . THR A 1 76  ? 3.943   -1.821  9.350   1.00 17.31 ? 461  THR A OG1   1 
ATOM   593  C CG2   . THR A 1 76  ? 2.354   -2.420  7.638   1.00 17.26 ? 461  THR A CG2   1 
ATOM   594  N N     . ALA A 1 77  ? 4.367   1.430   7.849   1.00 18.02 ? 462  ALA A N     1 
ATOM   595  C CA    . ALA A 1 77  ? 4.919   2.612   8.499   1.00 18.75 ? 462  ALA A CA    1 
ATOM   596  C C     . ALA A 1 77  ? 3.993   3.095   9.616   1.00 19.42 ? 462  ALA A C     1 
ATOM   597  O O     . ALA A 1 77  ? 2.806   2.765   9.639   1.00 19.27 ? 462  ALA A O     1 
ATOM   598  C CB    . ALA A 1 77  ? 5.153   3.717   7.479   1.00 18.67 ? 462  ALA A CB    1 
ATOM   599  N N     . HIS A 1 78  ? 4.554   3.865   10.545  1.00 20.53 ? 463  HIS A N     1 
ATOM   600  C CA    . HIS A 1 78  ? 3.788   4.509   11.610  1.00 21.81 ? 463  HIS A CA    1 
ATOM   601  C C     . HIS A 1 78  ? 3.700   5.999   11.281  1.00 22.05 ? 463  HIS A C     1 
ATOM   602  O O     . HIS A 1 78  ? 4.561   6.522   10.572  1.00 22.04 ? 463  HIS A O     1 
ATOM   603  C CB    . HIS A 1 78  ? 4.481   4.269   12.957  1.00 22.24 ? 463  HIS A CB    1 
ATOM   604  C CG    . HIS A 1 78  ? 3.722   4.781   14.141  1.00 24.23 ? 463  HIS A CG    1 
ATOM   605  N ND1   . HIS A 1 78  ? 3.827   6.082   14.581  1.00 25.78 ? 463  HIS A ND1   1 
ATOM   606  C CD2   . HIS A 1 78  ? 2.875   4.163   14.998  1.00 25.74 ? 463  HIS A CD2   1 
ATOM   607  C CE1   . HIS A 1 78  ? 3.063   6.250   15.646  1.00 26.47 ? 463  HIS A CE1   1 
ATOM   608  N NE2   . HIS A 1 78  ? 2.476   5.099   15.921  1.00 26.48 ? 463  HIS A NE2   1 
ATOM   609  N N     . GLU A 1 79  ? 2.670   6.683   11.777  1.00 22.60 ? 464  GLU A N     1 
ATOM   610  C CA    . GLU A 1 79  ? 2.470   8.089   11.413  1.00 23.29 ? 464  GLU A CA    1 
ATOM   611  C C     . GLU A 1 79  ? 3.588   9.033   11.888  1.00 23.35 ? 464  GLU A C     1 
ATOM   612  O O     . GLU A 1 79  ? 3.814   10.084  11.279  1.00 23.40 ? 464  GLU A O     1 
ATOM   613  C CB    . GLU A 1 79  ? 1.075   8.590   11.819  1.00 23.49 ? 464  GLU A CB    1 
ATOM   614  C CG    . GLU A 1 79  ? 0.894   8.969   13.284  1.00 25.07 ? 464  GLU A CG    1 
ATOM   615  C CD    . GLU A 1 79  ? -0.553  9.323   13.600  1.00 26.95 ? 464  GLU A CD    1 
ATOM   616  O OE1   . GLU A 1 79  ? -1.430  9.149   12.721  1.00 27.49 ? 464  GLU A OE1   1 
ATOM   617  O OE2   . GLU A 1 79  ? -0.823  9.771   14.736  1.00 27.50 ? 464  GLU A OE2   1 
ATOM   618  N N     . ASP A 1 80  ? 4.298   8.647   12.949  1.00 23.53 ? 465  ASP A N     1 
ATOM   619  C CA    . ASP A 1 80  ? 5.397   9.455   13.494  1.00 23.60 ? 465  ASP A CA    1 
ATOM   620  C C     . ASP A 1 80  ? 6.762   9.120   12.889  1.00 23.23 ? 465  ASP A C     1 
ATOM   621  O O     . ASP A 1 80  ? 7.782   9.693   13.289  1.00 23.23 ? 465  ASP A O     1 
ATOM   622  C CB    . ASP A 1 80  ? 5.471   9.312   15.019  1.00 23.89 ? 465  ASP A CB    1 
ATOM   623  C CG    . ASP A 1 80  ? 4.253   9.879   15.728  1.00 24.58 ? 465  ASP A CG    1 
ATOM   624  O OD1   . ASP A 1 80  ? 3.558   10.752  15.159  1.00 25.16 ? 465  ASP A OD1   1 
ATOM   625  O OD2   . ASP A 1 80  ? 3.991   9.450   16.872  1.00 25.16 ? 465  ASP A OD2   1 
ATOM   626  N N     . GLU A 1 81  ? 6.776   8.199   11.934  1.00 22.66 ? 466  GLU A N     1 
ATOM   627  C CA    . GLU A 1 81  ? 8.015   7.752   11.319  1.00 22.12 ? 466  GLU A CA    1 
ATOM   628  C C     . GLU A 1 81  ? 8.546   8.819   10.362  1.00 21.76 ? 466  GLU A C     1 
ATOM   629  O O     . GLU A 1 81  ? 7.773   9.381   9.579   1.00 21.70 ? 466  GLU A O     1 
ATOM   630  C CB    . GLU A 1 81  ? 7.765   6.437   10.583  1.00 22.11 ? 466  GLU A CB    1 
ATOM   631  C CG    . GLU A 1 81  ? 9.014   5.726   10.092  1.00 22.26 ? 466  GLU A CG    1 
ATOM   632  C CD    . GLU A 1 81  ? 8.736   4.291   9.695   1.00 22.54 ? 466  GLU A CD    1 
ATOM   633  O OE1   . GLU A 1 81  ? 7.624   3.789   9.967   1.00 22.75 ? 466  GLU A OE1   1 
ATOM   634  O OE2   . GLU A 1 81  ? 9.640   3.653   9.117   1.00 22.65 ? 466  GLU A OE2   1 
ATOM   635  N N     . PRO A 1 82  ? 9.860   9.120   10.436  1.00 21.51 ? 467  PRO A N     1 
ATOM   636  C CA    . PRO A 1 82  ? 10.460  10.014  9.447   1.00 21.44 ? 467  PRO A CA    1 
ATOM   637  C C     . PRO A 1 82  ? 10.304  9.453   8.039   1.00 21.50 ? 467  PRO A C     1 
ATOM   638  O O     . PRO A 1 82  ? 10.527  8.256   7.824   1.00 21.39 ? 467  PRO A O     1 
ATOM   639  C CB    . PRO A 1 82  ? 11.939  10.035  9.850   1.00 21.40 ? 467  PRO A CB    1 
ATOM   640  C CG    . PRO A 1 82  ? 11.920  9.771   11.314  1.00 21.41 ? 467  PRO A CG    1 
ATOM   641  C CD    . PRO A 1 82  ? 10.812  8.774   11.508  1.00 21.46 ? 467  PRO A CD    1 
ATOM   642  N N     . VAL A 1 83  ? 9.919   10.311  7.096   1.00 21.75 ? 468  VAL A N     1 
ATOM   643  C CA    . VAL A 1 83  ? 9.695   9.899   5.710   1.00 22.11 ? 468  VAL A CA    1 
ATOM   644  C C     . VAL A 1 83  ? 10.950  9.268   5.094   1.00 22.44 ? 468  VAL A C     1 
ATOM   645  O O     . VAL A 1 83  ? 10.835  8.329   4.297   1.00 22.48 ? 468  VAL A O     1 
ATOM   646  C CB    . VAL A 1 83  ? 9.157   11.065  4.832   1.00 22.03 ? 468  VAL A CB    1 
ATOM   647  C CG1   . VAL A 1 83  ? 9.091   10.672  3.357   1.00 22.09 ? 468  VAL A CG1   1 
ATOM   648  C CG2   . VAL A 1 83  ? 7.777   11.496  5.316   1.00 22.04 ? 468  VAL A CG2   1 
ATOM   649  N N     . ASP A 1 84  ? 12.137  9.753   5.470   1.00 22.91 ? 469  ASP A N     1 
ATOM   650  C CA    . ASP A 1 84  ? 13.360  9.156   4.925   1.00 23.35 ? 469  ASP A CA    1 
ATOM   651  C C     . ASP A 1 84  ? 13.587  7.704   5.378   1.00 23.38 ? 469  ASP A C     1 
ATOM   652  O O     . ASP A 1 84  ? 14.119  6.904   4.607   1.00 23.31 ? 469  ASP A O     1 
ATOM   653  C CB    . ASP A 1 84  ? 14.610  10.048  5.109   1.00 23.59 ? 469  ASP A CB    1 
ATOM   654  C CG    . ASP A 1 84  ? 15.091  10.125  6.553   1.00 24.27 ? 469  ASP A CG    1 
ATOM   655  O OD1   . ASP A 1 84  ? 14.270  9.978   7.483   1.00 24.85 ? 469  ASP A OD1   1 
ATOM   656  O OD2   . ASP A 1 84  ? 16.309  10.347  6.753   1.00 24.86 ? 469  ASP A OD2   1 
ATOM   657  N N     . HIS A 1 85  ? 13.174  7.359   6.602   1.00 23.49 ? 470  HIS A N     1 
ATOM   658  C CA    . HIS A 1 85  ? 13.234  5.966   7.084   1.00 23.71 ? 470  HIS A CA    1 
ATOM   659  C C     . HIS A 1 85  ? 12.368  5.060   6.208   1.00 23.12 ? 470  HIS A C     1 
ATOM   660  O O     . HIS A 1 85  ? 12.740  3.922   5.905   1.00 23.12 ? 470  HIS A O     1 
ATOM   661  C CB    . HIS A 1 85  ? 12.755  5.863   8.539   1.00 24.18 ? 470  HIS A CB    1 
ATOM   662  C CG    . HIS A 1 85  ? 13.686  6.473   9.544   1.00 26.00 ? 470  HIS A CG    1 
ATOM   663  N ND1   . HIS A 1 85  ? 14.662  7.388   9.208   1.00 27.40 ? 470  HIS A ND1   1 
ATOM   664  C CD2   . HIS A 1 85  ? 13.764  6.322   10.889  1.00 27.40 ? 470  HIS A CD2   1 
ATOM   665  C CE1   . HIS A 1 85  ? 15.310  7.761   10.297  1.00 28.03 ? 470  HIS A CE1   1 
ATOM   666  N NE2   . HIS A 1 85  ? 14.785  7.130   11.331  1.00 28.04 ? 470  HIS A NE2   1 
ATOM   667  N N     . VAL A 1 86  ? 11.212  5.591   5.810   1.00 22.46 ? 471  VAL A N     1 
ATOM   668  C CA    . VAL A 1 86  ? 10.261  4.887   4.951   1.00 21.83 ? 471  VAL A CA    1 
ATOM   669  C C     . VAL A 1 86  ? 10.834  4.694   3.549   1.00 21.36 ? 471  VAL A C     1 
ATOM   670  O O     . VAL A 1 86  ? 10.737  3.603   2.987   1.00 21.27 ? 471  VAL A O     1 
ATOM   671  C CB    . VAL A 1 86  ? 8.900   5.627   4.882   1.00 21.85 ? 471  VAL A CB    1 
ATOM   672  C CG1   . VAL A 1 86  ? 7.960   4.959   3.883   1.00 21.92 ? 471  VAL A CG1   1 
ATOM   673  C CG2   . VAL A 1 86  ? 8.260   5.684   6.261   1.00 21.85 ? 471  VAL A CG2   1 
ATOM   674  N N     . ALA A 1 87  ? 11.431  5.748   2.993   1.00 20.86 ? 472  ALA A N     1 
ATOM   675  C CA    . ALA A 1 87  ? 12.096  5.653   1.689   1.00 20.53 ? 472  ALA A CA    1 
ATOM   676  C C     . ALA A 1 87  ? 13.175  4.563   1.669   1.00 20.43 ? 472  ALA A C     1 
ATOM   677  O O     . ALA A 1 87  ? 13.262  3.788   0.712   1.00 20.35 ? 472  ALA A O     1 
ATOM   678  C CB    . ALA A 1 87  ? 12.680  7.001   1.286   1.00 20.46 ? 472  ALA A CB    1 
ATOM   679  N N     . ILE A 1 88  ? 13.989  4.508   2.723   1.00 20.48 ? 473  ILE A N     1 
ATOM   680  C CA    . ILE A 1 88  ? 15.044  3.497   2.841   1.00 20.58 ? 473  ILE A CA    1 
ATOM   681  C C     . ILE A 1 88  ? 14.440  2.089   2.905   1.00 20.54 ? 473  ILE A C     1 
ATOM   682  O O     . ILE A 1 88  ? 14.963  1.151   2.299   1.00 20.44 ? 473  ILE A O     1 
ATOM   683  C CB    . ILE A 1 88  ? 15.955  3.768   4.069   1.00 20.63 ? 473  ILE A CB    1 
ATOM   684  C CG1   . ILE A 1 88  ? 16.798  5.029   3.841   1.00 20.80 ? 473  ILE A CG1   1 
ATOM   685  C CG2   . ILE A 1 88  ? 16.869  2.570   4.363   1.00 20.74 ? 473  ILE A CG2   1 
ATOM   686  C CD1   . ILE A 1 88  ? 17.272  5.702   5.117   1.00 20.91 ? 473  ILE A CD1   1 
ATOM   687  N N     . LYS A 1 89  ? 13.332  1.965   3.631   1.00 20.64 ? 474  LYS A N     1 
ATOM   688  C CA    . LYS A 1 89  ? 12.605  0.710   3.784   1.00 20.77 ? 474  LYS A CA    1 
ATOM   689  C C     . LYS A 1 89  ? 12.083  0.203   2.447   1.00 20.54 ? 474  LYS A C     1 
ATOM   690  O O     . LYS A 1 89  ? 12.267  -0.968  2.101   1.00 20.52 ? 474  LYS A O     1 
ATOM   691  C CB    . LYS A 1 89  ? 11.436  0.939   4.737   1.00 20.94 ? 474  LYS A CB    1 
ATOM   692  C CG    . LYS A 1 89  ? 11.213  -0.176  5.736   1.00 21.51 ? 474  LYS A CG    1 
ATOM   693  C CD    . LYS A 1 89  ? 10.782  0.394   7.087   1.00 22.11 ? 474  LYS A CD    1 
ATOM   694  C CE    . LYS A 1 89  ? 9.332   0.889   7.052   1.00 22.27 ? 474  LYS A CE    1 
ATOM   695  N NZ    . LYS A 1 89  ? 8.799   1.137   8.429   1.00 22.16 ? 474  LYS A NZ    1 
ATOM   696  N N     . MET A 1 90  ? 11.435  1.093   1.699   1.00 20.29 ? 475  MET A N     1 
ATOM   697  C CA    . MET A 1 90  ? 10.886  0.750   0.391   1.00 20.13 ? 475  MET A CA    1 
ATOM   698  C C     . MET A 1 90  ? 11.986  0.336   -0.584  1.00 19.80 ? 475  MET A C     1 
ATOM   699  O O     . MET A 1 90  ? 11.793  -0.585  -1.376  1.00 19.73 ? 475  MET A O     1 
ATOM   700  C CB    . MET A 1 90  ? 10.067  1.906   -0.183  1.00 20.29 ? 475  MET A CB    1 
ATOM   701  C CG    . MET A 1 90  ? 8.831   2.253   0.639   1.00 21.13 ? 475  MET A CG    1 
ATOM   702  S SD    . MET A 1 90  ? 7.654   3.319   -0.240  1.00 22.64 ? 475  MET A SD    1 
ATOM   703  C CE    . MET A 1 90  ? 8.754   4.543   -0.947  1.00 22.76 ? 475  MET A CE    1 
ATOM   704  N N     . SER A 1 91  ? 13.129  1.015   -0.522  1.00 19.49 ? 476  SER A N     1 
ATOM   705  C CA    . SER A 1 91  ? 14.266  0.664   -1.369  1.00 19.31 ? 476  SER A CA    1 
ATOM   706  C C     . SER A 1 91  ? 14.849  -0.694  -0.975  1.00 19.08 ? 476  SER A C     1 
ATOM   707  O O     . SER A 1 91  ? 15.133  -1.525  -1.845  1.00 19.06 ? 476  SER A O     1 
ATOM   708  C CB    . SER A 1 91  ? 15.343  1.746   -1.312  1.00 19.33 ? 476  SER A CB    1 
ATOM   709  O OG    . SER A 1 91  ? 16.429  1.428   -2.184  1.00 19.64 ? 476  SER A OG    1 
ATOM   710  N N     . LYS A 1 92  ? 15.010  -0.918  0.330   1.00 18.89 ? 477  LYS A N     1 
ATOM   711  C CA    . LYS A 1 92  ? 15.537  -2.186  0.838   1.00 18.82 ? 477  LYS A CA    1 
ATOM   712  C C     . LYS A 1 92  ? 14.712  -3.387  0.374   1.00 18.55 ? 477  LYS A C     1 
ATOM   713  O O     . LYS A 1 92  ? 15.274  -4.402  -0.046  1.00 18.50 ? 477  LYS A O     1 
ATOM   714  C CB    . LYS A 1 92  ? 15.631  -2.171  2.368   1.00 18.95 ? 477  LYS A CB    1 
ATOM   715  C CG    . LYS A 1 92  ? 16.320  -3.400  2.961   1.00 19.85 ? 477  LYS A CG    1 
ATOM   716  C CD    . LYS A 1 92  ? 16.369  -3.345  4.476   1.00 21.33 ? 477  LYS A CD    1 
ATOM   717  C CE    . LYS A 1 92  ? 17.170  -4.510  5.041   1.00 22.14 ? 477  LYS A CE    1 
ATOM   718  N NZ    . LYS A 1 92  ? 17.456  -4.331  6.505   1.00 22.62 ? 477  LYS A NZ    1 
ATOM   719  N N     . TYR A 1 93  ? 13.386  -3.266  0.443   1.00 18.36 ? 478  TYR A N     1 
ATOM   720  C CA    . TYR A 1 93  ? 12.491  -4.377  0.097   1.00 18.32 ? 478  TYR A CA    1 
ATOM   721  C C     . TYR A 1 93  ? 11.983  -4.369  -1.338  1.00 18.03 ? 478  TYR A C     1 
ATOM   722  O O     . TYR A 1 93  ? 11.170  -5.223  -1.716  1.00 17.96 ? 478  TYR A O     1 
ATOM   723  C CB    . TYR A 1 93  ? 11.337  -4.473  1.103   1.00 18.52 ? 478  TYR A CB    1 
ATOM   724  C CG    . TYR A 1 93  ? 11.853  -4.784  2.479   1.00 19.68 ? 478  TYR A CG    1 
ATOM   725  C CD1   . TYR A 1 93  ? 12.368  -6.047  2.777   1.00 20.73 ? 478  TYR A CD1   1 
ATOM   726  C CD2   . TYR A 1 93  ? 11.886  -3.807  3.471   1.00 20.80 ? 478  TYR A CD2   1 
ATOM   727  C CE1   . TYR A 1 93  ? 12.876  -6.339  4.039   1.00 21.67 ? 478  TYR A CE1   1 
ATOM   728  C CE2   . TYR A 1 93  ? 12.392  -4.088  4.739   1.00 21.73 ? 478  TYR A CE2   1 
ATOM   729  C CZ    . TYR A 1 93  ? 12.885  -5.356  5.016   1.00 22.07 ? 478  TYR A CZ    1 
ATOM   730  O OH    . TYR A 1 93  ? 13.385  -5.641  6.268   1.00 22.53 ? 478  TYR A OH    1 
ATOM   731  N N     . ASN A 1 94  ? 12.484  -3.410  -2.126  1.00 17.90 ? 479  ASN A N     1 
ATOM   732  C CA    A ASN A 1 94  ? 12.095  -3.243  -3.531  0.50 17.82 ? 479  ASN A CA    1 
ATOM   733  C CA    B ASN A 1 94  ? 12.097  -3.248  -3.529  0.50 17.95 ? 479  ASN A CA    1 
ATOM   734  C C     . ASN A 1 94  ? 10.574  -3.154  -3.707  1.00 17.81 ? 479  ASN A C     1 
ATOM   735  O O     . ASN A 1 94  ? 9.992   -3.809  -4.573  1.00 17.73 ? 479  ASN A O     1 
ATOM   736  C CB    A ASN A 1 94  ? 12.700  -4.359  -4.400  0.50 17.87 ? 479  ASN A CB    1 
ATOM   737  C CB    B ASN A 1 94  ? 12.699  -4.368  -4.399  0.50 18.08 ? 479  ASN A CB    1 
ATOM   738  C CG    A ASN A 1 94  ? 12.628  -4.055  -5.889  0.50 18.02 ? 479  ASN A CG    1 
ATOM   739  C CG    B ASN A 1 94  ? 14.222  -4.316  -4.465  0.50 18.52 ? 479  ASN A CG    1 
ATOM   740  O OD1   A ASN A 1 94  ? 12.755  -2.904  -6.308  0.50 18.21 ? 479  ASN A OD1   1 
ATOM   741  O OD1   B ASN A 1 94  ? 14.804  -3.354  -4.969  0.50 18.88 ? 479  ASN A OD1   1 
ATOM   742  N ND2   A ASN A 1 94  ? 12.427  -5.092  -6.695  0.50 18.15 ? 479  ASN A ND2   1 
ATOM   743  N ND2   B ASN A 1 94  ? 14.871  -5.364  -3.967  0.50 18.84 ? 479  ASN A ND2   1 
ATOM   744  N N     . ILE A 1 95  ? 9.935   -2.333  -2.877  1.00 17.75 ? 480  ILE A N     1 
ATOM   745  C CA    . ILE A 1 95  ? 8.482   -2.153  -2.932  1.00 17.85 ? 480  ILE A CA    1 
ATOM   746  C C     . ILE A 1 95  ? 8.147   -0.696  -3.219  1.00 17.95 ? 480  ILE A C     1 
ATOM   747  O O     . ILE A 1 95  ? 9.022   0.171   -3.132  1.00 18.00 ? 480  ILE A O     1 
ATOM   748  C CB    . ILE A 1 95  ? 7.792   -2.606  -1.622  1.00 17.82 ? 480  ILE A CB    1 
ATOM   749  C CG1   . ILE A 1 95  ? 8.444   -1.929  -0.408  1.00 17.85 ? 480  ILE A CG1   1 
ATOM   750  C CG2   . ILE A 1 95  ? 7.818   -4.133  -1.509  1.00 17.80 ? 480  ILE A CG2   1 
ATOM   751  C CD1   . ILE A 1 95  ? 7.645   -2.049  0.874   1.00 17.85 ? 480  ILE A CD1   1 
ATOM   752  N N     . SER A 1 96  ? 6.889   -0.417  -3.550  1.00 18.10 ? 481  SER A N     1 
ATOM   753  C CA    . SER A 1 96  ? 6.539   0.932   -3.987  1.00 18.22 ? 481  SER A CA    1 
ATOM   754  C C     . SER A 1 96  ? 5.520   1.692   -3.128  1.00 18.12 ? 481  SER A C     1 
ATOM   755  O O     . SER A 1 96  ? 5.196   2.843   -3.435  1.00 18.16 ? 481  SER A O     1 
ATOM   756  C CB    . SER A 1 96  ? 6.099   0.924   -5.457  1.00 18.31 ? 481  SER A CB    1 
ATOM   757  O OG    . SER A 1 96  ? 4.880   0.219   -5.628  1.00 18.56 ? 481  SER A OG    1 
ATOM   758  N N     . GLY A 1 97  ? 5.027   1.069   -2.065  1.00 17.93 ? 482  GLY A N     1 
ATOM   759  C CA    . GLY A 1 97  ? 4.065   1.721   -1.178  1.00 17.64 ? 482  GLY A CA    1 
ATOM   760  C C     . GLY A 1 97  ? 4.015   0.997   0.146   1.00 17.40 ? 482  GLY A C     1 
ATOM   761  O O     . GLY A 1 97  ? 4.266   -0.209  0.205   1.00 17.43 ? 482  GLY A O     1 
ATOM   762  N N     . VAL A 1 98  ? 3.702   1.725   1.215   1.00 17.09 ? 483  VAL A N     1 
ATOM   763  C CA    . VAL A 1 98  ? 3.605   1.115   2.540   1.00 16.85 ? 483  VAL A CA    1 
ATOM   764  C C     . VAL A 1 98  ? 2.349   1.595   3.253   1.00 16.47 ? 483  VAL A C     1 
ATOM   765  O O     . VAL A 1 98  ? 2.132   2.805   3.379   1.00 16.50 ? 483  VAL A O     1 
ATOM   766  C CB    . VAL A 1 98  ? 4.853   1.404   3.434   1.00 16.91 ? 483  VAL A CB    1 
ATOM   767  C CG1   . VAL A 1 98  ? 6.116   0.769   2.854   1.00 17.06 ? 483  VAL A CG1   1 
ATOM   768  C CG2   . VAL A 1 98  ? 5.046   2.910   3.657   1.00 17.08 ? 483  VAL A CG2   1 
ATOM   769  N N     . PRO A 1 99  ? 1.502   0.656   3.710   1.00 16.12 ? 484  PRO A N     1 
ATOM   770  C CA    . PRO A 1 99  ? 0.367   1.112   4.506   1.00 15.94 ? 484  PRO A CA    1 
ATOM   771  C C     . PRO A 1 99  ? 0.836   1.708   5.826   1.00 15.97 ? 484  PRO A C     1 
ATOM   772  O O     . PRO A 1 99  ? 1.811   1.229   6.413   1.00 15.83 ? 484  PRO A O     1 
ATOM   773  C CB    . PRO A 1 99  ? -0.422  -0.178  4.766   1.00 15.86 ? 484  PRO A CB    1 
ATOM   774  C CG    . PRO A 1 99  ? -0.013  -1.104  3.664   1.00 15.91 ? 484  PRO A CG    1 
ATOM   775  C CD    . PRO A 1 99  ? 1.435   -0.789  3.433   1.00 16.05 ? 484  PRO A CD    1 
ATOM   776  N N     . VAL A 1 100 ? 0.149   2.754   6.272   1.00 16.25 ? 485  VAL A N     1 
ATOM   777  C CA    . VAL A 1 100 ? 0.414   3.365   7.568   1.00 16.69 ? 485  VAL A CA    1 
ATOM   778  C C     . VAL A 1 100 ? -0.561  2.749   8.557   1.00 17.42 ? 485  VAL A C     1 
ATOM   779  O O     . VAL A 1 100 ? -1.776  2.781   8.339   1.00 17.37 ? 485  VAL A O     1 
ATOM   780  C CB    . VAL A 1 100 ? 0.222   4.898   7.526   1.00 16.51 ? 485  VAL A CB    1 
ATOM   781  C CG1   . VAL A 1 100 ? 0.663   5.532   8.839   1.00 16.37 ? 485  VAL A CG1   1 
ATOM   782  C CG2   . VAL A 1 100 ? 0.998   5.495   6.357   1.00 16.43 ? 485  VAL A CG2   1 
ATOM   783  N N     . VAL A 1 101 ? -0.032  2.180   9.636   1.00 18.57 ? 486  VAL A N     1 
ATOM   784  C CA    . VAL A 1 101 ? -0.859  1.471   10.612  1.00 19.89 ? 486  VAL A CA    1 
ATOM   785  C C     . VAL A 1 101 ? -0.663  1.996   12.032  1.00 21.08 ? 486  VAL A C     1 
ATOM   786  O O     . VAL A 1 101 ? 0.384   2.571   12.350  1.00 21.15 ? 486  VAL A O     1 
ATOM   787  C CB    . VAL A 1 101 ? -0.599  -0.068  10.586  1.00 19.75 ? 486  VAL A CB    1 
ATOM   788  C CG1   . VAL A 1 101 ? -0.986  -0.670  9.238   1.00 19.72 ? 486  VAL A CG1   1 
ATOM   789  C CG2   . VAL A 1 101 ? 0.853   -0.398  10.944  1.00 19.76 ? 486  VAL A CG2   1 
ATOM   790  N N     . ASP A 1 102 ? -1.672  1.799   12.880  1.00 22.70 ? 487  ASP A N     1 
ATOM   791  C CA    . ASP A 1 102 ? -1.529  2.066   14.310  1.00 24.37 ? 487  ASP A CA    1 
ATOM   792  C C     . ASP A 1 102 ? -0.917  0.842   15.014  1.00 25.46 ? 487  ASP A C     1 
ATOM   793  O O     . ASP A 1 102 ? -0.567  -0.140  14.343  1.00 25.60 ? 487  ASP A O     1 
ATOM   794  C CB    . ASP A 1 102 ? -2.869  2.517   14.928  1.00 24.37 ? 487  ASP A CB    1 
ATOM   795  C CG    . ASP A 1 102 ? -3.920  1.407   14.954  1.00 24.72 ? 487  ASP A CG    1 
ATOM   796  O OD1   . ASP A 1 102 ? -3.583  0.213   14.784  1.00 25.00 ? 487  ASP A OD1   1 
ATOM   797  O OD2   . ASP A 1 102 ? -5.106  1.738   15.163  1.00 24.95 ? 487  ASP A OD2   1 
ATOM   798  N N     . ASP A 1 103 ? -0.780  0.887   16.339  1.00 26.83 ? 488  ASP A N     1 
ATOM   799  C CA    . ASP A 1 103 ? -0.085  -0.189  17.072  1.00 28.12 ? 488  ASP A CA    1 
ATOM   800  C C     . ASP A 1 103 ? -0.817  -1.542  17.040  1.00 28.54 ? 488  ASP A C     1 
ATOM   801  O O     . ASP A 1 103 ? -0.261  -2.567  17.446  1.00 28.69 ? 488  ASP A O     1 
ATOM   802  C CB    . ASP A 1 103 ? 0.202   0.236   18.521  1.00 28.36 ? 488  ASP A CB    1 
ATOM   803  C CG    . ASP A 1 103 ? 1.370   1.214   18.636  1.00 29.18 ? 488  ASP A CG    1 
ATOM   804  O OD1   . ASP A 1 103 ? 2.203   1.289   17.705  1.00 29.76 ? 488  ASP A OD1   1 
ATOM   805  O OD2   . ASP A 1 103 ? 1.455   1.908   19.673  1.00 29.76 ? 488  ASP A OD2   1 
ATOM   806  N N     . TYR A 1 104 ? -2.055  -1.531  16.542  1.00 28.95 ? 489  TYR A N     1 
ATOM   807  C CA    . TYR A 1 104 ? -2.904  -2.729  16.492  1.00 29.27 ? 489  TYR A CA    1 
ATOM   808  C C     . TYR A 1 104 ? -3.247  -3.151  15.055  1.00 28.64 ? 489  TYR A C     1 
ATOM   809  O O     . TYR A 1 104 ? -4.202  -3.899  14.812  1.00 28.66 ? 489  TYR A O     1 
ATOM   810  C CB    . TYR A 1 104 ? -4.141  -2.533  17.387  1.00 29.83 ? 489  TYR A CB    1 
ATOM   811  C CG    . TYR A 1 104 ? -3.720  -2.261  18.814  1.00 31.99 ? 489  TYR A CG    1 
ATOM   812  C CD1   . TYR A 1 104 ? -3.320  -3.307  19.651  1.00 33.84 ? 489  TYR A CD1   1 
ATOM   813  C CD2   . TYR A 1 104 ? -3.651  -0.957  19.314  1.00 33.90 ? 489  TYR A CD2   1 
ATOM   814  C CE1   . TYR A 1 104 ? -2.895  -3.068  20.960  1.00 35.25 ? 489  TYR A CE1   1 
ATOM   815  C CE2   . TYR A 1 104 ? -3.226  -0.707  20.623  1.00 35.30 ? 489  TYR A CE2   1 
ATOM   816  C CZ    . TYR A 1 104 ? -2.850  -1.767  21.439  1.00 35.84 ? 489  TYR A CZ    1 
ATOM   817  O OH    . TYR A 1 104 ? -2.435  -1.525  22.730  1.00 36.30 ? 489  TYR A OH    1 
ATOM   818  N N     . ARG A 1 105 ? -2.433  -2.654  14.122  1.00 27.81 ? 490  ARG A N     1 
ATOM   819  C CA    . ARG A 1 105 ? -2.464  -3.007  12.689  1.00 26.91 ? 490  ARG A CA    1 
ATOM   820  C C     . ARG A 1 105 ? -3.706  -2.507  11.907  1.00 25.94 ? 490  ARG A C     1 
ATOM   821  O O     . ARG A 1 105 ? -4.006  -3.009  10.817  1.00 25.76 ? 490  ARG A O     1 
ATOM   822  C CB    . ARG A 1 105 ? -2.164  -4.511  12.446  1.00 27.19 ? 490  ARG A CB    1 
ATOM   823  C CG    . ARG A 1 105 ? -1.255  -4.771  11.197  1.00 28.17 ? 490  ARG A CG    1 
ATOM   824  C CD    . ARG A 1 105 ? -0.796  -6.280  11.121  1.00 30.05 ? 490  ARG A CD    1 
ATOM   825  N NE    . ARG A 1 105 ? -0.068  -6.594  9.875   1.00 31.52 ? 490  ARG A NE    1 
ATOM   826  C CZ    . ARG A 1 105 ? 1.203   -6.247  9.618   1.00 32.40 ? 490  ARG A CZ    1 
ATOM   827  N NH1   . ARG A 1 105 ? 1.930   -5.542  10.522  1.00 32.72 ? 490  ARG A NH1   1 
ATOM   828  N NH2   . ARG A 1 105 ? 1.751   -6.602  8.451   1.00 32.71 ? 490  ARG A NH2   1 
ATOM   829  N N     . ARG A 1 106 ? -4.394  -1.508  12.450  1.00 24.84 ? 491  ARG A N     1 
ATOM   830  C CA    . ARG A 1 106 ? -5.464  -0.825  11.722  1.00 24.00 ? 491  ARG A CA    1 
ATOM   831  C C     . ARG A 1 106 ? -4.859  0.157   10.712  1.00 22.72 ? 491  ARG A C     1 
ATOM   832  O O     . ARG A 1 106 ? -3.918  0.880   11.045  1.00 22.41 ? 491  ARG A O     1 
ATOM   833  C CB    . ARG A 1 106 ? -6.351  -0.093  12.724  1.00 24.49 ? 491  ARG A CB    1 
ATOM   834  C CG    . ARG A 1 106 ? -7.611  0.525   12.140  1.00 26.94 ? 491  ARG A CG    1 
ATOM   835  C CD    . ARG A 1 106 ? -8.482  1.028   13.277  1.00 31.39 ? 491  ARG A CD    1 
ATOM   836  N NE    . ARG A 1 106 ? -8.803  -0.038  14.227  1.00 34.78 ? 491  ARG A NE    1 
ATOM   837  C CZ    . ARG A 1 106 ? -9.840  -0.864  14.111  1.00 36.70 ? 491  ARG A CZ    1 
ATOM   838  N NH1   . ARG A 1 106 ? -10.675 -0.756  13.083  1.00 37.44 ? 491  ARG A NH1   1 
ATOM   839  N NH2   . ARG A 1 106 ? -10.047 -1.800  15.026  1.00 37.31 ? 491  ARG A NH2   1 
ATOM   840  N N     . VAL A 1 107 ? -5.392  0.186   9.490   1.00 21.53 ? 492  VAL A N     1 
ATOM   841  C CA    . VAL A 1 107 ? -4.849  1.047   8.430   1.00 20.53 ? 492  VAL A CA    1 
ATOM   842  C C     . VAL A 1 107 ? -5.400  2.467   8.537   1.00 20.20 ? 492  VAL A C     1 
ATOM   843  O O     . VAL A 1 107 ? -6.614  2.679   8.502   1.00 20.14 ? 492  VAL A O     1 
ATOM   844  C CB    . VAL A 1 107 ? -5.105  0.475   7.010   1.00 20.44 ? 492  VAL A CB    1 
ATOM   845  C CG1   . VAL A 1 107 ? -4.473  1.362   5.941   1.00 20.20 ? 492  VAL A CG1   1 
ATOM   846  C CG2   . VAL A 1 107 ? -4.554  -0.939  6.896   1.00 20.18 ? 492  VAL A CG2   1 
ATOM   847  N N     . VAL A 1 108 ? -4.490  3.427   8.670   1.00 19.79 ? 493  VAL A N     1 
ATOM   848  C CA    . VAL A 1 108 ? -4.864  4.831   8.815   1.00 19.47 ? 493  VAL A CA    1 
ATOM   849  C C     . VAL A 1 108 ? -4.472  5.676   7.595   1.00 19.12 ? 493  VAL A C     1 
ATOM   850  O O     . VAL A 1 108 ? -4.859  6.847   7.491   1.00 19.20 ? 493  VAL A O     1 
ATOM   851  C CB    . VAL A 1 108 ? -4.312  5.440   10.135  1.00 19.49 ? 493  VAL A CB    1 
ATOM   852  C CG1   . VAL A 1 108 ? -4.871  4.679   11.352  1.00 19.56 ? 493  VAL A CG1   1 
ATOM   853  C CG2   . VAL A 1 108 ? -2.788  5.429   10.158  1.00 19.56 ? 493  VAL A CG2   1 
ATOM   854  N N     . GLY A 1 109 ? -3.721  5.084   6.672   1.00 18.64 ? 494  GLY A N     1 
ATOM   855  C CA    . GLY A 1 109 ? -3.348  5.767   5.435   1.00 18.05 ? 494  GLY A CA    1 
ATOM   856  C C     . GLY A 1 109 ? -2.326  4.969   4.657   1.00 17.66 ? 494  GLY A C     1 
ATOM   857  O O     . GLY A 1 109 ? -2.073  3.806   4.972   1.00 17.59 ? 494  GLY A O     1 
ATOM   858  N N     . ILE A 1 110 ? -1.742  5.586   3.638   1.00 17.37 ? 495  ILE A N     1 
ATOM   859  C CA    . ILE A 1 110 ? -0.681  4.939   2.868   1.00 17.14 ? 495  ILE A CA    1 
ATOM   860  C C     . ILE A 1 110 ? 0.302   5.979   2.348   1.00 16.81 ? 495  ILE A C     1 
ATOM   861  O O     . ILE A 1 110 ? -0.080  7.108   2.021   1.00 16.83 ? 495  ILE A O     1 
ATOM   862  C CB    . ILE A 1 110 ? -1.256  4.067   1.706   1.00 17.24 ? 495  ILE A CB    1 
ATOM   863  C CG1   . ILE A 1 110 ? -0.153  3.196   1.076   1.00 17.44 ? 495  ILE A CG1   1 
ATOM   864  C CG2   . ILE A 1 110 ? -1.901  4.942   0.648   1.00 17.35 ? 495  ILE A CG2   1 
ATOM   865  C CD1   . ILE A 1 110 ? -0.658  1.926   0.400   1.00 17.76 ? 495  ILE A CD1   1 
ATOM   866  N N     . VAL A 1 111 ? 1.575   5.604   2.307   1.00 16.43 ? 496  VAL A N     1 
ATOM   867  C CA    . VAL A 1 111 ? 2.601   6.420   1.678   1.00 16.16 ? 496  VAL A CA    1 
ATOM   868  C C     . VAL A 1 111 ? 3.188   5.616   0.525   1.00 16.01 ? 496  VAL A C     1 
ATOM   869  O O     . VAL A 1 111 ? 3.617   4.476   0.721   1.00 15.95 ? 496  VAL A O     1 
ATOM   870  C CB    . VAL A 1 111 ? 3.723   6.802   2.678   1.00 16.17 ? 496  VAL A CB    1 
ATOM   871  C CG1   . VAL A 1 111 ? 4.832   7.591   1.983   1.00 16.13 ? 496  VAL A CG1   1 
ATOM   872  C CG2   . VAL A 1 111 ? 3.158   7.607   3.842   1.00 16.25 ? 496  VAL A CG2   1 
ATOM   873  N N     . THR A 1 112 ? 3.210   6.191   -0.674  1.00 15.96 ? 497  THR A N     1 
ATOM   874  C CA    . THR A 1 112 ? 3.791   5.497   -1.831  1.00 16.00 ? 497  THR A CA    1 
ATOM   875  C C     . THR A 1 112 ? 5.067   6.175   -2.316  1.00 16.11 ? 497  THR A C     1 
ATOM   876  O O     . THR A 1 112 ? 5.415   7.266   -1.850  1.00 16.07 ? 497  THR A O     1 
ATOM   877  C CB    . THR A 1 112 ? 2.810   5.423   -3.016  1.00 15.93 ? 497  THR A CB    1 
ATOM   878  O OG1   . THR A 1 112 ? 2.592   6.747   -3.527  1.00 16.01 ? 497  THR A OG1   1 
ATOM   879  C CG2   . THR A 1 112 ? 1.479   4.810   -2.583  1.00 16.03 ? 497  THR A CG2   1 
ATOM   880  N N     . SER A 1 113 ? 5.753   5.531   -3.259  1.00 16.38 ? 498  SER A N     1 
ATOM   881  C CA    . SER A 1 113 ? 6.939   6.119   -3.872  1.00 16.68 ? 498  SER A CA    1 
ATOM   882  C C     . SER A 1 113 ? 6.617   7.422   -4.613  1.00 16.81 ? 498  SER A C     1 
ATOM   883  O O     . SER A 1 113 ? 7.476   8.298   -4.707  1.00 16.81 ? 498  SER A O     1 
ATOM   884  C CB    . SER A 1 113 ? 7.650   5.117   -4.790  1.00 16.70 ? 498  SER A CB    1 
ATOM   885  O OG    . SER A 1 113 ? 6.829   4.746   -5.883  1.00 16.93 ? 498  SER A OG    1 
ATOM   886  N N     . GLU A 1 114 ? 5.387   7.553   -5.119  1.00 17.02 ? 499  GLU A N     1 
ATOM   887  C CA    . GLU A 1 114 ? 4.940   8.803   -5.750  1.00 17.24 ? 499  GLU A CA    1 
ATOM   888  C C     . GLU A 1 114 ? 4.847   9.960   -4.752  1.00 17.16 ? 499  GLU A C     1 
ATOM   889  O O     . GLU A 1 114 ? 5.157   11.102  -5.097  1.00 17.17 ? 499  GLU A O     1 
ATOM   890  C CB    . GLU A 1 114 ? 3.602   8.619   -6.474  1.00 17.37 ? 499  GLU A CB    1 
ATOM   891  C CG    . GLU A 1 114 ? 3.683   7.704   -7.690  1.00 18.25 ? 499  GLU A CG    1 
ATOM   892  C CD    . GLU A 1 114 ? 2.338   7.504   -8.356  1.00 19.39 ? 499  GLU A CD    1 
ATOM   893  O OE1   . GLU A 1 114 ? 1.648   8.510   -8.635  1.00 19.85 ? 499  GLU A OE1   1 
ATOM   894  O OE2   . GLU A 1 114 ? 1.968   6.338   -8.608  1.00 19.87 ? 499  GLU A OE2   1 
ATOM   895  N N     . ASP A 1 115 ? 4.425   9.663   -3.522  1.00 17.10 ? 500  ASP A N     1 
ATOM   896  C CA    . ASP A 1 115 ? 4.362   10.669  -2.458  1.00 17.13 ? 500  ASP A CA    1 
ATOM   897  C C     . ASP A 1 115 ? 5.752   11.167  -2.067  1.00 17.22 ? 500  ASP A C     1 
ATOM   898  O O     . ASP A 1 115 ? 5.950   12.363  -1.838  1.00 17.28 ? 500  ASP A O     1 
ATOM   899  C CB    . ASP A 1 115 ? 3.638   10.129  -1.223  1.00 17.08 ? 500  ASP A CB    1 
ATOM   900  C CG    . ASP A 1 115 ? 2.205   9.729   -1.507  1.00 17.15 ? 500  ASP A CG    1 
ATOM   901  O OD1   . ASP A 1 115 ? 1.476   10.502  -2.170  1.00 17.28 ? 500  ASP A OD1   1 
ATOM   902  O OD2   . ASP A 1 115 ? 1.803   8.640   -1.049  1.00 17.19 ? 500  ASP A OD2   1 
ATOM   903  N N     . ILE A 1 116 ? 6.706   10.244  -1.995  1.00 17.38 ? 501  ILE A N     1 
ATOM   904  C CA    . ILE A 1 116 ? 8.078   10.570  -1.615  1.00 17.59 ? 501  ILE A CA    1 
ATOM   905  C C     . ILE A 1 116 ? 8.793   11.283  -2.756  1.00 17.92 ? 501  ILE A C     1 
ATOM   906  O O     . ILE A 1 116 ? 9.544   12.242  -2.531  1.00 17.90 ? 501  ILE A O     1 
ATOM   907  C CB    . ILE A 1 116 ? 8.847   9.311   -1.155  1.00 17.52 ? 501  ILE A CB    1 
ATOM   908  C CG1   . ILE A 1 116 ? 8.126   8.684   0.052   1.00 17.54 ? 501  ILE A CG1   1 
ATOM   909  C CG2   . ILE A 1 116 ? 10.312  9.647   -0.837  1.00 17.49 ? 501  ILE A CG2   1 
ATOM   910  C CD1   . ILE A 1 116 ? 8.909   7.627   0.801   1.00 17.71 ? 501  ILE A CD1   1 
ATOM   911  N N     . SER A 1 117 ? 8.537   10.832  -3.984  1.00 18.44 ? 502  SER A N     1 
ATOM   912  C CA    . SER A 1 117 ? 9.093   11.474  -5.171  1.00 19.15 ? 502  SER A CA    1 
ATOM   913  C C     . SER A 1 117 ? 8.591   12.914  -5.286  1.00 19.92 ? 502  SER A C     1 
ATOM   914  O O     . SER A 1 117 ? 9.349   13.811  -5.664  1.00 19.88 ? 502  SER A O     1 
ATOM   915  C CB    . SER A 1 117 ? 8.746   10.678  -6.432  1.00 18.99 ? 502  SER A CB    1 
ATOM   916  O OG    . SER A 1 117 ? 9.317   11.267  -7.585  1.00 19.01 ? 502  SER A OG    1 
ATOM   917  N N     . ARG A 1 118 ? 7.317   13.126  -4.954  1.00 21.18 ? 503  ARG A N     1 
ATOM   918  C CA    . ARG A 1 118 ? 6.722   14.463  -4.944  1.00 22.73 ? 503  ARG A CA    1 
ATOM   919  C C     . ARG A 1 118 ? 7.425   15.353  -3.929  1.00 23.70 ? 503  ARG A C     1 
ATOM   920  O O     . ARG A 1 118 ? 7.698   16.528  -4.204  1.00 23.73 ? 503  ARG A O     1 
ATOM   921  C CB    . ARG A 1 118 ? 5.229   14.384  -4.611  1.00 22.77 ? 503  ARG A CB    1 
ATOM   922  C CG    . ARG A 1 118 ? 4.498   15.730  -4.574  1.00 23.99 ? 503  ARG A CG    1 
ATOM   923  C CD    . ARG A 1 118 ? 3.021   15.562  -4.222  1.00 26.22 ? 503  ARG A CD    1 
ATOM   924  N NE    . ARG A 1 118 ? 2.383   14.538  -5.048  1.00 28.06 ? 503  ARG A NE    1 
ATOM   925  C CZ    . ARG A 1 118 ? 1.988   13.343  -4.610  1.00 29.11 ? 503  ARG A CZ    1 
ATOM   926  N NH1   . ARG A 1 118 ? 2.134   13.009  -3.332  1.00 29.48 ? 503  ARG A NH1   1 
ATOM   927  N NH2   . ARG A 1 118 ? 1.425   12.486  -5.454  1.00 29.51 ? 503  ARG A NH2   1 
ATOM   928  N N     . LEU A 1 119 ? 7.698   14.787  -2.756  1.00 25.23 ? 504  LEU A N     1 
ATOM   929  C CA    . LEU A 1 119 ? 8.388   15.492  -1.689  1.00 26.88 ? 504  LEU A CA    1 
ATOM   930  C C     . LEU A 1 119 ? 9.778   15.913  -2.159  1.00 27.99 ? 504  LEU A C     1 
ATOM   931  O O     . LEU A 1 119 ? 10.183  17.057  -1.956  1.00 28.08 ? 504  LEU A O     1 
ATOM   932  C CB    . LEU A 1 119 ? 8.470   14.610  -0.439  1.00 26.86 ? 504  LEU A CB    1 
ATOM   933  C CG    . LEU A 1 119 ? 8.900   15.243  0.889   1.00 27.31 ? 504  LEU A CG    1 
ATOM   934  C CD1   . LEU A 1 119 ? 7.911   16.312  1.335   1.00 27.58 ? 504  LEU A CD1   1 
ATOM   935  C CD2   . LEU A 1 119 ? 9.021   14.166  1.956   1.00 27.56 ? 504  LEU A CD2   1 
ATOM   936  N N     . PHE A 1 120 ? 10.483  14.992  -2.816  1.00 29.61 ? 505  PHE A N     1 
ATOM   937  C CA    . PHE A 1 120 ? 11.799  15.262  -3.401  1.00 31.38 ? 505  PHE A CA    1 
ATOM   938  C C     . PHE A 1 120 ? 11.781  16.457  -4.359  1.00 33.09 ? 505  PHE A C     1 
ATOM   939  O O     . PHE A 1 120 ? 12.715  17.262  -4.367  1.00 33.05 ? 505  PHE A O     1 
ATOM   940  C CB    . PHE A 1 120 ? 12.318  14.015  -4.128  1.00 31.14 ? 505  PHE A CB    1 
ATOM   941  C CG    . PHE A 1 120 ? 13.699  14.171  -4.712  1.00 31.11 ? 505  PHE A CG    1 
ATOM   942  C CD1   . PHE A 1 120 ? 14.820  13.797  -3.980  1.00 31.15 ? 505  PHE A CD1   1 
ATOM   943  C CD2   . PHE A 1 120 ? 13.878  14.672  -6.002  1.00 31.09 ? 505  PHE A CD2   1 
ATOM   944  C CE1   . PHE A 1 120 ? 16.100  13.930  -4.513  1.00 31.20 ? 505  PHE A CE1   1 
ATOM   945  C CE2   . PHE A 1 120 ? 15.153  14.811  -6.544  1.00 31.15 ? 505  PHE A CE2   1 
ATOM   946  C CZ    . PHE A 1 120 ? 16.265  14.440  -5.797  1.00 31.22 ? 505  PHE A CZ    1 
ATOM   947  N N     . GLY A 1 121 ? 10.721  16.565  -5.157  1.00 35.51 ? 506  GLY A N     1 
ATOM   948  C CA    . GLY A 1 121 ? 10.625  17.607  -6.181  1.00 38.90 ? 506  GLY A CA    1 
ATOM   949  C C     . GLY A 1 121 ? 10.290  18.999  -5.672  1.00 41.57 ? 506  GLY A C     1 
ATOM   950  O O     . GLY A 1 121 ? 10.698  19.995  -6.272  1.00 41.48 ? 506  GLY A O     1 
ATOM   951  N N     . GLY A 1 122 ? 9.545   19.066  -4.567  1.00 44.40 ? 507  GLY A N     1 
ATOM   952  C CA    . GLY A 1 122 ? 9.086   20.343  -3.994  1.00 48.38 ? 507  GLY A CA    1 
ATOM   953  C C     . GLY A 1 122 ? 10.070  20.943  -3.006  1.00 51.18 ? 507  GLY A C     1 
ATOM   954  O O     . GLY A 1 122 ? 10.075  22.158  -2.764  1.00 51.33 ? 507  GLY A O     1 
ATOM   955  N N     . LYS A 1 123 ? 10.883  20.068  -2.415  1.00 54.00 ? 508  LYS A N     1 
ATOM   956  C CA    . LYS A 1 123 ? 12.103  20.458  -1.727  1.00 56.76 ? 508  LYS A CA    1 
ATOM   957  C C     . LYS A 1 123 ? 12.988  21.182  -2.731  1.00 58.33 ? 508  LYS A C     1 
ATOM   958  O O     . LYS A 1 123 ? 13.618  22.196  -2.411  1.00 58.61 ? 508  LYS A O     1 
ATOM   959  C CB    . LYS A 1 123 ? 12.843  19.218  -1.204  1.00 56.79 ? 508  LYS A CB    1 
ATOM   960  C CG    . LYS A 1 123 ? 12.584  18.847  0.267   1.00 57.30 ? 508  LYS A CG    1 
ATOM   961  C CD    . LYS A 1 123 ? 11.154  18.332  0.492   1.00 57.76 ? 508  LYS A CD    1 
ATOM   962  C CE    . LYS A 1 123 ? 10.783  18.366  1.963   1.00 57.97 ? 508  LYS A CE    1 
ATOM   963  N NZ    . LYS A 1 123 ? 10.422  19.742  2.417   1.00 58.07 ? 508  LYS A NZ    1 
ATOM   964  N N     . LYS A 1 124 ? 12.993  20.650  -3.957  1.00 60.08 ? 509  LYS A N     1 
ATOM   965  C CA    . LYS A 1 124 ? 14.038  20.899  -4.959  1.00 61.50 ? 509  LYS A CA    1 
ATOM   966  C C     . LYS A 1 124 ? 15.424  20.691  -4.340  1.00 61.98 ? 509  LYS A C     1 
ATOM   967  O O     . LYS A 1 124 ? 15.580  19.942  -3.368  1.00 62.23 ? 509  LYS A O     1 
ATOM   968  C CB    . LYS A 1 124 ? 13.911  22.295  -5.598  1.00 61.66 ? 509  LYS A CB    1 
ATOM   969  C CG    . LYS A 1 124 ? 12.815  22.446  -6.646  1.00 62.10 ? 509  LYS A CG    1 
ATOM   970  C CD    . LYS A 1 124 ? 12.876  23.857  -7.262  1.00 62.53 ? 509  LYS A CD    1 
ATOM   971  C CE    . LYS A 1 124 ? 11.893  24.018  -8.415  1.00 62.71 ? 509  LYS A CE    1 
ATOM   972  N NZ    . LYS A 1 124 ? 10.469  24.106  -7.947  1.00 62.80 ? 509  LYS A NZ    1 
ATOM   973  O OXT   . LYS A 1 124 ? 16.429  21.254  -4.782  1.00 62.23 ? 509  LYS A OXT   1 
HETATM 974  N N     . SAM B 2 .   ? 9.558   -2.782  -7.401  1.00 23.41 ? 1000 SAM A N     1 
HETATM 975  C CA    . SAM B 2 .   ? 8.339   -3.294  -8.099  1.00 23.40 ? 1000 SAM A CA    1 
HETATM 976  C C     . SAM B 2 .   ? 7.073   -2.938  -7.299  1.00 23.43 ? 1000 SAM A C     1 
HETATM 977  O O     . SAM B 2 .   ? 7.136   -2.291  -6.254  1.00 23.44 ? 1000 SAM A O     1 
HETATM 978  O OXT   . SAM B 2 .   ? 5.958   -3.296  -7.683  1.00 23.41 ? 1000 SAM A OXT   1 
HETATM 979  C CB    . SAM B 2 .   ? 8.426   -4.818  -8.322  1.00 23.37 ? 1000 SAM A CB    1 
HETATM 980  C CG    . SAM B 2 .   ? 8.981   -5.581  -7.113  1.00 22.99 ? 1000 SAM A CG    1 
HETATM 981  S SD    . SAM B 2 .   ? 7.825   -5.675  -5.697  1.00 22.25 ? 1000 SAM A SD    1 
HETATM 982  C CE    . SAM B 2 .   ? 8.701   -6.877  -4.708  1.00 22.32 ? 1000 SAM A CE    1 
HETATM 983  C "C5'" . SAM B 2 .   ? 6.329   -6.619  -6.179  1.00 20.77 ? 1000 SAM A "C5'" 1 
HETATM 984  C "C4'" . SAM B 2 .   ? 5.512   -7.076  -4.967  1.00 19.25 ? 1000 SAM A "C4'" 1 
HETATM 985  O "O4'" . SAM B 2 .   ? 5.599   -6.027  -3.980  1.00 18.64 ? 1000 SAM A "O4'" 1 
HETATM 986  C "C3'" . SAM B 2 .   ? 4.008   -7.255  -5.220  1.00 18.56 ? 1000 SAM A "C3'" 1 
HETATM 987  O "O3'" . SAM B 2 .   ? 3.694   -8.646  -5.089  1.00 18.27 ? 1000 SAM A "O3'" 1 
HETATM 988  C "C2'" . SAM B 2 .   ? 3.353   -6.445  -4.098  1.00 18.10 ? 1000 SAM A "C2'" 1 
HETATM 989  O "O2'" . SAM B 2 .   ? 2.268   -7.160  -3.483  1.00 17.74 ? 1000 SAM A "O2'" 1 
HETATM 990  C "C1'" . SAM B 2 .   ? 4.514   -6.304  -3.112  1.00 17.99 ? 1000 SAM A "C1'" 1 
HETATM 991  N N9    . SAM B 2 .   ? 4.321   -5.166  -2.183  1.00 17.45 ? 1000 SAM A N9    1 
HETATM 992  C C8    . SAM B 2 .   ? 3.922   -3.932  -2.494  1.00 17.31 ? 1000 SAM A C8    1 
HETATM 993  N N7    . SAM B 2 .   ? 3.862   -3.188  -1.387  1.00 17.22 ? 1000 SAM A N7    1 
HETATM 994  C C5    . SAM B 2 .   ? 4.229   -3.958  -0.365  1.00 17.22 ? 1000 SAM A C5    1 
HETATM 995  C C6    . SAM B 2 .   ? 4.363   -3.764  1.009   1.00 17.18 ? 1000 SAM A C6    1 
HETATM 996  N N6    . SAM B 2 .   ? 4.099   -2.580  1.563   1.00 16.73 ? 1000 SAM A N6    1 
HETATM 997  N N1    . SAM B 2 .   ? 4.767   -4.787  1.784   1.00 17.25 ? 1000 SAM A N1    1 
HETATM 998  C C2    . SAM B 2 .   ? 5.038   -5.977  1.260   1.00 17.36 ? 1000 SAM A C2    1 
HETATM 999  N N3    . SAM B 2 .   ? 4.920   -6.194  -0.043  1.00 17.35 ? 1000 SAM A N3    1 
HETATM 1000 C C4    . SAM B 2 .   ? 4.519   -5.213  -0.872  1.00 17.32 ? 1000 SAM A C4    1 
HETATM 1001 C CS    . MTA C 3 .   ? -0.879  4.109   -5.434  1.00 26.47 ? 3615 MTA A CS    1 
HETATM 1002 S "S5'" . MTA C 3 .   ? -0.080  5.543   -6.103  1.00 28.54 ? 3615 MTA A "S5'" 1 
HETATM 1003 C "C5'" . MTA C 3 .   ? -1.534  6.689   -6.102  1.00 29.08 ? 3615 MTA A "C5'" 1 
HETATM 1004 C "C4'" . MTA C 3 .   ? -1.470  7.863   -5.065  1.00 29.69 ? 3615 MTA A "C4'" 1 
HETATM 1005 O "O4'" . MTA C 3 .   ? -2.736  7.938   -4.340  1.00 29.50 ? 3615 MTA A "O4'" 1 
HETATM 1006 C "C2'" . MTA C 3 .   ? -1.050  7.371   -2.707  1.00 29.54 ? 3615 MTA A "C2'" 1 
HETATM 1007 O "O2'" . MTA C 3 .   ? -0.605  8.298   -1.629  1.00 29.30 ? 3615 MTA A "O2'" 1 
HETATM 1008 C "C3'" . MTA C 3 .   ? -0.349  7.654   -4.037  1.00 29.87 ? 3615 MTA A "C3'" 1 
HETATM 1009 O "O3'" . MTA C 3 .   ? 0.499   8.864   -3.943  1.00 30.21 ? 3615 MTA A "O3'" 1 
HETATM 1010 C "C1'" . MTA C 3 .   ? -2.548  7.478   -2.967  1.00 29.18 ? 3615 MTA A "C1'" 1 
HETATM 1011 N N9    . MTA C 3 .   ? -3.006  6.084   -2.649  1.00 28.58 ? 3615 MTA A N9    1 
HETATM 1012 C C8    . MTA C 3 .   ? -2.456  4.937   -3.062  1.00 28.16 ? 3615 MTA A C8    1 
HETATM 1013 N N7    . MTA C 3 .   ? -3.122  3.898   -2.560  1.00 27.97 ? 3615 MTA A N7    1 
HETATM 1014 C C5    . MTA C 3 .   ? -4.103  4.383   -1.810  1.00 27.97 ? 3615 MTA A C5    1 
HETATM 1015 C C6    . MTA C 3 .   ? -5.106  3.806   -1.046  1.00 27.71 ? 3615 MTA A C6    1 
HETATM 1016 N N6    . MTA C 3 .   ? -5.219  2.480   -0.961  1.00 26.20 ? 3615 MTA A N6    1 
HETATM 1017 N N1    . MTA C 3 .   ? -5.953  4.609   -0.380  1.00 28.10 ? 3615 MTA A N1    1 
HETATM 1018 C C2    . MTA C 3 .   ? -5.857  5.928   -0.462  1.00 28.53 ? 3615 MTA A C2    1 
HETATM 1019 N N3    . MTA C 3 .   ? -4.909  6.511   -1.179  1.00 28.57 ? 3615 MTA A N3    1 
HETATM 1020 C C4    . MTA C 3 .   ? -4.024  5.767   -1.862  1.00 28.40 ? 3615 MTA A C4    1 
HETATM 1021 O O     . HOH D 4 .   ? 3.197   1.108   13.059  1.00 40.20 ? 1    HOH A O     1 
HETATM 1022 O O     . HOH D 4 .   ? -12.278 -2.503  3.817   1.00 21.81 ? 2    HOH A O     1 
HETATM 1023 O O     . HOH D 4 .   ? 4.496   -12.486 2.180   1.00 20.18 ? 3    HOH A O     1 
HETATM 1024 O O     . HOH D 4 .   ? 7.094   -3.115  8.619   1.00 22.06 ? 4    HOH A O     1 
HETATM 1025 O O     . HOH D 4 .   ? 1.132   -11.822 -6.408  1.00 20.17 ? 5    HOH A O     1 
HETATM 1026 O O     . HOH D 4 .   ? -12.010 1.862   1.652   1.00 24.76 ? 7    HOH A O     1 
HETATM 1027 O O     . HOH D 4 .   ? -4.565  3.180   1.856   1.00 42.70 ? 8    HOH A O     1 
HETATM 1028 O O     . HOH D 4 .   ? 2.150   -1.830  -8.810  1.00 15.06 ? 9    HOH A O     1 
HETATM 1029 O O     . HOH D 4 .   ? -11.812 -12.011 -10.967 1.00 12.66 ? 10   HOH A O     1 
HETATM 1030 O O     . HOH D 4 .   ? -13.749 1.075   -11.633 1.00 18.25 ? 11   HOH A O     1 
HETATM 1031 O O     . HOH D 4 .   ? -15.926 -10.576 13.316  1.00 66.81 ? 12   HOH A O     1 
HETATM 1032 O O     . HOH D 4 .   ? -17.010 -7.519  -11.184 1.00 20.15 ? 13   HOH A O     1 
HETATM 1033 O O     . HOH D 4 .   ? -9.829  -14.230 -2.432  1.00 17.06 ? 14   HOH A O     1 
HETATM 1034 O O     . HOH D 4 .   ? 7.271   12.919  -8.401  1.00 20.44 ? 15   HOH A O     1 
HETATM 1035 O O     . HOH D 4 .   ? -14.205 -5.253  0.559   1.00 15.27 ? 16   HOH A O     1 
HETATM 1036 O O     . HOH D 4 .   ? 4.817   -14.957 -15.598 1.00 26.76 ? 19   HOH A O     1 
HETATM 1037 O O     . HOH D 4 .   ? -10.636 -13.351 -4.821  1.00 14.18 ? 20   HOH A O     1 
HETATM 1038 O O     . HOH D 4 .   ? -15.028 -3.284  -7.049  1.00 15.39 ? 21   HOH A O     1 
HETATM 1039 O O     . HOH D 4 .   ? -8.407  8.543   -0.288  1.00 34.22 ? 22   HOH A O     1 
HETATM 1040 O O     . HOH D 4 .   ? -12.421 -15.312 -5.395  1.00 17.58 ? 23   HOH A O     1 
HETATM 1041 O O     . HOH D 4 .   ? 13.075  15.082  6.260   1.00 39.30 ? 24   HOH A O     1 
HETATM 1042 O O     . HOH D 4 .   ? -15.838 -7.513  0.845   1.00 21.78 ? 25   HOH A O     1 
HETATM 1043 O O     . HOH D 4 .   ? 4.770   12.190  -7.593  1.00 18.68 ? 26   HOH A O     1 
HETATM 1044 O O     . HOH D 4 .   ? -11.278 -13.732 -8.583  1.00 13.32 ? 27   HOH A O     1 
HETATM 1045 O O     . HOH D 4 .   ? 12.291  12.473  6.795   1.00 26.02 ? 28   HOH A O     1 
HETATM 1046 O O     . HOH D 4 .   ? -1.709  -20.759 -12.631 1.00 57.65 ? 29   HOH A O     1 
HETATM 1047 O O     . HOH D 4 .   ? 12.200  -7.783  -5.703  1.00 35.57 ? 30   HOH A O     1 
HETATM 1048 O O     . HOH D 4 .   ? 7.073   -7.939  -1.417  1.00 22.28 ? 31   HOH A O     1 
HETATM 1049 O O     . HOH D 4 .   ? -14.760 -3.601  -1.658  1.00 18.93 ? 32   HOH A O     1 
HETATM 1050 O O     . HOH D 4 .   ? -10.536 -9.828  4.669   1.00 22.37 ? 33   HOH A O     1 
HETATM 1051 O O     . HOH D 4 .   ? -8.250  -0.181  8.601   1.00 23.20 ? 34   HOH A O     1 
HETATM 1052 O O     . HOH D 4 .   ? 11.475  0.457   -4.401  1.00 23.21 ? 36   HOH A O     1 
HETATM 1053 O O     . HOH D 4 .   ? 0.474   5.325   12.992  1.00 25.21 ? 37   HOH A O     1 
HETATM 1054 O O     . HOH D 4 .   ? -1.073  -14.936 -0.714  1.00 22.08 ? 39   HOH A O     1 
HETATM 1055 O O     . HOH D 4 .   ? 0.381   -20.206 -11.729 1.00 41.95 ? 40   HOH A O     1 
HETATM 1056 O O     . HOH D 4 .   ? -4.218  -21.190 -9.163  1.00 39.91 ? 41   HOH A O     1 
HETATM 1057 O O     . HOH D 4 .   ? 7.252   17.543  -6.714  1.00 33.45 ? 42   HOH A O     1 
HETATM 1058 O O     . HOH D 4 .   ? 3.774   -17.119 -16.891 1.00 34.85 ? 43   HOH A O     1 
HETATM 1059 O O     . HOH D 4 .   ? -2.293  -12.504 6.626   1.00 23.28 ? 45   HOH A O     1 
HETATM 1060 O O     . HOH D 4 .   ? -2.053  -21.492 -5.092  1.00 63.54 ? 47   HOH A O     1 
HETATM 1061 O O     . HOH D 4 .   ? 5.432   -10.760 -5.072  1.00 32.09 ? 48   HOH A O     1 
HETATM 1062 O O     . HOH D 4 .   ? 3.927   4.169   -6.160  1.00 27.16 ? 49   HOH A O     1 
HETATM 1063 O O     . HOH D 4 .   ? -7.020  7.714   9.053   1.00 38.28 ? 50   HOH A O     1 
HETATM 1064 O O     . HOH D 4 .   ? -3.669  -8.051  11.572  1.00 39.21 ? 51   HOH A O     1 
HETATM 1065 O O     . HOH D 4 .   ? 18.404  -1.154  -5.564  1.00 46.00 ? 52   HOH A O     1 
HETATM 1066 O O     . HOH D 4 .   ? 9.830   -7.514  -1.007  1.00 32.77 ? 53   HOH A O     1 
HETATM 1067 O O     . HOH D 4 .   ? 19.611  -2.538  6.484   1.00 45.03 ? 54   HOH A O     1 
HETATM 1068 O O     . HOH D 4 .   ? -17.353 -3.846  -8.360  1.00 28.22 ? 55   HOH A O     1 
HETATM 1069 O O     . HOH D 4 .   ? -6.892  7.607   -2.841  1.00 35.68 ? 56   HOH A O     1 
HETATM 1070 O O     . HOH D 4 .   ? -5.575  -9.534  -14.534 1.00 21.90 ? 57   HOH A O     1 
HETATM 1071 O O     . HOH D 4 .   ? -14.141 3.658   -12.453 1.00 37.12 ? 58   HOH A O     1 
HETATM 1072 O O     . HOH D 4 .   ? -8.846  9.141   7.608   1.00 40.34 ? 59   HOH A O     1 
HETATM 1073 O O     . HOH D 4 .   ? 4.658   -11.230 -2.506  1.00 61.53 ? 60   HOH A O     1 
HETATM 1074 O O     . HOH D 4 .   ? -13.657 -10.588 5.494   1.00 49.05 ? 61   HOH A O     1 
HETATM 1075 O O     . HOH D 4 .   ? 2.773   0.368   15.666  1.00 64.13 ? 64   HOH A O     1 
HETATM 1076 O O     . HOH D 4 .   ? -10.201 0.026   6.470   1.00 29.70 ? 65   HOH A O     1 
HETATM 1077 O O     . HOH D 4 .   ? -4.209  -21.320 -11.918 1.00 48.31 ? 68   HOH A O     1 
HETATM 1078 O O     . HOH D 4 .   ? 17.759  0.931   1.360   1.00 25.93 ? 69   HOH A O     1 
HETATM 1079 O O     . HOH D 4 .   ? -6.652  -20.443 -6.470  1.00 40.88 ? 70   HOH A O     1 
HETATM 1080 O O     . HOH D 4 .   ? -15.862 -4.618  7.885   1.00 60.25 ? 71   HOH A O     1 
HETATM 1081 O O     . HOH D 4 .   ? 9.360   10.815  15.204  1.00 33.43 ? 72   HOH A O     1 
HETATM 1082 O O     . HOH D 4 .   ? -6.947  0.030   16.571  1.00 42.76 ? 76   HOH A O     1 
HETATM 1083 O O     . HOH D 4 .   ? -7.681  8.748   -4.990  1.00 30.57 ? 78   HOH A O     1 
HETATM 1084 O O     . HOH D 4 .   ? -4.645  -8.716  14.023  1.00 39.91 ? 82   HOH A O     1 
HETATM 1085 O O     . HOH D 4 .   ? 3.736   -13.957 9.690   0.50 15.00 ? 84   HOH A O     1 
HETATM 1086 O O     . HOH D 4 .   ? 2.390   -5.668  14.937  1.00 52.07 ? 85   HOH A O     1 
HETATM 1087 O O     . HOH D 4 .   ? -18.755 -9.678  1.806   1.00 35.77 ? 86   HOH A O     1 
HETATM 1088 O O     . HOH D 4 .   ? 14.522  2.309   7.285   1.00 27.24 ? 88   HOH A O     1 
HETATM 1089 O O     . HOH D 4 .   ? 0.215   -16.369 -6.250  1.00 39.48 ? 90   HOH A O     1 
HETATM 1090 O O     . HOH D 4 .   ? -4.579  -15.751 -17.225 1.00 25.13 ? 91   HOH A O     1 
HETATM 1091 O O     . HOH D 4 .   ? 1.669   -3.739  13.140  1.00 43.23 ? 92   HOH A O     1 
HETATM 1092 O O     . HOH D 4 .   ? 10.376  -9.235  2.996   1.00 45.25 ? 93   HOH A O     1 
HETATM 1093 O O     . HOH D 4 .   ? -12.234 -18.171 -3.862  1.00 31.52 ? 94   HOH A O     1 
HETATM 1094 O O     . HOH D 4 .   ? -15.057 -0.399  -7.468  1.00 29.42 ? 95   HOH A O     1 
HETATM 1095 O O     . HOH D 4 .   ? 7.265   1.333   11.311  1.00 27.16 ? 96   HOH A O     1 
HETATM 1096 O O     . HOH D 4 .   ? -14.702 -4.314  14.172  1.00 53.87 ? 99   HOH A O     1 
HETATM 1097 O O     . HOH D 4 .   ? 0.025   10.452  -6.781  1.00 41.82 ? 102  HOH A O     1 
HETATM 1098 O O     . HOH D 4 .   ? 1.493   16.901  10.967  1.00 41.36 ? 103  HOH A O     1 
HETATM 1099 O O     . HOH D 4 .   ? 19.156  -0.237  3.343   1.00 36.39 ? 104  HOH A O     1 
HETATM 1100 O O     . HOH D 4 .   ? -1.476  5.854   14.882  1.00 54.19 ? 105  HOH A O     1 
HETATM 1101 O O     . HOH D 4 .   ? 1.800   4.524   18.677  1.00 53.59 ? 110  HOH A O     1 
HETATM 1102 O O     . HOH D 4 .   ? 3.641   -12.684 -5.821  1.00 40.51 ? 114  HOH A O     1 
HETATM 1103 O O     . HOH D 4 .   ? -10.461 8.793   -3.903  1.00 32.93 ? 115  HOH A O     1 
HETATM 1104 O O     . HOH D 4 .   ? -5.545  15.909  9.359   1.00 41.99 ? 116  HOH A O     1 
HETATM 1105 O O     . HOH D 4 .   ? 3.566   1.459   -7.925  1.00 55.71 ? 118  HOH A O     1 
HETATM 1106 O O     . HOH D 4 .   ? -14.222 -2.382  12.286  1.00 69.73 ? 123  HOH A O     1 
HETATM 1107 O O     . HOH D 4 .   ? 0.205   7.783   16.772  1.00 54.92 ? 127  HOH A O     1 
HETATM 1108 O O     . HOH D 4 .   ? -16.243 0.552   -10.089 1.00 32.34 ? 129  HOH A O     1 
HETATM 1109 O O     . HOH D 4 .   ? 4.240   18.336  -1.866  1.00 52.57 ? 131  HOH A O     1 
HETATM 1110 O O     . HOH D 4 .   ? 6.618   -12.931 -1.710  1.00 45.03 ? 132  HOH A O     1 
HETATM 1111 O O     . HOH D 4 .   ? 15.513  11.428  10.829  1.00 40.00 ? 138  HOH A O     1 
HETATM 1112 O O     . HOH D 4 .   ? -5.082  12.783  1.963   1.00 39.18 ? 139  HOH A O     1 
HETATM 1113 O O     . HOH D 4 .   ? 7.179   -9.148  2.011   1.00 31.88 ? 141  HOH A O     1 
HETATM 1114 O O     . HOH D 4 .   ? -3.175  13.692  4.815   1.00 43.47 ? 143  HOH A O     1 
HETATM 1115 O O     . HOH D 4 .   ? 18.564  -0.388  -0.900  1.00 48.55 ? 144  HOH A O     1 
HETATM 1116 O O     . HOH D 4 .   ? 15.089  -0.113  6.158   1.00 35.61 ? 145  HOH A O     1 
HETATM 1117 O O     . HOH D 4 .   ? 6.893   -11.703 1.024   1.00 48.68 ? 146  HOH A O     1 
HETATM 1118 O O     . HOH D 4 .   ? 13.761  -2.067  7.587   1.00 54.57 ? 147  HOH A O     1 
HETATM 1119 O O     . HOH D 4 .   ? 10.105  6.294   14.289  1.00 46.32 ? 148  HOH A O     1 
HETATM 1120 O O     . HOH D 4 .   ? 7.688   5.349   13.849  1.00 40.13 ? 150  HOH A O     1 
HETATM 1121 O O     . HOH D 4 .   ? 11.710  4.637   12.715  1.00 47.37 ? 151  HOH A O     1 
HETATM 1122 O O     . HOH D 4 .   ? 10.339  -3.292  7.668   1.00 46.69 ? 152  HOH A O     1 
HETATM 1123 O O     . HOH D 4 .   ? 14.586  -3.417  9.847   1.00 66.23 ? 154  HOH A O     1 
HETATM 1124 O O     . HOH D 4 .   ? -15.738 -4.142  -4.364  1.00 26.70 ? 155  HOH A O     1 
HETATM 1125 O O     . HOH D 4 .   ? -17.979 -5.843  -4.309  1.00 32.72 ? 156  HOH A O     1 
HETATM 1126 O O     . HOH D 4 .   ? -14.440 -2.999  2.248   1.00 24.57 ? 157  HOH A O     1 
HETATM 1127 O O     . HOH D 4 .   ? -12.984 -1.945  6.600   1.00 31.98 ? 158  HOH A O     1 
HETATM 1128 O O     . HOH D 4 .   ? -13.280 -1.384  -0.975  1.00 28.75 ? 159  HOH A O     1 
HETATM 1129 O O     . HOH D 4 .   ? -14.630 1.754   -3.241  1.00 35.51 ? 160  HOH A O     1 
HETATM 1130 O O     . HOH D 4 .   ? -16.146 0.370   -5.030  1.00 45.27 ? 161  HOH A O     1 
HETATM 1131 O O     . HOH D 4 .   ? -17.414 -8.562  -3.525  1.00 17.30 ? 162  HOH A O     1 
HETATM 1132 O O     . HOH D 4 .   ? -17.747 -7.616  -1.070  1.00 38.10 ? 163  HOH A O     1 
HETATM 1133 O O     . HOH D 4 .   ? -10.069 -12.328 -13.036 1.00 30.01 ? 164  HOH A O     1 
HETATM 1134 O O     . HOH D 4 .   ? 7.839   19.620  -0.570  1.00 46.61 ? 165  HOH A O     1 
HETATM 1135 O O     . HOH D 4 .   ? 4.863   0.028   11.138  1.00 25.26 ? 166  HOH A O     1 
HETATM 1136 O O     . HOH D 4 .   ? 2.494   -13.702 0.723   1.00 22.15 ? 167  HOH A O     1 
HETATM 1137 O O     . HOH D 4 .   ? -1.737  10.422  10.331  1.00 48.32 ? 168  HOH A O     1 
HETATM 1138 O O     . HOH D 4 .   ? -4.068  -6.650  15.921  1.00 37.18 ? 169  HOH A O     1 
HETATM 1139 O O     . HOH D 4 .   ? -0.678  -19.898 -6.845  1.00 49.20 ? 170  HOH A O     1 
HETATM 1140 O O     . HOH D 4 .   ? 3.076   -19.868 -12.140 1.00 49.32 ? 171  HOH A O     1 
HETATM 1141 O O     . HOH D 4 .   ? 3.528   16.505  -0.310  1.00 46.01 ? 172  HOH A O     1 
HETATM 1142 O O     . HOH D 4 .   ? -7.601  -18.958 -2.785  1.00 31.07 ? 173  HOH A O     1 
HETATM 1143 O O     . HOH D 4 .   ? -1.978  13.384  8.986   1.00 39.64 ? 174  HOH A O     1 
HETATM 1144 O O     . HOH D 4 .   ? -1.217  -21.397 -9.838  1.00 53.86 ? 175  HOH A O     1 
HETATM 1145 O O     . HOH D 4 .   ? -10.206 9.111   -8.704  1.00 40.12 ? 176  HOH A O     1 
HETATM 1146 O O     . HOH D 4 .   ? 3.151   -13.608 -2.086  1.00 35.75 ? 177  HOH A O     1 
HETATM 1147 O O     . HOH D 4 .   ? 3.714   -18.508 -9.037  1.00 47.86 ? 178  HOH A O     1 
HETATM 1148 O O     . HOH D 4 .   ? 6.680   -7.035  8.252   1.00 52.34 ? 179  HOH A O     1 
HETATM 1149 O O     . HOH D 4 .   ? 17.754  8.136   12.570  1.00 59.10 ? 180  HOH A O     1 
HETATM 1150 O O     . HOH D 4 .   ? 12.589  16.164  3.860   1.00 55.63 ? 181  HOH A O     1 
HETATM 1151 O O     . HOH D 4 .   ? 6.195   18.761  -3.578  1.00 56.59 ? 183  HOH A O     1 
HETATM 1152 O O     . HOH D 4 .   ? 16.976  5.910   13.964  1.00 46.35 ? 184  HOH A O     1 
HETATM 1153 O O     . HOH D 4 .   ? 2.151   -11.560 -3.582  1.00 29.52 ? 185  HOH A O     1 
HETATM 1154 O O     . HOH D 4 .   ? -0.543  14.013  4.933   1.00 68.84 ? 186  HOH A O     1 
HETATM 1155 O O     . HOH D 4 .   ? -1.994  -23.689 -11.130 1.00 66.97 ? 187  HOH A O     1 
HETATM 1156 O O     . HOH D 4 .   ? 4.928   7.085   18.845  1.00 54.89 ? 188  HOH A O     1 
HETATM 1157 O O     . HOH D 4 .   ? 6.725   -15.439 -10.709 1.00 37.34 ? 189  HOH A O     1 
HETATM 1158 O O     . HOH D 4 .   ? 14.762  16.443  -1.194  1.00 50.22 ? 190  HOH A O     1 
HETATM 1159 O O     . HOH D 4 .   ? 13.927  13.773  16.014  1.00 47.14 ? 191  HOH A O     1 
HETATM 1160 O O     . HOH D 4 .   ? 18.109  -0.307  5.858   1.00 41.63 ? 192  HOH A O     1 
HETATM 1161 O O     . HOH D 4 .   ? -2.242  11.992  -5.044  1.00 47.99 ? 193  HOH A O     1 
HETATM 1162 O O     . HOH D 4 .   ? -1.188  10.753  -3.017  1.00 39.13 ? 194  HOH A O     1 
HETATM 1163 O O     . HOH D 4 .   ? -2.505  8.657   -8.126  1.00 53.78 ? 195  HOH A O     1 
HETATM 1164 O O     . HOH D 4 .   ? 0.984   9.581   1.150   1.00 57.20 ? 196  HOH A O     1 
HETATM 1165 O O     . HOH D 4 .   ? -5.901  11.126  -0.477  1.00 54.95 ? 197  HOH A O     1 
HETATM 1166 O O     . HOH D 4 .   ? 3.748   -2.686  -6.461  1.00 26.25 ? 198  HOH A O     1 
HETATM 1167 O O     . HOH D 4 .   ? 4.210   -1.526  -4.072  1.00 38.19 ? 199  HOH A O     1 
HETATM 1168 O O     . HOH D 4 .   ? -0.536  12.698  0.116   1.00 47.75 ? 200  HOH A O     1 
HETATM 1169 O O     . HOH D 4 .   ? -2.053  15.212  6.913   1.00 82.06 ? 201  HOH A O     1 
HETATM 1170 O O     . HOH D 4 .   ? 1.280   -15.378 -2.993  1.00 54.12 ? 202  HOH A O     1 
HETATM 1171 O O     . HOH D 4 .   ? 2.812   15.560  17.347  1.00 57.41 ? 203  HOH A O     1 
HETATM 1172 O O     . HOH D 4 .   ? -16.294 -13.663 9.443   1.00 59.46 ? 204  HOH A O     1 
HETATM 1173 O O     . HOH D 4 .   ? 16.726  3.554   8.236   1.00 38.74 ? 205  HOH A O     1 
HETATM 1174 O O     . HOH D 4 .   ? 0.566   16.035  1.040   1.00 36.97 ? 206  HOH A O     1 
HETATM 1175 O O     . HOH D 4 .   ? -4.686  6.433   1.780   1.00 41.96 ? 207  HOH A O     1 
HETATM 1176 O O     . HOH D 4 .   ? -3.011  14.078  0.755   1.00 37.74 ? 208  HOH A O     1 
HETATM 1177 O O     . HOH D 4 .   ? 3.945   13.948  -0.943  1.00 29.96 ? 209  HOH A O     1 
HETATM 1178 O O     . HOH D 4 .   ? 14.521  16.557  1.953   1.00 51.95 ? 210  HOH A O     1 
HETATM 1179 O O     . HOH D 4 .   ? -9.313  -11.979 5.976   1.00 29.49 ? 211  HOH A O     1 
HETATM 1180 O O     . HOH D 4 .   ? -12.688 -12.481 3.548   1.00 33.08 ? 212  HOH A O     1 
HETATM 1181 O O     . HOH D 4 .   ? -7.156  -12.984 4.647   1.00 38.49 ? 213  HOH A O     1 
HETATM 1182 O O     . HOH D 4 .   ? 0.622   -12.439 7.731   0.50 33.51 ? 214  HOH A O     1 
HETATM 1183 O O     . HOH D 4 .   ? 3.939   -12.877 7.080   1.00 41.73 ? 215  HOH A O     1 
HETATM 1184 O O     . HOH D 4 .   ? -13.487 7.370   -10.711 1.00 35.41 ? 216  HOH A O     1 
HETATM 1185 O O     . HOH D 4 .   ? -9.815  6.395   -13.287 1.00 35.23 ? 217  HOH A O     1 
HETATM 1186 O O     . HOH D 4 .   ? -7.680  6.368   -17.801 1.00 45.42 ? 218  HOH A O     1 
HETATM 1187 O O     . HOH D 4 .   ? -9.715  6.121   -15.990 1.00 33.56 ? 219  HOH A O     1 
HETATM 1188 O O     . HOH D 4 .   ? 15.389  17.566  -4.660  1.00 40.04 ? 220  HOH A O     1 
HETATM 1189 O O     . HOH D 4 .   ? 17.668  5.963   9.006   1.00 40.56 ? 221  HOH A O     1 
HETATM 1190 O O     . HOH D 4 .   ? 5.263   18.403  2.773   1.00 50.80 ? 222  HOH A O     1 
HETATM 1191 O O     . HOH D 4 .   ? 10.952  -9.037  -3.244  1.00 42.46 ? 223  HOH A O     1 
HETATM 1192 O O     . HOH D 4 .   ? -5.491  7.873   -14.398 1.00 36.64 ? 224  HOH A O     1 
# 
